data_6OJJ
# 
_entry.id   6OJJ 
# 
_audit_conform.dict_name       mmcif_pdbx.dic 
_audit_conform.dict_version    5.380 
_audit_conform.dict_location   http://mmcif.pdb.org/dictionaries/ascii/mmcif_pdbx.dic 
# 
loop_
_database_2.database_id 
_database_2.database_code 
_database_2.pdbx_database_accession 
_database_2.pdbx_DOI 
PDB   6OJJ         pdb_00006ojj 10.2210/pdb6ojj/pdb 
WWPDB D_1000240772 ?            ?                   
# 
_pdbx_database_status.status_code                     REL 
_pdbx_database_status.status_code_sf                  REL 
_pdbx_database_status.status_code_mr                  ? 
_pdbx_database_status.entry_id                        6OJJ 
_pdbx_database_status.recvd_initial_deposition_date   2019-04-11 
_pdbx_database_status.SG_entry                        N 
_pdbx_database_status.deposit_site                    RCSB 
_pdbx_database_status.process_site                    RCSB 
_pdbx_database_status.status_code_cs                  ? 
_pdbx_database_status.methods_development_category    ? 
_pdbx_database_status.pdb_format_compatible           Y 
_pdbx_database_status.status_code_nmr_data            ? 
# 
loop_
_audit_author.name 
_audit_author.pdbx_ordinal 
_audit_author.identifier_ORCID 
'Zheng, Y.'      1 ? 
'Qiu, Y.'        2 ? 
'Schulman, B.A.' 3 ? 
# 
_citation.abstract                  ? 
_citation.abstract_id_CAS           ? 
_citation.book_id_ISBN              ? 
_citation.book_publisher            ? 
_citation.book_publisher_city       ? 
_citation.book_title                ? 
_citation.coordinate_linkage        ? 
_citation.country                   UK 
_citation.database_id_Medline       ? 
_citation.details                   ? 
_citation.id                        primary 
_citation.journal_abbrev            'Nat Commun' 
_citation.journal_id_ASTM           ? 
_citation.journal_id_CSD            ? 
_citation.journal_id_ISSN           2041-1723 
_citation.journal_full              ? 
_citation.journal_issue             ? 
_citation.journal_volume            10 
_citation.language                  ? 
_citation.page_first                3600 
_citation.page_last                 3600 
_citation.title                     
'A switch element in the autophagy E2 Atg3 mediates allosteric regulation across the lipidation cascade.' 
_citation.year                      2019 
_citation.database_id_CSD           ? 
_citation.pdbx_database_id_DOI      10.1038/s41467-019-11435-y 
_citation.pdbx_database_id_PubMed   31399562 
_citation.unpublished_flag          ? 
# 
loop_
_citation_author.citation_id 
_citation_author.name 
_citation_author.ordinal 
_citation_author.identifier_ORCID 
primary 'Zheng, Y.'      1 0000-0002-4033-2670 
primary 'Qiu, Y.'        2 0000-0002-2078-0513 
primary 'Grace, C.R.R.'  3 0000-0002-1600-5610 
primary 'Liu, X.'        4 0000-0002-3314-6511 
primary 'Klionsky, D.J.' 5 0000-0002-7828-8118 
primary 'Schulman, B.A.' 6 0000-0002-3083-1126 
# 
_cell.angle_alpha                  90.00 
_cell.angle_alpha_esd              ? 
_cell.angle_beta                   102.98 
_cell.angle_beta_esd               ? 
_cell.angle_gamma                  90.00 
_cell.angle_gamma_esd              ? 
_cell.entry_id                     6OJJ 
_cell.details                      ? 
_cell.formula_units_Z              ? 
_cell.length_a                     92.078 
_cell.length_a_esd                 ? 
_cell.length_b                     44.557 
_cell.length_b_esd                 ? 
_cell.length_c                     66.200 
_cell.length_c_esd                 ? 
_cell.volume                       ? 
_cell.volume_esd                   ? 
_cell.Z_PDB                        4 
_cell.reciprocal_angle_alpha       ? 
_cell.reciprocal_angle_beta        ? 
_cell.reciprocal_angle_gamma       ? 
_cell.reciprocal_angle_alpha_esd   ? 
_cell.reciprocal_angle_beta_esd    ? 
_cell.reciprocal_angle_gamma_esd   ? 
_cell.reciprocal_length_a          ? 
_cell.reciprocal_length_b          ? 
_cell.reciprocal_length_c          ? 
_cell.reciprocal_length_a_esd      ? 
_cell.reciprocal_length_b_esd      ? 
_cell.reciprocal_length_c_esd      ? 
_cell.pdbx_unique_axis             ? 
# 
_symmetry.entry_id                         6OJJ 
_symmetry.cell_setting                     ? 
_symmetry.Int_Tables_number                5 
_symmetry.space_group_name_Hall            ? 
_symmetry.space_group_name_H-M             'C 1 2 1' 
_symmetry.pdbx_full_space_group_name_H-M   ? 
# 
loop_
_entity.id 
_entity.type 
_entity.src_method 
_entity.pdbx_description 
_entity.formula_weight 
_entity.pdbx_number_of_molecules 
_entity.pdbx_ec 
_entity.pdbx_mutation 
_entity.pdbx_fragment 
_entity.details 
1 polymer     man 'Autophagy-related protein 3,Autophagy-related protein 3' 25733.066 1  ? 'C41A, C76A, C83A,C41A, C76A, C83A' ? ? 
2 non-polymer syn GLYCEROL                                                  92.094    2  ? ?                                   ? ? 
3 water       nat water                                                     18.015    23 ? ?                                   ? ? 
# 
_entity_name_com.entity_id   1 
_entity_name_com.name        'Autophagy-related E2-like conjugation enzyme ATG3,Autophagy-related E2-like conjugation enzyme ATG3' 
# 
_entity_poly.entity_id                      1 
_entity_poly.type                           'polypeptide(L)' 
_entity_poly.nstd_linkage                   no 
_entity_poly.nstd_monomer                   no 
_entity_poly.pdbx_seq_one_letter_code       
;GSKSTFLTTGQITPEEFVQAGDYLAHMFPTWKWNEESSDISYRDFLPKNKQFLIIRKVPADKRAEQAVEAKDMAQERYYD
LYIAYSTSYRVPKMYIVGFNSNGSPLSPEQMFEDISADYRTKTATIEKLPFYKNSVLSVSIHPCKHANVMKILLDKVRVV
RQRRRKELQEEQELDGVGDWEDLQDDIDDSLRVDQYLIVFLKFITSVTPSIQHDYTMEGW
;
_entity_poly.pdbx_seq_one_letter_code_can   
;GSKSTFLTTGQITPEEFVQAGDYLAHMFPTWKWNEESSDISYRDFLPKNKQFLIIRKVPADKRAEQAVEAKDMAQERYYD
LYIAYSTSYRVPKMYIVGFNSNGSPLSPEQMFEDISADYRTKTATIEKLPFYKNSVLSVSIHPCKHANVMKILLDKVRVV
RQRRRKELQEEQELDGVGDWEDLQDDIDDSLRVDQYLIVFLKFITSVTPSIQHDYTMEGW
;
_entity_poly.pdbx_strand_id                 A 
_entity_poly.pdbx_target_identifier         ? 
# 
loop_
_entity_poly_seq.entity_id 
_entity_poly_seq.num 
_entity_poly_seq.mon_id 
_entity_poly_seq.hetero 
1 1   GLY n 
1 2   SER n 
1 3   LYS n 
1 4   SER n 
1 5   THR n 
1 6   PHE n 
1 7   LEU n 
1 8   THR n 
1 9   THR n 
1 10  GLY n 
1 11  GLN n 
1 12  ILE n 
1 13  THR n 
1 14  PRO n 
1 15  GLU n 
1 16  GLU n 
1 17  PHE n 
1 18  VAL n 
1 19  GLN n 
1 20  ALA n 
1 21  GLY n 
1 22  ASP n 
1 23  TYR n 
1 24  LEU n 
1 25  ALA n 
1 26  HIS n 
1 27  MET n 
1 28  PHE n 
1 29  PRO n 
1 30  THR n 
1 31  TRP n 
1 32  LYS n 
1 33  TRP n 
1 34  ASN n 
1 35  GLU n 
1 36  GLU n 
1 37  SER n 
1 38  SER n 
1 39  ASP n 
1 40  ILE n 
1 41  SER n 
1 42  TYR n 
1 43  ARG n 
1 44  ASP n 
1 45  PHE n 
1 46  LEU n 
1 47  PRO n 
1 48  LYS n 
1 49  ASN n 
1 50  LYS n 
1 51  GLN n 
1 52  PHE n 
1 53  LEU n 
1 54  ILE n 
1 55  ILE n 
1 56  ARG n 
1 57  LYS n 
1 58  VAL n 
1 59  PRO n 
1 60  ALA n 
1 61  ASP n 
1 62  LYS n 
1 63  ARG n 
1 64  ALA n 
1 65  GLU n 
1 66  GLN n 
1 67  ALA n 
1 68  VAL n 
1 69  GLU n 
1 70  ALA n 
1 71  LYS n 
1 72  ASP n 
1 73  MET n 
1 74  ALA n 
1 75  GLN n 
1 76  GLU n 
1 77  ARG n 
1 78  TYR n 
1 79  TYR n 
1 80  ASP n 
1 81  LEU n 
1 82  TYR n 
1 83  ILE n 
1 84  ALA n 
1 85  TYR n 
1 86  SER n 
1 87  THR n 
1 88  SER n 
1 89  TYR n 
1 90  ARG n 
1 91  VAL n 
1 92  PRO n 
1 93  LYS n 
1 94  MET n 
1 95  TYR n 
1 96  ILE n 
1 97  VAL n 
1 98  GLY n 
1 99  PHE n 
1 100 ASN n 
1 101 SER n 
1 102 ASN n 
1 103 GLY n 
1 104 SER n 
1 105 PRO n 
1 106 LEU n 
1 107 SER n 
1 108 PRO n 
1 109 GLU n 
1 110 GLN n 
1 111 MET n 
1 112 PHE n 
1 113 GLU n 
1 114 ASP n 
1 115 ILE n 
1 116 SER n 
1 117 ALA n 
1 118 ASP n 
1 119 TYR n 
1 120 ARG n 
1 121 THR n 
1 122 LYS n 
1 123 THR n 
1 124 ALA n 
1 125 THR n 
1 126 ILE n 
1 127 GLU n 
1 128 LYS n 
1 129 LEU n 
1 130 PRO n 
1 131 PHE n 
1 132 TYR n 
1 133 LYS n 
1 134 ASN n 
1 135 SER n 
1 136 VAL n 
1 137 LEU n 
1 138 SER n 
1 139 VAL n 
1 140 SER n 
1 141 ILE n 
1 142 HIS n 
1 143 PRO n 
1 144 CYS n 
1 145 LYS n 
1 146 HIS n 
1 147 ALA n 
1 148 ASN n 
1 149 VAL n 
1 150 MET n 
1 151 LYS n 
1 152 ILE n 
1 153 LEU n 
1 154 LEU n 
1 155 ASP n 
1 156 LYS n 
1 157 VAL n 
1 158 ARG n 
1 159 VAL n 
1 160 VAL n 
1 161 ARG n 
1 162 GLN n 
1 163 ARG n 
1 164 ARG n 
1 165 ARG n 
1 166 LYS n 
1 167 GLU n 
1 168 LEU n 
1 169 GLN n 
1 170 GLU n 
1 171 GLU n 
1 172 GLN n 
1 173 GLU n 
1 174 LEU n 
1 175 ASP n 
1 176 GLY n 
1 177 VAL n 
1 178 GLY n 
1 179 ASP n 
1 180 TRP n 
1 181 GLU n 
1 182 ASP n 
1 183 LEU n 
1 184 GLN n 
1 185 ASP n 
1 186 ASP n 
1 187 ILE n 
1 188 ASP n 
1 189 ASP n 
1 190 SER n 
1 191 LEU n 
1 192 ARG n 
1 193 VAL n 
1 194 ASP n 
1 195 GLN n 
1 196 TYR n 
1 197 LEU n 
1 198 ILE n 
1 199 VAL n 
1 200 PHE n 
1 201 LEU n 
1 202 LYS n 
1 203 PHE n 
1 204 ILE n 
1 205 THR n 
1 206 SER n 
1 207 VAL n 
1 208 THR n 
1 209 PRO n 
1 210 SER n 
1 211 ILE n 
1 212 GLN n 
1 213 HIS n 
1 214 ASP n 
1 215 TYR n 
1 216 THR n 
1 217 MET n 
1 218 GLU n 
1 219 GLY n 
1 220 TRP n 
# 
loop_
_entity_src_gen.entity_id 
_entity_src_gen.pdbx_src_id 
_entity_src_gen.pdbx_alt_source_flag 
_entity_src_gen.pdbx_seq_type 
_entity_src_gen.pdbx_beg_seq_num 
_entity_src_gen.pdbx_end_seq_num 
_entity_src_gen.gene_src_common_name 
_entity_src_gen.gene_src_genus 
_entity_src_gen.pdbx_gene_src_gene 
_entity_src_gen.gene_src_species 
_entity_src_gen.gene_src_strain 
_entity_src_gen.gene_src_tissue 
_entity_src_gen.gene_src_tissue_fraction 
_entity_src_gen.gene_src_details 
_entity_src_gen.pdbx_gene_src_fragment 
_entity_src_gen.pdbx_gene_src_scientific_name 
_entity_src_gen.pdbx_gene_src_ncbi_taxonomy_id 
_entity_src_gen.pdbx_gene_src_variant 
_entity_src_gen.pdbx_gene_src_cell_line 
_entity_src_gen.pdbx_gene_src_atcc 
_entity_src_gen.pdbx_gene_src_organ 
_entity_src_gen.pdbx_gene_src_organelle 
_entity_src_gen.pdbx_gene_src_cell 
_entity_src_gen.pdbx_gene_src_cellular_location 
_entity_src_gen.host_org_common_name 
_entity_src_gen.pdbx_host_org_scientific_name 
_entity_src_gen.pdbx_host_org_ncbi_taxonomy_id 
_entity_src_gen.host_org_genus 
_entity_src_gen.pdbx_host_org_gene 
_entity_src_gen.pdbx_host_org_organ 
_entity_src_gen.host_org_species 
_entity_src_gen.pdbx_host_org_tissue 
_entity_src_gen.pdbx_host_org_tissue_fraction 
_entity_src_gen.pdbx_host_org_strain 
_entity_src_gen.pdbx_host_org_variant 
_entity_src_gen.pdbx_host_org_cell_line 
_entity_src_gen.pdbx_host_org_atcc 
_entity_src_gen.pdbx_host_org_culture_collection 
_entity_src_gen.pdbx_host_org_cell 
_entity_src_gen.pdbx_host_org_organelle 
_entity_src_gen.pdbx_host_org_cellular_location 
_entity_src_gen.pdbx_host_org_vector_type 
_entity_src_gen.pdbx_host_org_vector 
_entity_src_gen.host_org_details 
_entity_src_gen.expression_system_id 
_entity_src_gen.plasmid_name 
_entity_src_gen.plasmid_details 
_entity_src_gen.pdbx_description 
1 1 sample 'Biological sequence' 1  69  
;Baker's yeast
;
? 'ATG3, APG3, AUT1, YNR007C, N2040' ? 'ATCC 204508 / S288c' ? ? ? ? 'Saccharomyces cerevisiae (strain ATCC 204508 / S288c)' 
559292 ? ? ? ? ? ? ? ? 'Escherichia coli' 562 ? ? ? ? ? ? RIL ? ? ? ? ? ? ? ? ? ? ? ? ? ? 
1 2 sample 'Biological sequence' 70 220 
;Baker's yeast
;
? 'ATG3, APG3, AUT1, YNR007C, N2040' ? 'ATCC 204508 / S288c' ? ? ? ? 'Saccharomyces cerevisiae (strain ATCC 204508 / S288c)' 
559292 ? ? ? ? ? ? ? ? 'Escherichia coli' 562 ? ? ? ? ? ? RIL ? ? ? ? ? ? ? ? ? ? ? ? ? ? 
# 
loop_
_struct_ref.id 
_struct_ref.db_name 
_struct_ref.db_code 
_struct_ref.pdbx_db_accession 
_struct_ref.pdbx_db_isoform 
_struct_ref.entity_id 
_struct_ref.pdbx_seq_one_letter_code 
_struct_ref.pdbx_align_begin 
1 UNP ATG3_YEAST P40344 ? 1 KSTFLTTGQITPEEFVQAGDYLCHMFPTWKWNEESSDISYRDFLPKNKQFLIIRKVPCDKRAEQCVE 19  
2 UNP ATG3_YEAST P40344 ? 1 
;AKDMAQERYYDLYIAYSTSYRVPKMYIVGFNSNGSPLSPEQMFEDISADYRTKTATIEKLPFYKNSVLSVSIHPCKHANV
MKILLDKVRVVRQRRRKELQEEQELDGVGDWEDLQDDIDDSLRVDQYLIVFLKFITSVTPSIQHDYTMEGW
;
160 
# 
loop_
_struct_ref_seq.align_id 
_struct_ref_seq.ref_id 
_struct_ref_seq.pdbx_PDB_id_code 
_struct_ref_seq.pdbx_strand_id 
_struct_ref_seq.seq_align_beg 
_struct_ref_seq.pdbx_seq_align_beg_ins_code 
_struct_ref_seq.seq_align_end 
_struct_ref_seq.pdbx_seq_align_end_ins_code 
_struct_ref_seq.pdbx_db_accession 
_struct_ref_seq.db_align_beg 
_struct_ref_seq.pdbx_db_align_beg_ins_code 
_struct_ref_seq.db_align_end 
_struct_ref_seq.pdbx_db_align_end_ins_code 
_struct_ref_seq.pdbx_auth_seq_align_beg 
_struct_ref_seq.pdbx_auth_seq_align_end 
1 1 6OJJ A 3  ? 69  ? P40344 19  ? 85  ? 19  85  
2 2 6OJJ A 70 ? 220 ? P40344 160 ? 310 ? 160 310 
# 
loop_
_struct_ref_seq_dif.align_id 
_struct_ref_seq_dif.pdbx_pdb_id_code 
_struct_ref_seq_dif.mon_id 
_struct_ref_seq_dif.pdbx_pdb_strand_id 
_struct_ref_seq_dif.seq_num 
_struct_ref_seq_dif.pdbx_pdb_ins_code 
_struct_ref_seq_dif.pdbx_seq_db_name 
_struct_ref_seq_dif.pdbx_seq_db_accession_code 
_struct_ref_seq_dif.db_mon_id 
_struct_ref_seq_dif.pdbx_seq_db_seq_num 
_struct_ref_seq_dif.details 
_struct_ref_seq_dif.pdbx_auth_seq_num 
_struct_ref_seq_dif.pdbx_ordinal 
1 6OJJ GLY A 1  ? UNP P40344 ?   ?  'expression tag'      17 1 
1 6OJJ SER A 2  ? UNP P40344 ?   ?  'expression tag'      18 2 
1 6OJJ ALA A 25 ? UNP P40344 CYS 41 'engineered mutation' 41 3 
1 6OJJ ALA A 60 ? UNP P40344 CYS 76 'engineered mutation' 76 4 
1 6OJJ ALA A 67 ? UNP P40344 CYS 83 'engineered mutation' 83 5 
# 
loop_
_chem_comp.id 
_chem_comp.type 
_chem_comp.mon_nstd_flag 
_chem_comp.name 
_chem_comp.pdbx_synonyms 
_chem_comp.formula 
_chem_comp.formula_weight 
ALA 'L-peptide linking' y ALANINE         ?                               'C3 H7 N O2'     89.093  
ARG 'L-peptide linking' y ARGININE        ?                               'C6 H15 N4 O2 1' 175.209 
ASN 'L-peptide linking' y ASPARAGINE      ?                               'C4 H8 N2 O3'    132.118 
ASP 'L-peptide linking' y 'ASPARTIC ACID' ?                               'C4 H7 N O4'     133.103 
CYS 'L-peptide linking' y CYSTEINE        ?                               'C3 H7 N O2 S'   121.158 
GLN 'L-peptide linking' y GLUTAMINE       ?                               'C5 H10 N2 O3'   146.144 
GLU 'L-peptide linking' y 'GLUTAMIC ACID' ?                               'C5 H9 N O4'     147.129 
GLY 'peptide linking'   y GLYCINE         ?                               'C2 H5 N O2'     75.067  
GOL non-polymer         . GLYCEROL        'GLYCERIN; PROPANE-1,2,3-TRIOL' 'C3 H8 O3'       92.094  
HIS 'L-peptide linking' y HISTIDINE       ?                               'C6 H10 N3 O2 1' 156.162 
HOH non-polymer         . WATER           ?                               'H2 O'           18.015  
ILE 'L-peptide linking' y ISOLEUCINE      ?                               'C6 H13 N O2'    131.173 
LEU 'L-peptide linking' y LEUCINE         ?                               'C6 H13 N O2'    131.173 
LYS 'L-peptide linking' y LYSINE          ?                               'C6 H15 N2 O2 1' 147.195 
MET 'L-peptide linking' y METHIONINE      ?                               'C5 H11 N O2 S'  149.211 
PHE 'L-peptide linking' y PHENYLALANINE   ?                               'C9 H11 N O2'    165.189 
PRO 'L-peptide linking' y PROLINE         ?                               'C5 H9 N O2'     115.130 
SER 'L-peptide linking' y SERINE          ?                               'C3 H7 N O3'     105.093 
THR 'L-peptide linking' y THREONINE       ?                               'C4 H9 N O3'     119.119 
TRP 'L-peptide linking' y TRYPTOPHAN      ?                               'C11 H12 N2 O2'  204.225 
TYR 'L-peptide linking' y TYROSINE        ?                               'C9 H11 N O3'    181.189 
VAL 'L-peptide linking' y VALINE          ?                               'C5 H11 N O2'    117.146 
# 
_exptl.absorpt_coefficient_mu     ? 
_exptl.absorpt_correction_T_max   ? 
_exptl.absorpt_correction_T_min   ? 
_exptl.absorpt_correction_type    ? 
_exptl.absorpt_process_details    ? 
_exptl.entry_id                   6OJJ 
_exptl.crystals_number            1 
_exptl.details                    ? 
_exptl.method                     'X-RAY DIFFRACTION' 
_exptl.method_details             ? 
# 
_exptl_crystal.colour                      ? 
_exptl_crystal.density_diffrn              ? 
_exptl_crystal.density_Matthews            2.59 
_exptl_crystal.density_method              ? 
_exptl_crystal.density_percent_sol         52.43 
_exptl_crystal.description                 ? 
_exptl_crystal.F_000                       ? 
_exptl_crystal.id                          1 
_exptl_crystal.preparation                 ? 
_exptl_crystal.size_max                    ? 
_exptl_crystal.size_mid                    ? 
_exptl_crystal.size_min                    ? 
_exptl_crystal.size_rad                    ? 
_exptl_crystal.colour_lustre               ? 
_exptl_crystal.colour_modifier             ? 
_exptl_crystal.colour_primary              ? 
_exptl_crystal.density_meas                ? 
_exptl_crystal.density_meas_esd            ? 
_exptl_crystal.density_meas_gt             ? 
_exptl_crystal.density_meas_lt             ? 
_exptl_crystal.density_meas_temp           ? 
_exptl_crystal.density_meas_temp_esd       ? 
_exptl_crystal.density_meas_temp_gt        ? 
_exptl_crystal.density_meas_temp_lt        ? 
_exptl_crystal.pdbx_crystal_image_url      ? 
_exptl_crystal.pdbx_crystal_image_format   ? 
_exptl_crystal.pdbx_mosaicity              ? 
_exptl_crystal.pdbx_mosaicity_esd          ? 
# 
_exptl_crystal_grow.apparatus       ? 
_exptl_crystal_grow.atmosphere      ? 
_exptl_crystal_grow.crystal_id      1 
_exptl_crystal_grow.details         ? 
_exptl_crystal_grow.method          'VAPOR DIFFUSION, HANGING DROP' 
_exptl_crystal_grow.method_ref      ? 
_exptl_crystal_grow.pH              7.2 
_exptl_crystal_grow.pressure        ? 
_exptl_crystal_grow.pressure_esd    ? 
_exptl_crystal_grow.seeding         ? 
_exptl_crystal_grow.seeding_ref     ? 
_exptl_crystal_grow.temp            277.15 
_exptl_crystal_grow.temp_details    ? 
_exptl_crystal_grow.temp_esd        ? 
_exptl_crystal_grow.time            ? 
_exptl_crystal_grow.pdbx_details    '9% PEG3350, 100 mM HEPES pH 7.2, 150 mM L-Malic acid.' 
_exptl_crystal_grow.pdbx_pH_range   ? 
# 
_diffrn.ambient_environment              ? 
_diffrn.ambient_temp                     100 
_diffrn.ambient_temp_details             ? 
_diffrn.ambient_temp_esd                 ? 
_diffrn.crystal_id                       1 
_diffrn.crystal_support                  ? 
_diffrn.crystal_treatment                ? 
_diffrn.details                          ? 
_diffrn.id                               1 
_diffrn.ambient_pressure                 ? 
_diffrn.ambient_pressure_esd             ? 
_diffrn.ambient_pressure_gt              ? 
_diffrn.ambient_pressure_lt              ? 
_diffrn.ambient_temp_gt                  ? 
_diffrn.ambient_temp_lt                  ? 
_diffrn.pdbx_serial_crystal_experiment   N 
# 
_diffrn_detector.details                      ? 
_diffrn_detector.detector                     CCD 
_diffrn_detector.diffrn_id                    1 
_diffrn_detector.type                         'MARMOSAIC 225 mm CCD' 
_diffrn_detector.area_resol_mean              ? 
_diffrn_detector.dtime                        ? 
_diffrn_detector.pdbx_frames_total            ? 
_diffrn_detector.pdbx_collection_time_total   ? 
_diffrn_detector.pdbx_collection_date         2015-02-23 
_diffrn_detector.pdbx_frequency               ? 
# 
_diffrn_radiation.collimation                      ? 
_diffrn_radiation.diffrn_id                        1 
_diffrn_radiation.filter_edge                      ? 
_diffrn_radiation.inhomogeneity                    ? 
_diffrn_radiation.monochromator                    ? 
_diffrn_radiation.polarisn_norm                    ? 
_diffrn_radiation.polarisn_ratio                   ? 
_diffrn_radiation.probe                            ? 
_diffrn_radiation.type                             ? 
_diffrn_radiation.xray_symbol                      ? 
_diffrn_radiation.wavelength_id                    1 
_diffrn_radiation.pdbx_monochromatic_or_laue_m_l   M 
_diffrn_radiation.pdbx_wavelength_list             ? 
_diffrn_radiation.pdbx_wavelength                  ? 
_diffrn_radiation.pdbx_diffrn_protocol             'SINGLE WAVELENGTH' 
_diffrn_radiation.pdbx_analyzer                    ? 
_diffrn_radiation.pdbx_scattering_type             x-ray 
# 
_diffrn_radiation_wavelength.id           1 
_diffrn_radiation_wavelength.wavelength   1.000 
_diffrn_radiation_wavelength.wt           1.0 
# 
_diffrn_source.current                     ? 
_diffrn_source.details                     ? 
_diffrn_source.diffrn_id                   1 
_diffrn_source.power                       ? 
_diffrn_source.size                        ? 
_diffrn_source.source                      SYNCHROTRON 
_diffrn_source.target                      ? 
_diffrn_source.type                        'APS BEAMLINE 22-BM' 
_diffrn_source.voltage                     ? 
_diffrn_source.take-off_angle              ? 
_diffrn_source.pdbx_wavelength_list        1.000 
_diffrn_source.pdbx_wavelength             ? 
_diffrn_source.pdbx_synchrotron_beamline   22-BM 
_diffrn_source.pdbx_synchrotron_site       APS 
# 
_reflns.B_iso_Wilson_estimate            ? 
_reflns.entry_id                         6OJJ 
_reflns.data_reduction_details           ? 
_reflns.data_reduction_method            ? 
_reflns.d_resolution_high                2.40 
_reflns.d_resolution_low                 30.00 
_reflns.details                          ? 
_reflns.limit_h_max                      ? 
_reflns.limit_h_min                      ? 
_reflns.limit_k_max                      ? 
_reflns.limit_k_min                      ? 
_reflns.limit_l_max                      ? 
_reflns.limit_l_min                      ? 
_reflns.number_all                       ? 
_reflns.number_obs                       10013 
_reflns.observed_criterion               ? 
_reflns.observed_criterion_F_max         ? 
_reflns.observed_criterion_F_min         ? 
_reflns.observed_criterion_I_max         ? 
_reflns.observed_criterion_I_min         ? 
_reflns.observed_criterion_sigma_F       ? 
_reflns.observed_criterion_sigma_I       -3 
_reflns.percent_possible_obs             97.9 
_reflns.R_free_details                   ? 
_reflns.Rmerge_F_all                     ? 
_reflns.Rmerge_F_obs                     ? 
_reflns.Friedel_coverage                 ? 
_reflns.number_gt                        ? 
_reflns.threshold_expression             ? 
_reflns.pdbx_redundancy                  3.4 
_reflns.pdbx_Rmerge_I_obs                ? 
_reflns.pdbx_Rmerge_I_all                ? 
_reflns.pdbx_Rsym_value                  0.15 
_reflns.pdbx_netI_over_av_sigmaI         ? 
_reflns.pdbx_netI_over_sigmaI            12.4 
_reflns.pdbx_res_netI_over_av_sigmaI_2   ? 
_reflns.pdbx_res_netI_over_sigmaI_2      ? 
_reflns.pdbx_chi_squared                 ? 
_reflns.pdbx_scaling_rejects             ? 
_reflns.pdbx_d_res_high_opt              ? 
_reflns.pdbx_d_res_low_opt               ? 
_reflns.pdbx_d_res_opt_method            ? 
_reflns.phase_calculation_details        ? 
_reflns.pdbx_Rrim_I_all                  ? 
_reflns.pdbx_Rpim_I_all                  0.094 
_reflns.pdbx_d_opt                       ? 
_reflns.pdbx_number_measured_all         ? 
_reflns.pdbx_diffrn_id                   1 
_reflns.pdbx_ordinal                     1 
_reflns.pdbx_CC_half                     ? 
_reflns.pdbx_R_split                     ? 
# 
_reflns_shell.d_res_high                  2.40 
_reflns_shell.d_res_low                   2.44 
_reflns_shell.meanI_over_sigI_all         ? 
_reflns_shell.meanI_over_sigI_obs         1.3 
_reflns_shell.number_measured_all         ? 
_reflns_shell.number_measured_obs         ? 
_reflns_shell.number_possible             ? 
_reflns_shell.number_unique_all           ? 
_reflns_shell.number_unique_obs           482 
_reflns_shell.percent_possible_all        92.7 
_reflns_shell.percent_possible_obs        ? 
_reflns_shell.Rmerge_F_all                ? 
_reflns_shell.Rmerge_F_obs                ? 
_reflns_shell.Rmerge_I_all                ? 
_reflns_shell.Rmerge_I_obs                ? 
_reflns_shell.meanI_over_sigI_gt          ? 
_reflns_shell.meanI_over_uI_all           ? 
_reflns_shell.meanI_over_uI_gt            ? 
_reflns_shell.number_measured_gt          ? 
_reflns_shell.number_unique_gt            ? 
_reflns_shell.percent_possible_gt         ? 
_reflns_shell.Rmerge_F_gt                 ? 
_reflns_shell.Rmerge_I_gt                 ? 
_reflns_shell.pdbx_redundancy             2.8 
_reflns_shell.pdbx_Rsym_value             0.766 
_reflns_shell.pdbx_chi_squared            0.860 
_reflns_shell.pdbx_netI_over_sigmaI_all   ? 
_reflns_shell.pdbx_netI_over_sigmaI_obs   ? 
_reflns_shell.pdbx_Rrim_I_all             ? 
_reflns_shell.pdbx_Rpim_I_all             0.527 
_reflns_shell.pdbx_rejects                ? 
_reflns_shell.pdbx_ordinal                1 
_reflns_shell.pdbx_diffrn_id              1 
_reflns_shell.pdbx_CC_half                0.587 
_reflns_shell.pdbx_R_split                ? 
# 
_refine.aniso_B[1][1]                            ? 
_refine.aniso_B[1][2]                            ? 
_refine.aniso_B[1][3]                            ? 
_refine.aniso_B[2][2]                            ? 
_refine.aniso_B[2][3]                            ? 
_refine.aniso_B[3][3]                            ? 
_refine.B_iso_max                                ? 
_refine.B_iso_mean                               ? 
_refine.B_iso_min                                ? 
_refine.correlation_coeff_Fo_to_Fc               ? 
_refine.correlation_coeff_Fo_to_Fc_free          ? 
_refine.details                                  ? 
_refine.diff_density_max                         ? 
_refine.diff_density_max_esd                     ? 
_refine.diff_density_min                         ? 
_refine.diff_density_min_esd                     ? 
_refine.diff_density_rms                         ? 
_refine.diff_density_rms_esd                     ? 
_refine.entry_id                                 6OJJ 
_refine.pdbx_refine_id                           'X-RAY DIFFRACTION' 
_refine.ls_abs_structure_details                 ? 
_refine.ls_abs_structure_Flack                   ? 
_refine.ls_abs_structure_Flack_esd               ? 
_refine.ls_abs_structure_Rogers                  ? 
_refine.ls_abs_structure_Rogers_esd              ? 
_refine.ls_d_res_high                            2.406 
_refine.ls_d_res_low                             26.408 
_refine.ls_extinction_coef                       ? 
_refine.ls_extinction_coef_esd                   ? 
_refine.ls_extinction_expression                 ? 
_refine.ls_extinction_method                     ? 
_refine.ls_goodness_of_fit_all                   ? 
_refine.ls_goodness_of_fit_all_esd               ? 
_refine.ls_goodness_of_fit_obs                   ? 
_refine.ls_goodness_of_fit_obs_esd               ? 
_refine.ls_hydrogen_treatment                    ? 
_refine.ls_matrix_type                           ? 
_refine.ls_number_constraints                    ? 
_refine.ls_number_parameters                     ? 
_refine.ls_number_reflns_all                     ? 
_refine.ls_number_reflns_obs                     10005 
_refine.ls_number_reflns_R_free                  498 
_refine.ls_number_reflns_R_work                  ? 
_refine.ls_number_restraints                     ? 
_refine.ls_percent_reflns_obs                    96.60 
_refine.ls_percent_reflns_R_free                 4.98 
_refine.ls_R_factor_all                          ? 
_refine.ls_R_factor_obs                          0.2146 
_refine.ls_R_factor_R_free                       0.2432 
_refine.ls_R_factor_R_free_error                 ? 
_refine.ls_R_factor_R_free_error_details         ? 
_refine.ls_R_factor_R_work                       0.2131 
_refine.ls_R_Fsqd_factor_obs                     ? 
_refine.ls_R_I_factor_obs                        ? 
_refine.ls_redundancy_reflns_all                 ? 
_refine.ls_redundancy_reflns_obs                 ? 
_refine.ls_restrained_S_all                      ? 
_refine.ls_restrained_S_obs                      ? 
_refine.ls_shift_over_esd_max                    ? 
_refine.ls_shift_over_esd_mean                   ? 
_refine.ls_structure_factor_coef                 ? 
_refine.ls_weighting_details                     ? 
_refine.ls_weighting_scheme                      ? 
_refine.ls_wR_factor_all                         ? 
_refine.ls_wR_factor_obs                         ? 
_refine.ls_wR_factor_R_free                      ? 
_refine.ls_wR_factor_R_work                      ? 
_refine.occupancy_max                            ? 
_refine.occupancy_min                            ? 
_refine.solvent_model_details                    ? 
_refine.solvent_model_param_bsol                 ? 
_refine.solvent_model_param_ksol                 ? 
_refine.ls_R_factor_gt                           ? 
_refine.ls_goodness_of_fit_gt                    ? 
_refine.ls_goodness_of_fit_ref                   ? 
_refine.ls_shift_over_su_max                     ? 
_refine.ls_shift_over_su_max_lt                  ? 
_refine.ls_shift_over_su_mean                    ? 
_refine.ls_shift_over_su_mean_lt                 ? 
_refine.pdbx_ls_sigma_I                          ? 
_refine.pdbx_ls_sigma_F                          1.34 
_refine.pdbx_ls_sigma_Fsqd                       ? 
_refine.pdbx_data_cutoff_high_absF               ? 
_refine.pdbx_data_cutoff_high_rms_absF           ? 
_refine.pdbx_data_cutoff_low_absF                ? 
_refine.pdbx_isotropic_thermal_model             ? 
_refine.pdbx_ls_cross_valid_method               THROUGHOUT 
_refine.pdbx_method_to_determine_struct          'MOLECULAR REPLACEMENT' 
_refine.pdbx_starting_model                      2DYT 
_refine.pdbx_stereochemistry_target_values       ? 
_refine.pdbx_R_Free_selection_details            ? 
_refine.pdbx_stereochem_target_val_spec_case     ? 
_refine.pdbx_overall_ESU_R                       ? 
_refine.pdbx_overall_ESU_R_Free                  ? 
_refine.pdbx_solvent_vdw_probe_radii             1.11 
_refine.pdbx_solvent_ion_probe_radii             ? 
_refine.pdbx_solvent_shrinkage_radii             0.90 
_refine.pdbx_real_space_R                        ? 
_refine.pdbx_density_correlation                 ? 
_refine.pdbx_pd_number_of_powder_patterns        ? 
_refine.pdbx_pd_number_of_points                 ? 
_refine.pdbx_pd_meas_number_of_points            ? 
_refine.pdbx_pd_proc_ls_prof_R_factor            ? 
_refine.pdbx_pd_proc_ls_prof_wR_factor           ? 
_refine.pdbx_pd_Marquardt_correlation_coeff      ? 
_refine.pdbx_pd_Fsqrd_R_factor                   ? 
_refine.pdbx_pd_ls_matrix_band_width             ? 
_refine.pdbx_overall_phase_error                 27.06 
_refine.pdbx_overall_SU_R_free_Cruickshank_DPI   ? 
_refine.pdbx_overall_SU_R_free_Blow_DPI          ? 
_refine.pdbx_overall_SU_R_Blow_DPI               ? 
_refine.pdbx_TLS_residual_ADP_flag               ? 
_refine.pdbx_diffrn_id                           1 
_refine.overall_SU_B                             ? 
_refine.overall_SU_ML                            0.32 
_refine.overall_SU_R_Cruickshank_DPI             ? 
_refine.overall_SU_R_free                        ? 
_refine.overall_FOM_free_R_set                   ? 
_refine.overall_FOM_work_R_set                   ? 
_refine.pdbx_average_fsc_overall                 ? 
_refine.pdbx_average_fsc_work                    ? 
_refine.pdbx_average_fsc_free                    ? 
# 
_refine_hist.pdbx_refine_id                   'X-RAY DIFFRACTION' 
_refine_hist.cycle_id                         LAST 
_refine_hist.pdbx_number_atoms_protein        1486 
_refine_hist.pdbx_number_atoms_nucleic_acid   0 
_refine_hist.pdbx_number_atoms_ligand         12 
_refine_hist.number_atoms_solvent             23 
_refine_hist.number_atoms_total               1521 
_refine_hist.d_res_high                       2.406 
_refine_hist.d_res_low                        26.408 
# 
loop_
_refine_ls_restr.pdbx_refine_id 
_refine_ls_restr.criterion 
_refine_ls_restr.dev_ideal 
_refine_ls_restr.dev_ideal_target 
_refine_ls_restr.number 
_refine_ls_restr.rejects 
_refine_ls_restr.type 
_refine_ls_restr.weight 
_refine_ls_restr.pdbx_restraint_function 
'X-RAY DIFFRACTION' ? 0.002  ? 1533 ? f_bond_d           ? ? 
'X-RAY DIFFRACTION' ? 0.674  ? 2076 ? f_angle_d          ? ? 
'X-RAY DIFFRACTION' ? 15.057 ? 562  ? f_dihedral_angle_d ? ? 
'X-RAY DIFFRACTION' ? 0.028  ? 230  ? f_chiral_restr     ? ? 
'X-RAY DIFFRACTION' ? 0.004  ? 260  ? f_plane_restr      ? ? 
# 
loop_
_refine_ls_shell.pdbx_refine_id 
_refine_ls_shell.d_res_high 
_refine_ls_shell.d_res_low 
_refine_ls_shell.number_reflns_all 
_refine_ls_shell.number_reflns_obs 
_refine_ls_shell.number_reflns_R_free 
_refine_ls_shell.number_reflns_R_work 
_refine_ls_shell.percent_reflns_obs 
_refine_ls_shell.percent_reflns_R_free 
_refine_ls_shell.R_factor_all 
_refine_ls_shell.R_factor_obs 
_refine_ls_shell.R_factor_R_free 
_refine_ls_shell.R_factor_R_free_error 
_refine_ls_shell.R_factor_R_work 
_refine_ls_shell.redundancy_reflns_all 
_refine_ls_shell.redundancy_reflns_obs 
_refine_ls_shell.wR_factor_all 
_refine_ls_shell.wR_factor_obs 
_refine_ls_shell.wR_factor_R_free 
_refine_ls_shell.wR_factor_R_work 
_refine_ls_shell.pdbx_total_number_of_bins_used 
_refine_ls_shell.pdbx_phase_error 
_refine_ls_shell.pdbx_fsc_work 
_refine_ls_shell.pdbx_fsc_free 
'X-RAY DIFFRACTION' 2.4056 2.6474  . . 121 2200 90.00 . . . 0.3207 . 0.2991 . . . . . . . . . . 
'X-RAY DIFFRACTION' 2.6474 3.0301  . . 130 2382 98.00 . . . 0.2830 . 0.2608 . . . . . . . . . . 
'X-RAY DIFFRACTION' 3.0301 3.8157  . . 123 2431 99.00 . . . 0.2616 . 0.2169 . . . . . . . . . . 
'X-RAY DIFFRACTION' 3.8157 26.4096 . . 124 2494 99.00 . . . 0.2028 . 0.1823 . . . . . . . . . . 
# 
_struct.entry_id                     6OJJ 
_struct.title                        'Structure of ScAtg3 with truncations in N-terminal and flexible region (FR)' 
_struct.pdbx_model_details           ? 
_struct.pdbx_formula_weight          ? 
_struct.pdbx_formula_weight_method   ? 
_struct.pdbx_model_type_details      ? 
_struct.pdbx_CASP_flag               N 
# 
_struct_keywords.entry_id        6OJJ 
_struct_keywords.text            'Autophagy, E2, LIGASE' 
_struct_keywords.pdbx_keywords   LIGASE 
# 
loop_
_struct_asym.id 
_struct_asym.pdbx_blank_PDB_chainid_flag 
_struct_asym.pdbx_modified 
_struct_asym.entity_id 
_struct_asym.details 
A N N 1 ? 
B N N 2 ? 
C N N 2 ? 
D N N 3 ? 
# 
loop_
_struct_conf.conf_type_id 
_struct_conf.id 
_struct_conf.pdbx_PDB_helix_id 
_struct_conf.beg_label_comp_id 
_struct_conf.beg_label_asym_id 
_struct_conf.beg_label_seq_id 
_struct_conf.pdbx_beg_PDB_ins_code 
_struct_conf.end_label_comp_id 
_struct_conf.end_label_asym_id 
_struct_conf.end_label_seq_id 
_struct_conf.pdbx_end_PDB_ins_code 
_struct_conf.beg_auth_comp_id 
_struct_conf.beg_auth_asym_id 
_struct_conf.beg_auth_seq_id 
_struct_conf.end_auth_comp_id 
_struct_conf.end_auth_asym_id 
_struct_conf.end_auth_seq_id 
_struct_conf.pdbx_PDB_helix_class 
_struct_conf.details 
_struct_conf.pdbx_PDB_helix_length 
HELX_P HELX_P1 AA1 THR A 5   ? GLY A 10  ? THR A 21  GLY A 26  1 ? 6  
HELX_P HELX_P2 AA2 THR A 13  ? PHE A 28  ? THR A 29  PHE A 44  1 ? 16 
HELX_P HELX_P3 AA3 SER A 107 ? PHE A 112 ? SER A 197 PHE A 202 1 ? 6  
HELX_P HELX_P4 AA4 GLU A 113 ? ILE A 115 ? GLU A 203 ILE A 205 5 ? 3  
HELX_P HELX_P5 AA5 SER A 116 ? THR A 123 ? SER A 206 THR A 213 1 ? 8  
HELX_P HELX_P6 AA6 LYS A 145 ? LYS A 166 ? LYS A 235 LYS A 256 1 ? 22 
HELX_P HELX_P7 AA7 ARG A 192 ? ASP A 194 ? ARG A 282 ASP A 284 5 ? 3  
HELX_P HELX_P8 AA8 GLN A 195 ? THR A 208 ? GLN A 285 THR A 298 1 ? 14 
# 
_struct_conf_type.id          HELX_P 
_struct_conf_type.criteria    ? 
_struct_conf_type.reference   ? 
# 
_struct_sheet.id               AA1 
_struct_sheet.type             ? 
_struct_sheet.number_strands   6 
_struct_sheet.details          ? 
# 
loop_
_struct_sheet_order.sheet_id 
_struct_sheet_order.range_id_1 
_struct_sheet_order.range_id_2 
_struct_sheet_order.offset 
_struct_sheet_order.sense 
AA1 1 2 ? anti-parallel 
AA1 2 3 ? anti-parallel 
AA1 3 4 ? anti-parallel 
AA1 4 5 ? anti-parallel 
AA1 5 6 ? anti-parallel 
# 
loop_
_struct_sheet_range.sheet_id 
_struct_sheet_range.id 
_struct_sheet_range.beg_label_comp_id 
_struct_sheet_range.beg_label_asym_id 
_struct_sheet_range.beg_label_seq_id 
_struct_sheet_range.pdbx_beg_PDB_ins_code 
_struct_sheet_range.end_label_comp_id 
_struct_sheet_range.end_label_asym_id 
_struct_sheet_range.end_label_seq_id 
_struct_sheet_range.pdbx_end_PDB_ins_code 
_struct_sheet_range.beg_auth_comp_id 
_struct_sheet_range.beg_auth_asym_id 
_struct_sheet_range.beg_auth_seq_id 
_struct_sheet_range.end_auth_comp_id 
_struct_sheet_range.end_auth_asym_id 
_struct_sheet_range.end_auth_seq_id 
AA1 1 LYS A 32  ? TRP A 33  ? LYS A 48  TRP A 49  
AA1 2 LEU A 53  ? PRO A 59  ? LEU A 69  PRO A 75  
AA1 3 ARG A 77  ? SER A 86  ? ARG A 167 SER A 176 
AA1 4 VAL A 91  ? ASN A 100 ? VAL A 181 ASN A 190 
AA1 5 LEU A 137 ? ILE A 141 ? LEU A 227 ILE A 231 
AA1 6 ALA A 124 ? LYS A 128 ? ALA A 214 LYS A 218 
# 
loop_
_pdbx_struct_sheet_hbond.sheet_id 
_pdbx_struct_sheet_hbond.range_id_1 
_pdbx_struct_sheet_hbond.range_id_2 
_pdbx_struct_sheet_hbond.range_1_label_atom_id 
_pdbx_struct_sheet_hbond.range_1_label_comp_id 
_pdbx_struct_sheet_hbond.range_1_label_asym_id 
_pdbx_struct_sheet_hbond.range_1_label_seq_id 
_pdbx_struct_sheet_hbond.range_1_PDB_ins_code 
_pdbx_struct_sheet_hbond.range_1_auth_atom_id 
_pdbx_struct_sheet_hbond.range_1_auth_comp_id 
_pdbx_struct_sheet_hbond.range_1_auth_asym_id 
_pdbx_struct_sheet_hbond.range_1_auth_seq_id 
_pdbx_struct_sheet_hbond.range_2_label_atom_id 
_pdbx_struct_sheet_hbond.range_2_label_comp_id 
_pdbx_struct_sheet_hbond.range_2_label_asym_id 
_pdbx_struct_sheet_hbond.range_2_label_seq_id 
_pdbx_struct_sheet_hbond.range_2_PDB_ins_code 
_pdbx_struct_sheet_hbond.range_2_auth_atom_id 
_pdbx_struct_sheet_hbond.range_2_auth_comp_id 
_pdbx_struct_sheet_hbond.range_2_auth_asym_id 
_pdbx_struct_sheet_hbond.range_2_auth_seq_id 
AA1 1 2 N LYS A 32  ? N LYS A 48  O ILE A 54  ? O ILE A 70  
AA1 2 3 N VAL A 58  ? N VAL A 74  O TYR A 79  ? O TYR A 169 
AA1 3 4 N SER A 86  ? N SER A 176 O VAL A 91  ? O VAL A 181 
AA1 4 5 N ILE A 96  ? N ILE A 186 O VAL A 139 ? O VAL A 229 
AA1 5 6 O SER A 140 ? O SER A 230 N THR A 125 ? N THR A 215 
# 
loop_
_struct_site.id 
_struct_site.pdbx_evidence_code 
_struct_site.pdbx_auth_asym_id 
_struct_site.pdbx_auth_comp_id 
_struct_site.pdbx_auth_seq_id 
_struct_site.pdbx_auth_ins_code 
_struct_site.pdbx_num_residues 
_struct_site.details 
AC1 Software A GOL 401 ? 6 'binding site for residue GOL A 401' 
AC2 Software A GOL 402 ? 6 'binding site for residue GOL A 402' 
# 
loop_
_struct_site_gen.id 
_struct_site_gen.site_id 
_struct_site_gen.pdbx_num_res 
_struct_site_gen.label_comp_id 
_struct_site_gen.label_asym_id 
_struct_site_gen.label_seq_id 
_struct_site_gen.pdbx_auth_ins_code 
_struct_site_gen.auth_comp_id 
_struct_site_gen.auth_asym_id 
_struct_site_gen.auth_seq_id 
_struct_site_gen.label_atom_id 
_struct_site_gen.label_alt_id 
_struct_site_gen.symmetry 
_struct_site_gen.details 
1  AC1 6 SER A 41  ? SER A 57  . ? 1_555 ? 
2  AC1 6 ARG A 43  ? ARG A 59  . ? 1_555 ? 
3  AC1 6 GLN A 51  ? GLN A 67  . ? 1_555 ? 
4  AC1 6 PHE A 52  ? PHE A 68  . ? 1_555 ? 
5  AC1 6 TYR A 85  ? TYR A 175 . ? 1_555 ? 
6  AC1 6 PHE A 131 ? PHE A 221 . ? 1_555 ? 
7  AC2 6 ARG A 43  ? ARG A 59  . ? 1_555 ? 
8  AC2 6 TYR A 85  ? TYR A 175 . ? 1_555 ? 
9  AC2 6 SER A 86  ? SER A 176 . ? 1_555 ? 
10 AC2 6 THR A 87  ? THR A 177 . ? 1_555 ? 
11 AC2 6 SER A 88  ? SER A 178 . ? 1_555 ? 
12 AC2 6 LYS A 93  ? LYS A 183 . ? 1_555 ? 
# 
_atom_sites.entry_id                    6OJJ 
_atom_sites.fract_transf_matrix[1][1]   -0.00694674 
_atom_sites.fract_transf_matrix[1][2]   0.00266429 
_atom_sites.fract_transf_matrix[1][3]   -0.00829753 
_atom_sites.fract_transf_matrix[2][1]   -0.00378859 
_atom_sites.fract_transf_matrix[2][2]   0.01994133 
_atom_sites.fract_transf_matrix[2][3]   0.00957488 
_atom_sites.fract_transf_matrix[3][1]   0.00936365 
_atom_sites.fract_transf_matrix[3][2]   0.00674799 
_atom_sites.fract_transf_matrix[3][3]   -0.01034884 
_atom_sites.fract_transf_vector[1]      1.152746 
_atom_sites.fract_transf_vector[2]      -0.241030 
_atom_sites.fract_transf_vector[3]      1.322770 
# 
loop_
_atom_type.symbol 
C 
N 
O 
S 
# 
loop_
_atom_site.group_PDB 
_atom_site.id 
_atom_site.type_symbol 
_atom_site.label_atom_id 
_atom_site.label_alt_id 
_atom_site.label_comp_id 
_atom_site.label_asym_id 
_atom_site.label_entity_id 
_atom_site.label_seq_id 
_atom_site.pdbx_PDB_ins_code 
_atom_site.Cartn_x 
_atom_site.Cartn_y 
_atom_site.Cartn_z 
_atom_site.occupancy 
_atom_site.B_iso_or_equiv 
_atom_site.pdbx_formal_charge 
_atom_site.auth_seq_id 
_atom_site.auth_comp_id 
_atom_site.auth_asym_id 
_atom_site.auth_atom_id 
_atom_site.pdbx_PDB_model_num 
ATOM   1    N N   . LYS A 1 3   ? -17.707 16.805  3.140   1.00 86.97  ? 19  LYS A N   1 
ATOM   2    C CA  . LYS A 1 3   ? -16.670 17.584  2.475   1.00 89.15  ? 19  LYS A CA  1 
ATOM   3    C C   . LYS A 1 3   ? -15.849 16.694  1.548   1.00 83.20  ? 19  LYS A C   1 
ATOM   4    O O   . LYS A 1 3   ? -15.803 16.918  0.338   1.00 84.60  ? 19  LYS A O   1 
ATOM   5    C CB  . LYS A 1 3   ? -15.761 18.263  3.503   1.00 86.73  ? 19  LYS A CB  1 
ATOM   6    C CG  . LYS A 1 3   ? -14.975 19.441  2.953   1.00 84.87  ? 19  LYS A CG  1 
ATOM   7    C CD  . LYS A 1 3   ? -15.881 20.634  2.689   1.00 86.29  ? 19  LYS A CD  1 
ATOM   8    C CE  . LYS A 1 3   ? -15.573 21.776  3.644   1.00 79.98  ? 19  LYS A CE  1 
ATOM   9    N NZ  . LYS A 1 3   ? -15.753 21.373  5.067   1.00 80.79  ? 19  LYS A NZ  1 
ATOM   10   N N   . SER A 1 4   ? -15.206 15.682  2.122   1.00 71.67  ? 20  SER A N   1 
ATOM   11   C CA  . SER A 1 4   ? -14.438 14.720  1.340   1.00 71.48  ? 20  SER A CA  1 
ATOM   12   C C   . SER A 1 4   ? -15.362 13.711  0.664   1.00 66.72  ? 20  SER A C   1 
ATOM   13   O O   . SER A 1 4   ? -16.385 13.321  1.225   1.00 65.89  ? 20  SER A O   1 
ATOM   14   C CB  . SER A 1 4   ? -13.422 13.993  2.223   1.00 66.26  ? 20  SER A CB  1 
ATOM   15   O OG  . SER A 1 4   ? -12.631 13.098  1.460   1.00 46.62  ? 20  SER A OG  1 
ATOM   16   N N   . THR A 1 5   ? -14.995 13.291  -0.540  1.00 67.27  ? 21  THR A N   1 
ATOM   17   C CA  . THR A 1 5   ? -15.804 12.350  -1.305  1.00 59.38  ? 21  THR A CA  1 
ATOM   18   C C   . THR A 1 5   ? -15.087 11.014  -1.466  1.00 54.92  ? 21  THR A C   1 
ATOM   19   O O   . THR A 1 5   ? -15.270 10.320  -2.466  1.00 55.86  ? 21  THR A O   1 
ATOM   20   C CB  . THR A 1 5   ? -16.142 12.911  -2.698  1.00 68.77  ? 21  THR A CB  1 
ATOM   21   O OG1 . THR A 1 5   ? -14.928 13.129  -3.427  1.00 67.39  ? 21  THR A OG1 1 
ATOM   22   C CG2 . THR A 1 5   ? -16.898 14.229  -2.579  1.00 64.00  ? 21  THR A CG2 1 
ATOM   23   N N   . PHE A 1 6   ? -14.273 10.654  -0.477  1.00 51.54  ? 22  PHE A N   1 
ATOM   24   C CA  . PHE A 1 6   ? -13.409 9.485   -0.597  1.00 50.73  ? 22  PHE A CA  1 
ATOM   25   C C   . PHE A 1 6   ? -14.179 8.170   -0.483  1.00 51.15  ? 22  PHE A C   1 
ATOM   26   O O   . PHE A 1 6   ? -13.794 7.168   -1.084  1.00 46.59  ? 22  PHE A O   1 
ATOM   27   C CB  . PHE A 1 6   ? -12.287 9.543   0.448   1.00 46.73  ? 22  PHE A CB  1 
ATOM   28   C CG  . PHE A 1 6   ? -12.644 8.946   1.780   1.00 50.82  ? 22  PHE A CG  1 
ATOM   29   C CD1 . PHE A 1 6   ? -13.365 9.671   2.715   1.00 52.94  ? 22  PHE A CD1 1 
ATOM   30   C CD2 . PHE A 1 6   ? -12.228 7.665   2.108   1.00 50.30  ? 22  PHE A CD2 1 
ATOM   31   C CE1 . PHE A 1 6   ? -13.679 9.123   3.944   1.00 52.98  ? 22  PHE A CE1 1 
ATOM   32   C CE2 . PHE A 1 6   ? -12.541 7.112   3.333   1.00 50.14  ? 22  PHE A CE2 1 
ATOM   33   C CZ  . PHE A 1 6   ? -13.265 7.841   4.253   1.00 55.20  ? 22  PHE A CZ  1 
ATOM   34   N N   . LEU A 1 7   ? -15.268 8.168   0.277   1.00 54.25  ? 23  LEU A N   1 
ATOM   35   C CA  . LEU A 1 7   ? -16.118 6.985   0.367   1.00 53.39  ? 23  LEU A CA  1 
ATOM   36   C C   . LEU A 1 7   ? -16.924 6.833   -0.916  1.00 48.43  ? 23  LEU A C   1 
ATOM   37   O O   . LEU A 1 7   ? -17.415 5.751   -1.237  1.00 52.41  ? 23  LEU A O   1 
ATOM   38   C CB  . LEU A 1 7   ? -17.046 7.072   1.578   1.00 54.12  ? 23  LEU A CB  1 
ATOM   39   C CG  . LEU A 1 7   ? -16.360 6.966   2.939   1.00 53.97  ? 23  LEU A CG  1 
ATOM   40   C CD1 . LEU A 1 7   ? -17.288 7.436   4.043   1.00 62.42  ? 23  LEU A CD1 1 
ATOM   41   C CD2 . LEU A 1 7   ? -15.903 5.539   3.195   1.00 50.14  ? 23  LEU A CD2 1 
ATOM   42   N N   . THR A 1 8   ? -17.038 7.934   -1.650  1.00 49.66  ? 24  THR A N   1 
ATOM   43   C CA  . THR A 1 8   ? -17.818 7.983   -2.878  1.00 50.42  ? 24  THR A CA  1 
ATOM   44   C C   . THR A 1 8   ? -16.947 7.704   -4.104  1.00 51.60  ? 24  THR A C   1 
ATOM   45   O O   . THR A 1 8   ? -17.422 7.175   -5.108  1.00 49.35  ? 24  THR A O   1 
ATOM   46   C CB  . THR A 1 8   ? -18.505 9.358   -3.034  1.00 49.91  ? 24  THR A CB  1 
ATOM   47   O OG1 . THR A 1 8   ? -19.361 9.594   -1.909  1.00 62.48  ? 24  THR A OG1 1 
ATOM   48   C CG2 . THR A 1 8   ? -19.334 9.421   -4.308  1.00 54.21  ? 24  THR A CG2 1 
ATOM   49   N N   . THR A 1 9   ? -15.669 8.055   -4.016  1.00 50.45  ? 25  THR A N   1 
ATOM   50   C CA  . THR A 1 9   ? -14.774 7.934   -5.161  1.00 43.32  ? 25  THR A CA  1 
ATOM   51   C C   . THR A 1 9   ? -13.718 6.849   -4.974  1.00 41.14  ? 25  THR A C   1 
ATOM   52   O O   . THR A 1 9   ? -13.188 6.315   -5.949  1.00 40.76  ? 25  THR A O   1 
ATOM   53   C CB  . THR A 1 9   ? -14.064 9.268   -5.453  1.00 45.36  ? 25  THR A CB  1 
ATOM   54   O OG1 . THR A 1 9   ? -13.324 9.683   -4.298  1.00 46.43  ? 25  THR A OG1 1 
ATOM   55   C CG2 . THR A 1 9   ? -15.079 10.340  -5.807  1.00 38.16  ? 25  THR A CG2 1 
ATOM   56   N N   . GLY A 1 10  ? -13.413 6.526   -3.721  1.00 41.56  ? 26  GLY A N   1 
ATOM   57   C CA  . GLY A 1 10  ? -12.343 5.593   -3.423  1.00 41.85  ? 26  GLY A CA  1 
ATOM   58   C C   . GLY A 1 10  ? -10.994 6.243   -3.661  1.00 40.17  ? 26  GLY A C   1 
ATOM   59   O O   . GLY A 1 10  ? -9.974  5.564   -3.777  1.00 43.21  ? 26  GLY A O   1 
ATOM   60   N N   . GLN A 1 11  ? -10.996 7.570   -3.731  1.00 39.66  ? 27  GLN A N   1 
ATOM   61   C CA  . GLN A 1 11  ? -9.793  8.336   -4.029  1.00 39.49  ? 27  GLN A CA  1 
ATOM   62   C C   . GLN A 1 11  ? -9.393  9.227   -2.860  1.00 42.14  ? 27  GLN A C   1 
ATOM   63   O O   . GLN A 1 11  ? -10.244 9.689   -2.102  1.00 41.26  ? 27  GLN A O   1 
ATOM   64   C CB  . GLN A 1 11  ? -10.004 9.190   -5.279  1.00 31.86  ? 27  GLN A CB  1 
ATOM   65   C CG  . GLN A 1 11  ? -10.160 8.392   -6.558  1.00 38.68  ? 27  GLN A CG  1 
ATOM   66   C CD  . GLN A 1 11  ? -10.489 9.269   -7.746  1.00 39.67  ? 27  GLN A CD  1 
ATOM   67   O OE1 . GLN A 1 11  ? -11.092 10.331  -7.597  1.00 50.83  ? 27  GLN A OE1 1 
ATOM   68   N NE2 . GLN A 1 11  ? -10.093 8.831   -8.934  1.00 39.29  ? 27  GLN A NE2 1 
ATOM   69   N N   . ILE A 1 12  ? -8.094  9.469   -2.724  1.00 41.39  ? 28  ILE A N   1 
ATOM   70   C CA  . ILE A 1 12  ? -7.584  10.334  -1.671  1.00 38.30  ? 28  ILE A CA  1 
ATOM   71   C C   . ILE A 1 12  ? -6.757  11.481  -2.238  1.00 39.78  ? 28  ILE A C   1 
ATOM   72   O O   . ILE A 1 12  ? -6.147  11.360  -3.299  1.00 39.78  ? 28  ILE A O   1 
ATOM   73   C CB  . ILE A 1 12  ? -6.719  9.552   -0.662  1.00 42.28  ? 28  ILE A CB  1 
ATOM   74   C CG1 . ILE A 1 12  ? -5.716  8.662   -1.397  1.00 36.99  ? 28  ILE A CG1 1 
ATOM   75   C CG2 . ILE A 1 12  ? -7.595  8.717   0.256   1.00 43.34  ? 28  ILE A CG2 1 
ATOM   76   C CD1 . ILE A 1 12  ? -4.753  7.939   -0.481  1.00 44.79  ? 28  ILE A CD1 1 
ATOM   77   N N   . THR A 1 13  ? -6.755  12.599  -1.520  1.00 41.79  ? 29  THR A N   1 
ATOM   78   C CA  . THR A 1 13  ? -5.923  13.745  -1.861  1.00 42.58  ? 29  THR A CA  1 
ATOM   79   C C   . THR A 1 13  ? -4.530  13.544  -1.267  1.00 39.05  ? 29  THR A C   1 
ATOM   80   O O   . THR A 1 13  ? -4.344  12.652  -0.438  1.00 37.51  ? 29  THR A O   1 
ATOM   81   C CB  . THR A 1 13  ? -6.539  15.054  -1.334  1.00 39.99  ? 29  THR A CB  1 
ATOM   82   O OG1 . THR A 1 13  ? -6.464  15.074  0.096   1.00 40.57  ? 29  THR A OG1 1 
ATOM   83   C CG2 . THR A 1 13  ? -7.992  15.170  -1.769  1.00 38.30  ? 29  THR A CG2 1 
ATOM   84   N N   . PRO A 1 14  ? -3.542  14.350  -1.697  1.00 37.09  ? 30  PRO A N   1 
ATOM   85   C CA  . PRO A 1 14  ? -2.224  14.274  -1.057  1.00 35.73  ? 30  PRO A CA  1 
ATOM   86   C C   . PRO A 1 14  ? -2.280  14.508  0.451   1.00 37.14  ? 30  PRO A C   1 
ATOM   87   O O   . PRO A 1 14  ? -1.558  13.847  1.195   1.00 37.27  ? 30  PRO A O   1 
ATOM   88   C CB  . PRO A 1 14  ? -1.436  15.385  -1.753  1.00 34.74  ? 30  PRO A CB  1 
ATOM   89   C CG  . PRO A 1 14  ? -2.048  15.470  -3.104  1.00 38.99  ? 30  PRO A CG  1 
ATOM   90   C CD  . PRO A 1 14  ? -3.515  15.192  -2.909  1.00 34.67  ? 30  PRO A CD  1 
ATOM   91   N N   . GLU A 1 15  ? -3.132  15.429  0.892   1.00 39.95  ? 31  GLU A N   1 
ATOM   92   C CA  . GLU A 1 15  ? -3.268  15.716  2.316   1.00 43.65  ? 31  GLU A CA  1 
ATOM   93   C C   . GLU A 1 15  ? -3.863  14.516  3.050   1.00 41.29  ? 31  GLU A C   1 
ATOM   94   O O   . GLU A 1 15  ? -3.482  14.213  4.185   1.00 45.21  ? 31  GLU A O   1 
ATOM   95   C CB  . GLU A 1 15  ? -4.133  16.962  2.539   1.00 46.29  ? 31  GLU A CB  1 
ATOM   96   C CG  . GLU A 1 15  ? -4.253  17.375  4.000   1.00 67.78  ? 31  GLU A CG  1 
ATOM   97   C CD  . GLU A 1 15  ? -5.280  18.471  4.239   1.00 81.19  ? 31  GLU A CD  1 
ATOM   98   O OE1 . GLU A 1 15  ? -5.280  19.471  3.490   1.00 78.83  ? 31  GLU A OE1 1 
ATOM   99   O OE2 . GLU A 1 15  ? -6.083  18.337  5.187   1.00 82.49  ? 31  GLU A OE2 1 
ATOM   100  N N   . GLU A 1 16  ? -4.793  13.830  2.393   1.00 42.74  ? 32  GLU A N   1 
ATOM   101  C CA  . GLU A 1 16  ? -5.437  12.660  2.976   1.00 47.03  ? 32  GLU A CA  1 
ATOM   102  C C   . GLU A 1 16  ? -4.494  11.463  2.998   1.00 44.49  ? 32  GLU A C   1 
ATOM   103  O O   . GLU A 1 16  ? -4.559  10.626  3.901   1.00 44.65  ? 32  GLU A O   1 
ATOM   104  C CB  . GLU A 1 16  ? -6.717  12.321  2.211   1.00 43.12  ? 32  GLU A CB  1 
ATOM   105  C CG  . GLU A 1 16  ? -7.925  13.126  2.665   1.00 38.94  ? 32  GLU A CG  1 
ATOM   106  C CD  . GLU A 1 16  ? -9.044  13.145  1.641   1.00 46.21  ? 32  GLU A CD  1 
ATOM   107  O OE1 . GLU A 1 16  ? -10.174 13.528  2.008   1.00 51.23  ? 32  GLU A OE1 1 
ATOM   108  O OE2 . GLU A 1 16  ? -8.794  12.789  0.472   1.00 42.17  ? 32  GLU A OE2 1 
ATOM   109  N N   . PHE A 1 17  ? -3.619  11.386  1.999   1.00 42.16  ? 33  PHE A N   1 
ATOM   110  C CA  . PHE A 1 17  ? -2.609  10.337  1.945   1.00 37.83  ? 33  PHE A CA  1 
ATOM   111  C C   . PHE A 1 17  ? -1.696  10.425  3.161   1.00 38.42  ? 33  PHE A C   1 
ATOM   112  O O   . PHE A 1 17  ? -1.383  9.415   3.791   1.00 40.23  ? 33  PHE A O   1 
ATOM   113  C CB  . PHE A 1 17  ? -1.793  10.439  0.653   1.00 39.67  ? 33  PHE A CB  1 
ATOM   114  C CG  . PHE A 1 17  ? -0.672  9.440   0.558   1.00 37.36  ? 33  PHE A CG  1 
ATOM   115  C CD1 . PHE A 1 17  ? -0.927  8.121   0.218   1.00 31.88  ? 33  PHE A CD1 1 
ATOM   116  C CD2 . PHE A 1 17  ? 0.640   9.822   0.797   1.00 37.30  ? 33  PHE A CD2 1 
ATOM   117  C CE1 . PHE A 1 17  ? 0.101   7.200   0.126   1.00 34.56  ? 33  PHE A CE1 1 
ATOM   118  C CE2 . PHE A 1 17  ? 1.675   8.906   0.704   1.00 37.46  ? 33  PHE A CE2 1 
ATOM   119  C CZ  . PHE A 1 17  ? 1.405   7.593   0.368   1.00 35.55  ? 33  PHE A CZ  1 
ATOM   120  N N   . VAL A 1 18  ? -1.279  11.643  3.487   1.00 36.20  ? 34  VAL A N   1 
ATOM   121  C CA  . VAL A 1 18  ? -0.439  11.888  4.654   1.00 40.73  ? 34  VAL A CA  1 
ATOM   122  C C   . VAL A 1 18  ? -1.174  11.514  5.940   1.00 43.39  ? 34  VAL A C   1 
ATOM   123  O O   . VAL A 1 18  ? -0.594  10.912  6.847   1.00 48.11  ? 34  VAL A O   1 
ATOM   124  C CB  . VAL A 1 18  ? 0.008   13.361  4.716   1.00 39.02  ? 34  VAL A CB  1 
ATOM   125  C CG1 . VAL A 1 18  ? 0.707   13.659  6.032   1.00 38.08  ? 34  VAL A CG1 1 
ATOM   126  C CG2 . VAL A 1 18  ? 0.917   13.686  3.539   1.00 35.89  ? 34  VAL A CG2 1 
ATOM   127  N N   . GLN A 1 19  ? -2.456  11.864  6.004   1.00 42.00  ? 35  GLN A N   1 
ATOM   128  C CA  . GLN A 1 19  ? -3.303  11.519  7.142   1.00 45.23  ? 35  GLN A CA  1 
ATOM   129  C C   . GLN A 1 19  ? -3.373  10.014  7.374   1.00 45.15  ? 35  GLN A C   1 
ATOM   130  O O   . GLN A 1 19  ? -3.151  9.537   8.487   1.00 44.43  ? 35  GLN A O   1 
ATOM   131  C CB  . GLN A 1 19  ? -4.719  12.062  6.937   1.00 47.80  ? 35  GLN A CB  1 
ATOM   132  C CG  . GLN A 1 19  ? -4.961  13.444  7.510   1.00 47.87  ? 35  GLN A CG  1 
ATOM   133  C CD  . GLN A 1 19  ? -6.398  13.890  7.335   1.00 59.73  ? 35  GLN A CD  1 
ATOM   134  O OE1 . GLN A 1 19  ? -6.757  14.479  6.316   1.00 61.41  ? 35  GLN A OE1 1 
ATOM   135  N NE2 . GLN A 1 19  ? -7.232  13.597  8.327   1.00 56.11  ? 35  GLN A NE2 1 
ATOM   136  N N   . ALA A 1 20  ? -3.689  9.274   6.316   1.00 42.93  ? 36  ALA A N   1 
ATOM   137  C CA  . ALA A 1 20  ? -3.835  7.827   6.405   1.00 45.60  ? 36  ALA A CA  1 
ATOM   138  C C   . ALA A 1 20  ? -2.497  7.157   6.693   1.00 46.88  ? 36  ALA A C   1 
ATOM   139  O O   . ALA A 1 20  ? -2.440  6.117   7.349   1.00 49.48  ? 36  ALA A O   1 
ATOM   140  C CB  . ALA A 1 20  ? -4.441  7.278   5.124   1.00 41.74  ? 36  ALA A CB  1 
ATOM   141  N N   . GLY A 1 21  ? -1.422  7.764   6.201   1.00 44.58  ? 37  GLY A N   1 
ATOM   142  C CA  . GLY A 1 21  ? -0.086  7.250   6.431   1.00 49.04  ? 37  GLY A CA  1 
ATOM   143  C C   . GLY A 1 21  ? 0.331   7.382   7.883   1.00 53.33  ? 37  GLY A C   1 
ATOM   144  O O   . GLY A 1 21  ? 0.887   6.448   8.463   1.00 50.83  ? 37  GLY A O   1 
ATOM   145  N N   . ASP A 1 22  ? 0.064   8.549   8.466   1.00 50.34  ? 38  ASP A N   1 
ATOM   146  C CA  . ASP A 1 22  ? 0.354   8.793   9.875   1.00 48.36  ? 38  ASP A CA  1 
ATOM   147  C C   . ASP A 1 22  ? -0.368  7.791   10.763  1.00 52.79  ? 38  ASP A C   1 
ATOM   148  O O   . ASP A 1 22  ? 0.204   7.263   11.716  1.00 52.84  ? 38  ASP A O   1 
ATOM   149  C CB  . ASP A 1 22  ? -0.045  10.215  10.270  1.00 38.19  ? 38  ASP A CB  1 
ATOM   150  C CG  . ASP A 1 22  ? 0.952   11.249  9.805   1.00 41.85  ? 38  ASP A CG  1 
ATOM   151  O OD1 . ASP A 1 22  ? 2.129   10.886  9.599   1.00 49.28  ? 38  ASP A OD1 1 
ATOM   152  O OD2 . ASP A 1 22  ? 0.563   12.424  9.649   1.00 48.19  ? 38  ASP A OD2 1 
ATOM   153  N N   . TYR A 1 23  ? -1.628  7.534   10.435  1.00 51.69  ? 39  TYR A N   1 
ATOM   154  C CA  . TYR A 1 23  ? -2.445  6.599   11.193  1.00 53.06  ? 39  TYR A CA  1 
ATOM   155  C C   . TYR A 1 23  ? -1.922  5.176   11.037  1.00 59.78  ? 39  TYR A C   1 
ATOM   156  O O   . TYR A 1 23  ? -1.861  4.419   12.006  1.00 63.68  ? 39  TYR A O   1 
ATOM   157  C CB  . TYR A 1 23  ? -3.903  6.694   10.744  1.00 58.54  ? 39  TYR A CB  1 
ATOM   158  C CG  . TYR A 1 23  ? -4.869  5.861   11.553  1.00 62.10  ? 39  TYR A CG  1 
ATOM   159  C CD1 . TYR A 1 23  ? -5.356  6.314   12.772  1.00 61.87  ? 39  TYR A CD1 1 
ATOM   160  C CD2 . TYR A 1 23  ? -5.308  4.631   11.091  1.00 61.70  ? 39  TYR A CD2 1 
ATOM   161  C CE1 . TYR A 1 23  ? -6.245  5.557   13.511  1.00 67.29  ? 39  TYR A CE1 1 
ATOM   162  C CE2 . TYR A 1 23  ? -6.196  3.866   11.822  1.00 69.07  ? 39  TYR A CE2 1 
ATOM   163  C CZ  . TYR A 1 23  ? -6.662  4.334   13.031  1.00 68.82  ? 39  TYR A CZ  1 
ATOM   164  O OH  . TYR A 1 23  ? -7.548  3.575   13.761  1.00 71.30  ? 39  TYR A OH  1 
ATOM   165  N N   . LEU A 1 24  ? -1.542  4.818   9.813   1.00 59.52  ? 40  LEU A N   1 
ATOM   166  C CA  . LEU A 1 24  ? -0.969  3.504   9.542   1.00 55.52  ? 40  LEU A CA  1 
ATOM   167  C C   . LEU A 1 24  ? 0.336   3.313   10.307  1.00 58.49  ? 40  LEU A C   1 
ATOM   168  O O   . LEU A 1 24  ? 0.593   2.243   10.859  1.00 61.18  ? 40  LEU A O   1 
ATOM   169  C CB  . LEU A 1 24  ? -0.730  3.317   8.042   1.00 53.83  ? 40  LEU A CB  1 
ATOM   170  C CG  . LEU A 1 24  ? 0.033   2.051   7.647   1.00 50.36  ? 40  LEU A CG  1 
ATOM   171  C CD1 . LEU A 1 24  ? -0.759  0.806   8.019   1.00 45.51  ? 40  LEU A CD1 1 
ATOM   172  C CD2 . LEU A 1 24  ? 0.372   2.057   6.163   1.00 50.27  ? 40  LEU A CD2 1 
ATOM   173  N N   . ALA A 1 25  ? 1.152   4.361   10.339  1.00 54.19  ? 41  ALA A N   1 
ATOM   174  C CA  . ALA A 1 25  ? 2.425   4.322   11.049  1.00 53.29  ? 41  ALA A CA  1 
ATOM   175  C C   . ALA A 1 25  ? 2.211   4.235   12.557  1.00 56.83  ? 41  ALA A C   1 
ATOM   176  O O   . ALA A 1 25  ? 3.080   3.768   13.291  1.00 69.39  ? 41  ALA A O   1 
ATOM   177  C CB  . ALA A 1 25  ? 3.261   5.544   10.703  1.00 49.05  ? 41  ALA A CB  1 
ATOM   178  N N   . HIS A 1 26  ? 1.044   4.683   13.010  1.00 62.18  ? 42  HIS A N   1 
ATOM   179  C CA  . HIS A 1 26  ? 0.717   4.686   14.431  1.00 62.03  ? 42  HIS A CA  1 
ATOM   180  C C   . HIS A 1 26  ? 0.157   3.342   14.889  1.00 64.73  ? 42  HIS A C   1 
ATOM   181  O O   . HIS A 1 26  ? 0.634   2.762   15.864  1.00 68.25  ? 42  HIS A O   1 
ATOM   182  C CB  . HIS A 1 26  ? -0.282  5.805   14.738  1.00 61.00  ? 42  HIS A CB  1 
ATOM   183  C CG  . HIS A 1 26  ? -0.738  5.836   16.163  1.00 73.23  ? 42  HIS A CG  1 
ATOM   184  N ND1 . HIS A 1 26  ? -1.983  5.395   16.555  1.00 70.89  ? 42  HIS A ND1 1 
ATOM   185  C CD2 . HIS A 1 26  ? -0.115  6.257   17.289  1.00 72.64  ? 42  HIS A CD2 1 
ATOM   186  C CE1 . HIS A 1 26  ? -2.109  5.543   17.862  1.00 70.40  ? 42  HIS A CE1 1 
ATOM   187  N NE2 . HIS A 1 26  ? -0.990  6.064   18.332  1.00 81.37  ? 42  HIS A NE2 1 
ATOM   188  N N   . MET A 1 27  ? -0.856  2.851   14.180  1.00 61.72  ? 43  MET A N   1 
ATOM   189  C CA  . MET A 1 27  ? -1.509  1.594   14.534  1.00 62.70  ? 43  MET A CA  1 
ATOM   190  C C   . MET A 1 27  ? -0.626  0.391   14.223  1.00 60.16  ? 43  MET A C   1 
ATOM   191  O O   . MET A 1 27  ? -0.794  -0.681  14.804  1.00 66.01  ? 43  MET A O   1 
ATOM   192  C CB  . MET A 1 27  ? -2.846  1.466   13.799  1.00 64.70  ? 43  MET A CB  1 
ATOM   193  C CG  . MET A 1 27  ? -3.825  2.589   14.097  1.00 68.63  ? 43  MET A CG  1 
ATOM   194  S SD  . MET A 1 27  ? -4.390  2.598   15.808  1.00 78.09  ? 43  MET A SD  1 
ATOM   195  C CE  . MET A 1 27  ? -5.681  1.357   15.738  1.00 79.30  ? 43  MET A CE  1 
ATOM   196  N N   . PHE A 1 28  ? 0.309   0.571   13.296  1.00 59.55  ? 44  PHE A N   1 
ATOM   197  C CA  . PHE A 1 28  ? 1.256   -0.480  12.937  1.00 59.44  ? 44  PHE A CA  1 
ATOM   198  C C   . PHE A 1 28  ? 2.646   0.120   12.760  1.00 59.62  ? 44  PHE A C   1 
ATOM   199  O O   . PHE A 1 28  ? 3.013   0.515   11.654  1.00 59.14  ? 44  PHE A O   1 
ATOM   200  C CB  . PHE A 1 28  ? 0.824   -1.194  11.652  1.00 58.05  ? 44  PHE A CB  1 
ATOM   201  C CG  . PHE A 1 28  ? -0.564  -1.772  11.711  1.00 60.99  ? 44  PHE A CG  1 
ATOM   202  C CD1 . PHE A 1 28  ? -0.764  -3.087  12.095  1.00 58.76  ? 44  PHE A CD1 1 
ATOM   203  C CD2 . PHE A 1 28  ? -1.665  -1.005  11.369  1.00 62.68  ? 44  PHE A CD2 1 
ATOM   204  C CE1 . PHE A 1 28  ? -2.037  -3.622  12.147  1.00 66.82  ? 44  PHE A CE1 1 
ATOM   205  C CE2 . PHE A 1 28  ? -2.940  -1.534  11.420  1.00 65.89  ? 44  PHE A CE2 1 
ATOM   206  C CZ  . PHE A 1 28  ? -3.127  -2.844  11.809  1.00 69.50  ? 44  PHE A CZ  1 
ATOM   207  N N   . PRO A 1 29  ? 3.428   0.190   13.852  1.00 57.33  ? 45  PRO A N   1 
ATOM   208  C CA  . PRO A 1 29  ? 4.729   0.870   13.806  1.00 57.21  ? 45  PRO A CA  1 
ATOM   209  C C   . PRO A 1 29  ? 5.790   0.133   12.985  1.00 53.73  ? 45  PRO A C   1 
ATOM   210  O O   . PRO A 1 29  ? 6.903   0.637   12.856  1.00 57.93  ? 45  PRO A O   1 
ATOM   211  C CB  . PRO A 1 29  ? 5.137   0.944   15.281  1.00 52.84  ? 45  PRO A CB  1 
ATOM   212  C CG  . PRO A 1 29  ? 4.439   -0.196  15.918  1.00 58.09  ? 45  PRO A CG  1 
ATOM   213  C CD  . PRO A 1 29  ? 3.126   -0.329  15.197  1.00 51.39  ? 45  PRO A CD  1 
ATOM   214  N N   . THR A 1 30  ? 5.456   -1.034  12.441  1.00 52.67  ? 46  THR A N   1 
ATOM   215  C CA  . THR A 1 30  ? 6.352   -1.703  11.505  1.00 54.37  ? 46  THR A CA  1 
ATOM   216  C C   . THR A 1 30  ? 6.359   -0.933  10.187  1.00 57.13  ? 46  THR A C   1 
ATOM   217  O O   . THR A 1 30  ? 7.308   -1.019  9.405   1.00 52.03  ? 46  THR A O   1 
ATOM   218  C CB  . THR A 1 30  ? 5.948   -3.168  11.254  1.00 51.03  ? 46  THR A CB  1 
ATOM   219  O OG1 . THR A 1 30  ? 4.540   -3.245  11.008  1.00 54.92  ? 46  THR A OG1 1 
ATOM   220  C CG2 . THR A 1 30  ? 6.290   -4.025  12.462  1.00 48.64  ? 46  THR A CG2 1 
ATOM   221  N N   . TRP A 1 31  ? 5.286   -0.184  9.954   1.00 54.59  ? 47  TRP A N   1 
ATOM   222  C CA  . TRP A 1 31  ? 5.213   0.749   8.838   1.00 52.55  ? 47  TRP A CA  1 
ATOM   223  C C   . TRP A 1 31  ? 5.736   2.114   9.269   1.00 51.45  ? 47  TRP A C   1 
ATOM   224  O O   . TRP A 1 31  ? 5.296   2.665   10.279  1.00 50.62  ? 47  TRP A O   1 
ATOM   225  C CB  . TRP A 1 31  ? 3.779   0.877   8.320   1.00 45.55  ? 47  TRP A CB  1 
ATOM   226  C CG  . TRP A 1 31  ? 3.360   -0.213  7.380   1.00 50.71  ? 47  TRP A CG  1 
ATOM   227  C CD1 . TRP A 1 31  ? 2.626   -1.323  7.685   1.00 46.76  ? 47  TRP A CD1 1 
ATOM   228  C CD2 . TRP A 1 31  ? 3.643   -0.293  5.978   1.00 48.73  ? 47  TRP A CD2 1 
ATOM   229  N NE1 . TRP A 1 31  ? 2.437   -2.090  6.560   1.00 51.07  ? 47  TRP A NE1 1 
ATOM   230  C CE2 . TRP A 1 31  ? 3.053   -1.480  5.499   1.00 50.48  ? 47  TRP A CE2 1 
ATOM   231  C CE3 . TRP A 1 31  ? 4.340   0.522   5.080   1.00 47.30  ? 47  TRP A CE3 1 
ATOM   232  C CZ2 . TRP A 1 31  ? 3.135   -1.870  4.164   1.00 49.29  ? 47  TRP A CZ2 1 
ATOM   233  C CZ3 . TRP A 1 31  ? 4.424   0.132   3.755   1.00 42.17  ? 47  TRP A CZ3 1 
ATOM   234  C CH2 . TRP A 1 31  ? 3.826   -1.053  3.310   1.00 48.59  ? 47  TRP A CH2 1 
ATOM   235  N N   . LYS A 1 32  ? 6.679   2.655   8.507   1.00 48.06  ? 48  LYS A N   1 
ATOM   236  C CA  . LYS A 1 32  ? 7.260   3.953   8.822   1.00 44.25  ? 48  LYS A CA  1 
ATOM   237  C C   . LYS A 1 32  ? 7.328   4.849   7.591   1.00 48.06  ? 48  LYS A C   1 
ATOM   238  O O   . LYS A 1 32  ? 7.538   4.371   6.475   1.00 50.38  ? 48  LYS A O   1 
ATOM   239  C CB  . LYS A 1 32  ? 8.661   3.783   9.417   1.00 52.10  ? 48  LYS A CB  1 
ATOM   240  C CG  . LYS A 1 32  ? 8.712   2.955   10.695  1.00 53.08  ? 48  LYS A CG  1 
ATOM   241  C CD  . LYS A 1 32  ? 10.098  2.982   11.316  1.00 44.38  ? 48  LYS A CD  1 
ATOM   242  C CE  . LYS A 1 32  ? 11.011  1.939   10.691  1.00 57.81  ? 48  LYS A CE  1 
ATOM   243  N NZ  . LYS A 1 32  ? 10.580  0.550   11.017  1.00 63.70  ? 48  LYS A NZ  1 
ATOM   244  N N   . TRP A 1 33  ? 7.143   6.149   7.796   1.00 50.00  ? 49  TRP A N   1 
ATOM   245  C CA  . TRP A 1 33  ? 7.393   7.124   6.741   1.00 42.53  ? 49  TRP A CA  1 
ATOM   246  C C   . TRP A 1 33  ? 8.863   7.093   6.347   1.00 44.64  ? 49  TRP A C   1 
ATOM   247  O O   . TRP A 1 33  ? 9.716   6.673   7.130   1.00 42.05  ? 49  TRP A O   1 
ATOM   248  C CB  . TRP A 1 33  ? 7.017   8.537   7.190   1.00 39.06  ? 49  TRP A CB  1 
ATOM   249  C CG  . TRP A 1 33  ? 5.556   8.855   7.143   1.00 41.11  ? 49  TRP A CG  1 
ATOM   250  C CD1 . TRP A 1 33  ? 4.736   9.095   8.207   1.00 44.03  ? 49  TRP A CD1 1 
ATOM   251  C CD2 . TRP A 1 33  ? 4.742   8.988   5.972   1.00 42.88  ? 49  TRP A CD2 1 
ATOM   252  N NE1 . TRP A 1 33  ? 3.462   9.363   7.771   1.00 44.66  ? 49  TRP A NE1 1 
ATOM   253  C CE2 . TRP A 1 33  ? 3.439   9.303   6.402   1.00 42.86  ? 49  TRP A CE2 1 
ATOM   254  C CE3 . TRP A 1 33  ? 4.988   8.864   4.600   1.00 37.89  ? 49  TRP A CE3 1 
ATOM   255  C CZ2 . TRP A 1 33  ? 2.385   9.500   5.513   1.00 38.86  ? 49  TRP A CZ2 1 
ATOM   256  C CZ3 . TRP A 1 33  ? 3.941   9.060   3.718   1.00 43.34  ? 49  TRP A CZ3 1 
ATOM   257  C CH2 . TRP A 1 33  ? 2.656   9.373   4.178   1.00 38.86  ? 49  TRP A CH2 1 
ATOM   258  N N   . ASN A 1 34  ? 9.157   7.543   5.133   1.00 45.08  ? 50  ASN A N   1 
ATOM   259  C CA  . ASN A 1 34  ? 10.539  7.714   4.709   1.00 38.39  ? 50  ASN A CA  1 
ATOM   260  C C   . ASN A 1 34  ? 11.226  8.758   5.572   1.00 39.22  ? 50  ASN A C   1 
ATOM   261  O O   . ASN A 1 34  ? 10.578  9.678   6.076   1.00 38.79  ? 50  ASN A O   1 
ATOM   262  C CB  . ASN A 1 34  ? 10.610  8.136   3.244   1.00 36.14  ? 50  ASN A CB  1 
ATOM   263  C CG  . ASN A 1 34  ? 10.166  9.575   3.034   1.00 38.97  ? 50  ASN A CG  1 
ATOM   264  O OD1 . ASN A 1 34  ? 8.971   9.866   2.995   1.00 43.00  ? 50  ASN A OD1 1 
ATOM   265  N ND2 . ASN A 1 34  ? 11.128  10.482  2.906   1.00 35.13  ? 50  ASN A ND2 1 
ATOM   266  N N   . GLU A 1 35  ? 12.534  8.617   5.747   1.00 38.46  ? 51  GLU A N   1 
ATOM   267  C CA  . GLU A 1 35  ? 13.316  9.669   6.377   1.00 41.63  ? 51  GLU A CA  1 
ATOM   268  C C   . GLU A 1 35  ? 13.911  10.532  5.274   1.00 43.48  ? 51  GLU A C   1 
ATOM   269  O O   . GLU A 1 35  ? 13.986  10.099  4.125   1.00 37.46  ? 51  GLU A O   1 
ATOM   270  C CB  . GLU A 1 35  ? 14.410  9.086   7.272   1.00 39.42  ? 51  GLU A CB  1 
ATOM   271  C CG  . GLU A 1 35  ? 13.891  8.160   8.361   1.00 43.19  ? 51  GLU A CG  1 
ATOM   272  C CD  . GLU A 1 35  ? 14.930  7.873   9.430   1.00 48.66  ? 51  GLU A CD  1 
ATOM   273  O OE1 . GLU A 1 35  ? 15.714  6.916   9.262   1.00 48.55  ? 51  GLU A OE1 1 
ATOM   274  O OE2 . GLU A 1 35  ? 14.961  8.608   10.439  1.00 50.44  ? 51  GLU A OE2 1 
ATOM   275  N N   . GLU A 1 36  ? 14.315  11.752  5.609   1.00 42.82  ? 52  GLU A N   1 
ATOM   276  C CA  . GLU A 1 36  ? 14.934  12.624  4.617   1.00 41.70  ? 52  GLU A CA  1 
ATOM   277  C C   . GLU A 1 36  ? 16.269  12.049  4.156   1.00 43.66  ? 52  GLU A C   1 
ATOM   278  O O   . GLU A 1 36  ? 17.052  11.548  4.961   1.00 47.29  ? 52  GLU A O   1 
ATOM   279  C CB  . GLU A 1 36  ? 15.127  14.036  5.171   1.00 37.50  ? 52  GLU A CB  1 
ATOM   280  C CG  . GLU A 1 36  ? 13.870  14.890  5.128   1.00 52.66  ? 52  GLU A CG  1 
ATOM   281  C CD  . GLU A 1 36  ? 14.137  16.339  5.480   1.00 50.71  ? 52  GLU A CD  1 
ATOM   282  O OE1 . GLU A 1 36  ? 15.132  16.904  4.977   1.00 53.52  ? 52  GLU A OE1 1 
ATOM   283  O OE2 . GLU A 1 36  ? 13.352  16.917  6.260   1.00 64.90  ? 52  GLU A OE2 1 
ATOM   284  N N   . SER A 1 37  ? 16.515  12.121  2.853   1.00 44.23  ? 53  SER A N   1 
ATOM   285  C CA  . SER A 1 37  ? 17.716  11.547  2.262   1.00 41.29  ? 53  SER A CA  1 
ATOM   286  C C   . SER A 1 37  ? 18.010  12.192  0.914   1.00 41.31  ? 53  SER A C   1 
ATOM   287  O O   . SER A 1 37  ? 17.100  12.658  0.230   1.00 43.20  ? 53  SER A O   1 
ATOM   288  C CB  . SER A 1 37  ? 17.562  10.034  2.102   1.00 40.51  ? 53  SER A CB  1 
ATOM   289  O OG  . SER A 1 37  ? 18.709  9.463   1.499   1.00 45.73  ? 53  SER A OG  1 
ATOM   290  N N   . SER A 1 38  ? 19.284  12.218  0.535   1.00 38.72  ? 54  SER A N   1 
ATOM   291  C CA  . SER A 1 38  ? 19.686  12.787  -0.746  1.00 38.79  ? 54  SER A CA  1 
ATOM   292  C C   . SER A 1 38  ? 19.488  11.775  -1.868  1.00 36.28  ? 54  SER A C   1 
ATOM   293  O O   . SER A 1 38  ? 19.649  12.096  -3.045  1.00 36.75  ? 54  SER A O   1 
ATOM   294  C CB  . SER A 1 38  ? 21.144  13.249  -0.700  1.00 42.08  ? 54  SER A CB  1 
ATOM   295  O OG  . SER A 1 38  ? 22.027  12.150  -0.561  1.00 43.46  ? 54  SER A OG  1 
ATOM   296  N N   . ASP A 1 39  ? 19.142  10.548  -1.491  1.00 36.89  ? 55  ASP A N   1 
ATOM   297  C CA  . ASP A 1 39  ? 18.862  9.494   -2.455  1.00 40.17  ? 55  ASP A CA  1 
ATOM   298  C C   . ASP A 1 39  ? 17.429  9.598   -2.949  1.00 44.03  ? 55  ASP A C   1 
ATOM   299  O O   . ASP A 1 39  ? 17.065  9.009   -3.966  1.00 40.16  ? 55  ASP A O   1 
ATOM   300  C CB  . ASP A 1 39  ? 19.102  8.116   -1.837  1.00 50.13  ? 55  ASP A CB  1 
ATOM   301  C CG  . ASP A 1 39  ? 20.566  7.846   -1.560  1.00 59.85  ? 55  ASP A CG  1 
ATOM   302  O OD1 . ASP A 1 39  ? 20.868  7.206   -0.531  1.00 66.09  ? 55  ASP A OD1 1 
ATOM   303  O OD2 . ASP A 1 39  ? 21.413  8.275   -2.371  1.00 70.94  ? 55  ASP A OD2 1 
ATOM   304  N N   . ILE A 1 40  ? 16.617  10.356  -2.218  1.00 37.59  ? 56  ILE A N   1 
ATOM   305  C CA  . ILE A 1 40  ? 15.193  10.450  -2.507  1.00 41.67  ? 56  ILE A CA  1 
ATOM   306  C C   . ILE A 1 40  ? 14.878  11.532  -3.534  1.00 38.22  ? 56  ILE A C   1 
ATOM   307  O O   . ILE A 1 40  ? 15.294  12.680  -3.393  1.00 38.16  ? 56  ILE A O   1 
ATOM   308  C CB  . ILE A 1 40  ? 14.386  10.721  -1.223  1.00 41.80  ? 56  ILE A CB  1 
ATOM   309  C CG1 . ILE A 1 40  ? 14.392  9.477   -0.332  1.00 37.21  ? 56  ILE A CG1 1 
ATOM   310  C CG2 . ILE A 1 40  ? 12.956  11.122  -1.558  1.00 33.73  ? 56  ILE A CG2 1 
ATOM   311  C CD1 . ILE A 1 40  ? 13.695  9.672   0.985   1.00 36.45  ? 56  ILE A CD1 1 
ATOM   312  N N   . SER A 1 41  ? 14.148  11.151  -4.575  1.00 35.08  ? 57  SER A N   1 
ATOM   313  C CA  . SER A 1 41  ? 13.634  12.112  -5.538  1.00 38.53  ? 57  SER A CA  1 
ATOM   314  C C   . SER A 1 41  ? 12.350  12.718  -4.987  1.00 34.86  ? 57  SER A C   1 
ATOM   315  O O   . SER A 1 41  ? 11.290  12.098  -5.034  1.00 35.18  ? 57  SER A O   1 
ATOM   316  C CB  . SER A 1 41  ? 13.388  11.449  -6.893  1.00 38.29  ? 57  SER A CB  1 
ATOM   317  O OG  . SER A 1 41  ? 13.067  12.414  -7.878  1.00 52.45  ? 57  SER A OG  1 
ATOM   318  N N   . TYR A 1 42  ? 12.458  13.931  -4.457  1.00 41.58  ? 58  TYR A N   1 
ATOM   319  C CA  . TYR A 1 42  ? 11.365  14.554  -3.719  1.00 40.76  ? 58  TYR A CA  1 
ATOM   320  C C   . TYR A 1 42  ? 10.242  15.064  -4.607  1.00 43.66  ? 58  TYR A C   1 
ATOM   321  O O   . TYR A 1 42  ? 10.478  15.588  -5.695  1.00 48.23  ? 58  TYR A O   1 
ATOM   322  C CB  . TYR A 1 42  ? 11.893  15.713  -2.871  1.00 40.56  ? 58  TYR A CB  1 
ATOM   323  C CG  . TYR A 1 42  ? 12.682  15.278  -1.661  1.00 39.94  ? 58  TYR A CG  1 
ATOM   324  C CD1 . TYR A 1 42  ? 12.052  14.679  -0.579  1.00 41.72  ? 58  TYR A CD1 1 
ATOM   325  C CD2 . TYR A 1 42  ? 14.053  15.476  -1.595  1.00 37.12  ? 58  TYR A CD2 1 
ATOM   326  C CE1 . TYR A 1 42  ? 12.768  14.281  0.533   1.00 40.41  ? 58  TYR A CE1 1 
ATOM   327  C CE2 . TYR A 1 42  ? 14.778  15.083  -0.486  1.00 39.89  ? 58  TYR A CE2 1 
ATOM   328  C CZ  . TYR A 1 42  ? 14.131  14.486  0.574   1.00 43.42  ? 58  TYR A CZ  1 
ATOM   329  O OH  . TYR A 1 42  ? 14.848  14.092  1.680   1.00 45.55  ? 58  TYR A OH  1 
ATOM   330  N N   . ARG A 1 43  ? 9.015   14.906  -4.124  1.00 44.88  ? 59  ARG A N   1 
ATOM   331  C CA  . ARG A 1 43  ? 7.859   15.520  -4.755  1.00 38.83  ? 59  ARG A CA  1 
ATOM   332  C C   . ARG A 1 43  ? 7.454   16.746  -3.952  1.00 37.21  ? 59  ARG A C   1 
ATOM   333  O O   . ARG A 1 43  ? 7.375   16.693  -2.724  1.00 38.10  ? 59  ARG A O   1 
ATOM   334  C CB  . ARG A 1 43  ? 6.694   14.539  -4.848  1.00 38.00  ? 59  ARG A CB  1 
ATOM   335  C CG  . ARG A 1 43  ? 7.049   13.187  -5.439  1.00 46.52  ? 59  ARG A CG  1 
ATOM   336  C CD  . ARG A 1 43  ? 7.767   13.298  -6.769  1.00 42.43  ? 59  ARG A CD  1 
ATOM   337  N NE  . ARG A 1 43  ? 7.748   12.035  -7.502  1.00 46.68  ? 59  ARG A NE  1 
ATOM   338  C CZ  . ARG A 1 43  ? 8.833   11.338  -7.829  1.00 40.79  ? 59  ARG A CZ  1 
ATOM   339  N NH1 . ARG A 1 43  ? 10.034  11.782  -7.490  1.00 44.05  ? 59  ARG A NH1 1 
ATOM   340  N NH2 . ARG A 1 43  ? 8.718   10.199  -8.497  1.00 44.82  ? 59  ARG A NH2 1 
ATOM   341  N N   . ASP A 1 44  ? 7.196   17.848  -4.645  1.00 40.65  ? 60  ASP A N   1 
ATOM   342  C CA  . ASP A 1 44  ? 6.868   19.107  -3.991  1.00 35.31  ? 60  ASP A CA  1 
ATOM   343  C C   . ASP A 1 44  ? 5.533   19.061  -3.252  1.00 37.92  ? 60  ASP A C   1 
ATOM   344  O O   . ASP A 1 44  ? 5.337   19.785  -2.277  1.00 42.11  ? 60  ASP A O   1 
ATOM   345  C CB  . ASP A 1 44  ? 6.850   20.241  -5.018  1.00 39.34  ? 60  ASP A CB  1 
ATOM   346  C CG  . ASP A 1 44  ? 8.238   20.604  -5.509  1.00 42.44  ? 60  ASP A CG  1 
ATOM   347  O OD1 . ASP A 1 44  ? 9.227   20.103  -4.930  1.00 45.42  ? 60  ASP A OD1 1 
ATOM   348  O OD2 . ASP A 1 44  ? 8.343   21.395  -6.470  1.00 42.16  ? 60  ASP A OD2 1 
ATOM   349  N N   . PHE A 1 45  ? 4.622   18.206  -3.710  1.00 34.30  ? 61  PHE A N   1 
ATOM   350  C CA  . PHE A 1 45  ? 3.263   18.182  -3.173  1.00 32.47  ? 61  PHE A CA  1 
ATOM   351  C C   . PHE A 1 45  ? 3.130   17.343  -1.907  1.00 35.46  ? 61  PHE A C   1 
ATOM   352  O O   . PHE A 1 45  ? 2.020   17.076  -1.446  1.00 31.84  ? 61  PHE A O   1 
ATOM   353  C CB  . PHE A 1 45  ? 2.284   17.675  -4.234  1.00 33.45  ? 61  PHE A CB  1 
ATOM   354  C CG  . PHE A 1 45  ? 2.769   16.468  -4.986  1.00 32.23  ? 61  PHE A CG  1 
ATOM   355  C CD1 . PHE A 1 45  ? 2.595   15.194  -4.469  1.00 28.84  ? 61  PHE A CD1 1 
ATOM   356  C CD2 . PHE A 1 45  ? 3.386   16.607  -6.217  1.00 33.57  ? 61  PHE A CD2 1 
ATOM   357  C CE1 . PHE A 1 45  ? 3.035   14.085  -5.166  1.00 32.82  ? 61  PHE A CE1 1 
ATOM   358  C CE2 . PHE A 1 45  ? 3.831   15.501  -6.917  1.00 32.73  ? 61  PHE A CE2 1 
ATOM   359  C CZ  . PHE A 1 45  ? 3.655   14.240  -6.390  1.00 31.48  ? 61  PHE A CZ  1 
ATOM   360  N N   . LEU A 1 46  ? 4.262   16.935  -1.345  1.00 35.05  ? 62  LEU A N   1 
ATOM   361  C CA  . LEU A 1 46  ? 4.270   16.173  -0.100  1.00 36.87  ? 62  LEU A CA  1 
ATOM   362  C C   . LEU A 1 46  ? 5.420   16.635  0.787   1.00 36.41  ? 62  LEU A C   1 
ATOM   363  O O   . LEU A 1 46  ? 6.418   17.152  0.287   1.00 40.60  ? 62  LEU A O   1 
ATOM   364  C CB  . LEU A 1 46  ? 4.383   14.672  -0.383  1.00 33.11  ? 62  LEU A CB  1 
ATOM   365  C CG  . LEU A 1 46  ? 3.176   13.987  -1.031  1.00 35.76  ? 62  LEU A CG  1 
ATOM   366  C CD1 . LEU A 1 46  ? 3.523   12.568  -1.460  1.00 33.58  ? 62  LEU A CD1 1 
ATOM   367  C CD2 . LEU A 1 46  ? 1.994   13.979  -0.078  1.00 35.41  ? 62  LEU A CD2 1 
ATOM   368  N N   . PRO A 1 47  ? 5.280   16.464  2.112   1.00 37.70  ? 63  PRO A N   1 
ATOM   369  C CA  . PRO A 1 47  ? 6.392   16.787  3.010   1.00 32.06  ? 63  PRO A CA  1 
ATOM   370  C C   . PRO A 1 47  ? 7.588   15.882  2.744   1.00 34.07  ? 63  PRO A C   1 
ATOM   371  O O   . PRO A 1 47  ? 7.402   14.732  2.353   1.00 34.34  ? 63  PRO A O   1 
ATOM   372  C CB  . PRO A 1 47  ? 5.810   16.537  4.406   1.00 30.82  ? 63  PRO A CB  1 
ATOM   373  C CG  . PRO A 1 47  ? 4.328   16.579  4.223   1.00 40.00  ? 63  PRO A CG  1 
ATOM   374  C CD  . PRO A 1 47  ? 4.079   16.038  2.850   1.00 36.18  ? 63  PRO A CD  1 
ATOM   375  N N   . LYS A 1 48  ? 8.794   16.397  2.955   1.00 40.47  ? 64  LYS A N   1 
ATOM   376  C CA  . LYS A 1 48  ? 10.005  15.644  2.650   1.00 41.09  ? 64  LYS A CA  1 
ATOM   377  C C   . LYS A 1 48  ? 10.121  14.370  3.482   1.00 41.11  ? 64  LYS A C   1 
ATOM   378  O O   . LYS A 1 48  ? 10.659  13.368  3.014   1.00 38.40  ? 64  LYS A O   1 
ATOM   379  C CB  . LYS A 1 48  ? 11.244  16.516  2.856   1.00 43.24  ? 64  LYS A CB  1 
ATOM   380  C CG  . LYS A 1 48  ? 11.378  17.643  1.847   1.00 40.69  ? 64  LYS A CG  1 
ATOM   381  C CD  . LYS A 1 48  ? 12.792  18.196  1.825   1.00 43.98  ? 64  LYS A CD  1 
ATOM   382  C CE  . LYS A 1 48  ? 13.125  18.792  0.468   1.00 49.40  ? 64  LYS A CE  1 
ATOM   383  N NZ  . LYS A 1 48  ? 14.563  19.169  0.372   1.00 55.96  ? 64  LYS A NZ  1 
ATOM   384  N N   . ASN A 1 49  ? 9.613   14.409  4.709   1.00 38.49  ? 65  ASN A N   1 
ATOM   385  C CA  . ASN A 1 49  ? 9.657   13.236  5.574   1.00 41.98  ? 65  ASN A CA  1 
ATOM   386  C C   . ASN A 1 49  ? 8.370   12.425  5.503   1.00 36.80  ? 65  ASN A C   1 
ATOM   387  O O   . ASN A 1 49  ? 8.165   11.498  6.287   1.00 42.04  ? 65  ASN A O   1 
ATOM   388  C CB  . ASN A 1 49  ? 9.940   13.642  7.023   1.00 47.57  ? 65  ASN A CB  1 
ATOM   389  C CG  . ASN A 1 49  ? 8.922   14.625  7.570   1.00 44.99  ? 65  ASN A CG  1 
ATOM   390  O OD1 . ASN A 1 49  ? 7.952   14.977  6.899   1.00 42.91  ? 65  ASN A OD1 1 
ATOM   391  N ND2 . ASN A 1 49  ? 9.139   15.073  8.801   1.00 54.00  ? 65  ASN A ND2 1 
ATOM   392  N N   . LYS A 1 50  ? 7.499   12.783  4.566   1.00 38.19  ? 66  LYS A N   1 
ATOM   393  C CA  . LYS A 1 50  ? 6.257   12.046  4.364   1.00 42.17  ? 66  LYS A CA  1 
ATOM   394  C C   . LYS A 1 50  ? 5.970   11.869  2.879   1.00 40.66  ? 66  LYS A C   1 
ATOM   395  O O   . LYS A 1 50  ? 4.903   12.233  2.382   1.00 37.49  ? 66  LYS A O   1 
ATOM   396  C CB  . LYS A 1 50  ? 5.096   12.747  5.070   1.00 37.79  ? 66  LYS A CB  1 
ATOM   397  C CG  . LYS A 1 50  ? 5.094   12.500  6.569   1.00 41.38  ? 66  LYS A CG  1 
ATOM   398  C CD  . LYS A 1 50  ? 4.110   13.379  7.307   1.00 45.53  ? 66  LYS A CD  1 
ATOM   399  C CE  . LYS A 1 50  ? 4.224   13.162  8.809   1.00 39.98  ? 66  LYS A CE  1 
ATOM   400  N NZ  . LYS A 1 50  ? 3.193   13.924  9.570   1.00 46.20  ? 66  LYS A NZ  1 
ATOM   401  N N   . GLN A 1 51  ? 6.946   11.295  2.185   1.00 42.68  ? 67  GLN A N   1 
ATOM   402  C CA  . GLN A 1 51  ? 6.861   11.045  0.754   1.00 36.05  ? 67  GLN A CA  1 
ATOM   403  C C   . GLN A 1 51  ? 6.232   9.684   0.473   1.00 39.10  ? 67  GLN A C   1 
ATOM   404  O O   . GLN A 1 51  ? 5.301   9.569   -0.325  1.00 41.21  ? 67  GLN A O   1 
ATOM   405  C CB  . GLN A 1 51  ? 8.255   11.122  0.129   1.00 34.16  ? 67  GLN A CB  1 
ATOM   406  C CG  . GLN A 1 51  ? 8.915   12.485  0.221   1.00 35.26  ? 67  GLN A CG  1 
ATOM   407  C CD  . GLN A 1 51  ? 8.444   13.437  -0.860  1.00 36.29  ? 67  GLN A CD  1 
ATOM   408  O OE1 . GLN A 1 51  ? 8.531   13.136  -2.051  1.00 33.96  ? 67  GLN A OE1 1 
ATOM   409  N NE2 . GLN A 1 51  ? 7.941   14.594  -0.449  1.00 38.73  ? 67  GLN A NE2 1 
ATOM   410  N N   . PHE A 1 52  ? 6.752   8.655   1.134   1.00 36.07  ? 68  PHE A N   1 
ATOM   411  C CA  . PHE A 1 52  ? 6.251   7.298   0.965   1.00 35.50  ? 68  PHE A CA  1 
ATOM   412  C C   . PHE A 1 52  ? 6.409   6.490   2.248   1.00 38.95  ? 68  PHE A C   1 
ATOM   413  O O   . PHE A 1 52  ? 7.154   6.876   3.147   1.00 39.79  ? 68  PHE A O   1 
ATOM   414  C CB  . PHE A 1 52  ? 6.966   6.598   -0.197  1.00 36.17  ? 68  PHE A CB  1 
ATOM   415  C CG  . PHE A 1 52  ? 8.469   6.653   -0.115  1.00 38.14  ? 68  PHE A CG  1 
ATOM   416  C CD1 . PHE A 1 52  ? 9.169   7.710   -0.676  1.00 35.44  ? 68  PHE A CD1 1 
ATOM   417  C CD2 . PHE A 1 52  ? 9.183   5.642   0.508   1.00 37.97  ? 68  PHE A CD2 1 
ATOM   418  C CE1 . PHE A 1 52  ? 10.549  7.764   -0.609  1.00 39.77  ? 68  PHE A CE1 1 
ATOM   419  C CE2 . PHE A 1 52  ? 10.566  5.690   0.578   1.00 37.92  ? 68  PHE A CE2 1 
ATOM   420  C CZ  . PHE A 1 52  ? 11.249  6.751   0.019   1.00 35.57  ? 68  PHE A CZ  1 
ATOM   421  N N   . LEU A 1 53  ? 5.701   5.368   2.325   1.00 43.76  ? 69  LEU A N   1 
ATOM   422  C CA  . LEU A 1 53  ? 5.724   4.516   3.509   1.00 42.13  ? 69  LEU A CA  1 
ATOM   423  C C   . LEU A 1 53  ? 6.498   3.230   3.248   1.00 39.36  ? 69  LEU A C   1 
ATOM   424  O O   . LEU A 1 53  ? 6.400   2.646   2.170   1.00 39.03  ? 69  LEU A O   1 
ATOM   425  C CB  . LEU A 1 53  ? 4.299   4.195   3.959   1.00 44.69  ? 69  LEU A CB  1 
ATOM   426  C CG  . LEU A 1 53  ? 3.507   5.384   4.500   1.00 39.90  ? 69  LEU A CG  1 
ATOM   427  C CD1 . LEU A 1 53  ? 2.029   5.182   4.270   1.00 38.21  ? 69  LEU A CD1 1 
ATOM   428  C CD2 . LEU A 1 53  ? 3.793   5.578   5.979   1.00 43.15  ? 69  LEU A CD2 1 
ATOM   429  N N   . ILE A 1 54  ? 7.266   2.795   4.242   1.00 47.46  ? 70  ILE A N   1 
ATOM   430  C CA  . ILE A 1 54  ? 8.138   1.635   4.092   1.00 42.92  ? 70  ILE A CA  1 
ATOM   431  C C   . ILE A 1 54  ? 7.922   0.600   5.192   1.00 40.35  ? 70  ILE A C   1 
ATOM   432  O O   . ILE A 1 54  ? 7.784   0.945   6.363   1.00 48.13  ? 70  ILE A O   1 
ATOM   433  C CB  . ILE A 1 54  ? 9.630   2.045   4.110   1.00 38.09  ? 70  ILE A CB  1 
ATOM   434  C CG1 . ILE A 1 54  ? 9.849   3.357   3.355   1.00 40.46  ? 70  ILE A CG1 1 
ATOM   435  C CG2 . ILE A 1 54  ? 10.501  0.932   3.542   1.00 40.76  ? 70  ILE A CG2 1 
ATOM   436  C CD1 . ILE A 1 54  ? 11.236  3.928   3.533   1.00 41.50  ? 70  ILE A CD1 1 
ATOM   437  N N   . ILE A 1 55  ? 7.889   -0.672  4.809   1.00 43.13  ? 71  ILE A N   1 
ATOM   438  C CA  . ILE A 1 55  ? 7.967   -1.760  5.778   1.00 44.03  ? 71  ILE A CA  1 
ATOM   439  C C   . ILE A 1 55  ? 9.081   -2.695  5.318   1.00 47.41  ? 71  ILE A C   1 
ATOM   440  O O   . ILE A 1 55  ? 9.260   -2.918  4.120   1.00 48.99  ? 71  ILE A O   1 
ATOM   441  C CB  . ILE A 1 55  ? 6.627   -2.515  5.932   1.00 51.44  ? 71  ILE A CB  1 
ATOM   442  C CG1 . ILE A 1 55  ? 6.677   -3.453  7.139   1.00 53.05  ? 71  ILE A CG1 1 
ATOM   443  C CG2 . ILE A 1 55  ? 6.280   -3.290  4.676   1.00 47.90  ? 71  ILE A CG2 1 
ATOM   444  C CD1 . ILE A 1 55  ? 5.415   -4.262  7.334   1.00 53.67  ? 71  ILE A CD1 1 
ATOM   445  N N   . ARG A 1 56  ? 9.846   -3.217  6.269   1.00 50.19  ? 72  ARG A N   1 
ATOM   446  C CA  . ARG A 1 56  ? 11.071  -3.933  5.935   1.00 49.57  ? 72  ARG A CA  1 
ATOM   447  C C   . ARG A 1 56  ? 11.000  -5.432  6.205   1.00 54.45  ? 72  ARG A C   1 
ATOM   448  O O   . ARG A 1 56  ? 10.537  -5.867  7.259   1.00 52.18  ? 72  ARG A O   1 
ATOM   449  C CB  . ARG A 1 56  ? 12.251  -3.338  6.707   1.00 49.55  ? 72  ARG A CB  1 
ATOM   450  C CG  . ARG A 1 56  ? 12.531  -1.876  6.406   1.00 45.82  ? 72  ARG A CG  1 
ATOM   451  C CD  . ARG A 1 56  ? 13.212  -1.691  5.060   1.00 40.61  ? 72  ARG A CD  1 
ATOM   452  N NE  . ARG A 1 56  ? 13.559  -0.291  4.834   1.00 39.73  ? 72  ARG A NE  1 
ATOM   453  C CZ  . ARG A 1 56  ? 14.125  0.172   3.725   1.00 42.35  ? 72  ARG A CZ  1 
ATOM   454  N NH1 . ARG A 1 56  ? 14.415  -0.653  2.729   1.00 47.02  ? 72  ARG A NH1 1 
ATOM   455  N NH2 . ARG A 1 56  ? 14.405  1.463   3.613   1.00 45.77  ? 72  ARG A NH2 1 
ATOM   456  N N   . LYS A 1 57  ? 11.460  -6.205  5.224   1.00 50.83  ? 73  LYS A N   1 
ATOM   457  C CA  . LYS A 1 57  ? 11.738  -7.631  5.383   1.00 53.90  ? 73  LYS A CA  1 
ATOM   458  C C   . LYS A 1 57  ? 10.557  -8.444  5.909   1.00 59.64  ? 73  LYS A C   1 
ATOM   459  O O   . LYS A 1 57  ? 10.697  -9.222  6.853   1.00 65.16  ? 73  LYS A O   1 
ATOM   460  C CB  . LYS A 1 57  ? 12.952  -7.823  6.300   1.00 57.81  ? 73  LYS A CB  1 
ATOM   461  C CG  . LYS A 1 57  ? 14.296  -7.697  5.583   1.00 57.07  ? 73  LYS A CG  1 
ATOM   462  C CD  . LYS A 1 57  ? 14.579  -6.262  5.150   1.00 53.93  ? 73  LYS A CD  1 
ATOM   463  C CE  . LYS A 1 57  ? 15.745  -6.183  4.180   1.00 53.46  ? 73  LYS A CE  1 
ATOM   464  N NZ  . LYS A 1 57  ? 15.864  -4.825  3.576   1.00 48.04  ? 73  LYS A NZ  1 
ATOM   465  N N   . VAL A 1 58  ? 9.396   -8.260  5.289   1.00 55.93  ? 74  VAL A N   1 
ATOM   466  C CA  . VAL A 1 58  ? 8.235   -9.085  5.592   1.00 55.83  ? 74  VAL A CA  1 
ATOM   467  C C   . VAL A 1 58  ? 8.455   -10.466 4.991   1.00 57.91  ? 74  VAL A C   1 
ATOM   468  O O   . VAL A 1 58  ? 8.671   -10.589 3.787   1.00 61.58  ? 74  VAL A O   1 
ATOM   469  C CB  . VAL A 1 58  ? 6.935   -8.470  5.042   1.00 57.57  ? 74  VAL A CB  1 
ATOM   470  C CG1 . VAL A 1 58  ? 5.722   -9.165  5.641   1.00 61.95  ? 74  VAL A CG1 1 
ATOM   471  C CG2 . VAL A 1 58  ? 6.891   -6.981  5.338   1.00 50.67  ? 74  VAL A CG2 1 
ATOM   472  N N   . PRO A 1 59  ? 8.410   -11.511 5.830   1.00 63.62  ? 75  PRO A N   1 
ATOM   473  C CA  . PRO A 1 59  ? 8.732   -12.865 5.366   1.00 61.84  ? 75  PRO A CA  1 
ATOM   474  C C   . PRO A 1 59  ? 7.684   -13.438 4.421   1.00 63.89  ? 75  PRO A C   1 
ATOM   475  O O   . PRO A 1 59  ? 6.505   -13.104 4.530   1.00 65.36  ? 75  PRO A O   1 
ATOM   476  C CB  . PRO A 1 59  ? 8.788   -13.672 6.662   1.00 62.94  ? 75  PRO A CB  1 
ATOM   477  C CG  . PRO A 1 59  ? 7.862   -12.957 7.580   1.00 65.65  ? 75  PRO A CG  1 
ATOM   478  C CD  . PRO A 1 59  ? 8.004   -11.495 7.247   1.00 64.59  ? 75  PRO A CD  1 
ATOM   479  N N   . ALA A 1 60  ? 8.123   -14.302 3.510   1.00 69.80  ? 76  ALA A N   1 
ATOM   480  C CA  . ALA A 1 60  ? 7.221   -14.980 2.587   1.00 78.13  ? 76  ALA A CA  1 
ATOM   481  C C   . ALA A 1 60  ? 7.154   -16.481 2.864   1.00 84.29  ? 76  ALA A C   1 
ATOM   482  O O   . ALA A 1 60  ? 7.286   -16.912 4.013   1.00 84.32  ? 76  ALA A O   1 
ATOM   483  C CB  . ALA A 1 60  ? 7.651   -14.734 1.152   1.00 72.33  ? 76  ALA A CB  1 
ATOM   484  N N   . ASP A 1 61  ? 6.944   -17.255 1.798   1.00 88.25  ? 77  ASP A N   1 
ATOM   485  C CA  . ASP A 1 61  ? 6.858   -18.717 1.854   1.00 88.35  ? 77  ASP A CA  1 
ATOM   486  C C   . ASP A 1 61  ? 5.637   -19.184 2.634   1.00 89.17  ? 77  ASP A C   1 
ATOM   487  O O   . ASP A 1 61  ? 4.591   -19.464 2.050   1.00 89.07  ? 77  ASP A O   1 
ATOM   488  C CB  . ASP A 1 61  ? 8.127   -19.319 2.464   1.00 92.78  ? 77  ASP A CB  1 
ATOM   489  C CG  . ASP A 1 61  ? 7.892   -20.698 3.055   1.00 95.33  ? 77  ASP A CG  1 
ATOM   490  O OD1 . ASP A 1 61  ? 7.989   -21.694 2.310   1.00 94.42  ? 77  ASP A OD1 1 
ATOM   491  O OD2 . ASP A 1 61  ? 7.602   -20.782 4.268   1.00 97.03  ? 77  ASP A OD2 1 
ATOM   492  N N   . GLU A 1 76  ? 13.895  -19.318 2.256   1.00 90.62  ? 166 GLU A N   1 
ATOM   493  C CA  . GLU A 1 76  ? 12.765  -18.428 2.495   1.00 90.89  ? 166 GLU A CA  1 
ATOM   494  C C   . GLU A 1 76  ? 12.973  -17.082 1.808   1.00 82.65  ? 166 GLU A C   1 
ATOM   495  O O   . GLU A 1 76  ? 14.049  -16.807 1.275   1.00 79.10  ? 166 GLU A O   1 
ATOM   496  C CB  . GLU A 1 76  ? 12.547  -18.228 3.997   1.00 87.33  ? 166 GLU A CB  1 
ATOM   497  N N   . ARG A 1 77  ? 11.938  -16.247 1.825   1.00 77.75  ? 167 ARG A N   1 
ATOM   498  C CA  . ARG A 1 77  ? 11.994  -14.942 1.174   1.00 70.46  ? 167 ARG A CA  1 
ATOM   499  C C   . ARG A 1 77  ? 11.577  -13.815 2.111   1.00 63.83  ? 167 ARG A C   1 
ATOM   500  O O   . ARG A 1 77  ? 10.891  -14.041 3.107   1.00 65.45  ? 167 ARG A O   1 
ATOM   501  C CB  . ARG A 1 77  ? 11.104  -14.927 -0.070  1.00 64.21  ? 167 ARG A CB  1 
ATOM   502  C CG  . ARG A 1 77  ? 11.631  -15.744 -1.232  1.00 64.52  ? 167 ARG A CG  1 
ATOM   503  C CD  . ARG A 1 77  ? 10.629  -15.766 -2.370  1.00 57.03  ? 167 ARG A CD  1 
ATOM   504  N NE  . ARG A 1 77  ? 11.154  -16.438 -3.553  1.00 55.50  ? 167 ARG A NE  1 
ATOM   505  C CZ  . ARG A 1 77  ? 10.470  -16.608 -4.678  1.00 60.62  ? 167 ARG A CZ  1 
ATOM   506  N NH1 . ARG A 1 77  ? 9.227   -16.157 -4.774  1.00 60.62  ? 167 ARG A NH1 1 
ATOM   507  N NH2 . ARG A 1 77  ? 11.027  -17.232 -5.708  1.00 65.17  ? 167 ARG A NH2 1 
ATOM   508  N N   . TYR A 1 78  ? 11.999  -12.599 1.780   1.00 61.02  ? 168 TYR A N   1 
ATOM   509  C CA  . TYR A 1 78  ? 11.631  -11.417 2.549   1.00 59.26  ? 168 TYR A CA  1 
ATOM   510  C C   . TYR A 1 78  ? 11.349  -10.249 1.611   1.00 54.47  ? 168 TYR A C   1 
ATOM   511  O O   . TYR A 1 78  ? 11.976  -10.123 0.559   1.00 51.38  ? 168 TYR A O   1 
ATOM   512  C CB  . TYR A 1 78  ? 12.733  -11.058 3.547   1.00 66.22  ? 168 TYR A CB  1 
ATOM   513  C CG  . TYR A 1 78  ? 13.043  -12.175 4.515   1.00 71.51  ? 168 TYR A CG  1 
ATOM   514  C CD1 . TYR A 1 78  ? 12.268  -12.369 5.652   1.00 70.40  ? 168 TYR A CD1 1 
ATOM   515  C CD2 . TYR A 1 78  ? 14.099  -13.047 4.286   1.00 76.30  ? 168 TYR A CD2 1 
ATOM   516  C CE1 . TYR A 1 78  ? 12.541  -13.395 6.536   1.00 72.35  ? 168 TYR A CE1 1 
ATOM   517  C CE2 . TYR A 1 78  ? 14.380  -14.077 5.166   1.00 75.82  ? 168 TYR A CE2 1 
ATOM   518  C CZ  . TYR A 1 78  ? 13.597  -14.246 6.288   1.00 75.14  ? 168 TYR A CZ  1 
ATOM   519  O OH  . TYR A 1 78  ? 13.873  -15.267 7.167   1.00 83.45  ? 168 TYR A OH  1 
ATOM   520  N N   . TYR A 1 79  ? 10.401  -9.400  1.992   1.00 50.46  ? 169 TYR A N   1 
ATOM   521  C CA  . TYR A 1 79  ? 9.969   -8.315  1.120   1.00 48.66  ? 169 TYR A CA  1 
ATOM   522  C C   . TYR A 1 79  ? 9.967   -6.950  1.790   1.00 46.36  ? 169 TYR A C   1 
ATOM   523  O O   . TYR A 1 79  ? 9.507   -6.795  2.921   1.00 43.05  ? 169 TYR A O   1 
ATOM   524  C CB  . TYR A 1 79  ? 8.569   -8.603  0.575   1.00 39.16  ? 169 TYR A CB  1 
ATOM   525  C CG  . TYR A 1 79  ? 8.556   -9.536  -0.609  1.00 47.43  ? 169 TYR A CG  1 
ATOM   526  C CD1 . TYR A 1 79  ? 8.762   -9.056  -1.895  1.00 45.67  ? 169 TYR A CD1 1 
ATOM   527  C CD2 . TYR A 1 79  ? 8.343   -10.898 -0.444  1.00 47.71  ? 169 TYR A CD2 1 
ATOM   528  C CE1 . TYR A 1 79  ? 8.754   -9.903  -2.984  1.00 45.44  ? 169 TYR A CE1 1 
ATOM   529  C CE2 . TYR A 1 79  ? 8.333   -11.753 -1.528  1.00 48.29  ? 169 TYR A CE2 1 
ATOM   530  C CZ  . TYR A 1 79  ? 8.539   -11.250 -2.796  1.00 48.63  ? 169 TYR A CZ  1 
ATOM   531  O OH  . TYR A 1 79  ? 8.532   -12.096 -3.881  1.00 53.54  ? 169 TYR A OH  1 
ATOM   532  N N   . ASP A 1 80  ? 10.491  -5.962  1.075   1.00 44.86  ? 170 ASP A N   1 
ATOM   533  C CA  . ASP A 1 80  ? 10.291  -4.571  1.443   1.00 46.34  ? 170 ASP A CA  1 
ATOM   534  C C   . ASP A 1 80  ? 9.110   -4.036  0.648   1.00 45.83  ? 170 ASP A C   1 
ATOM   535  O O   . ASP A 1 80  ? 9.147   -3.990  -0.581  1.00 44.61  ? 170 ASP A O   1 
ATOM   536  C CB  . ASP A 1 80  ? 11.540  -3.735  1.173   1.00 42.27  ? 170 ASP A CB  1 
ATOM   537  C CG  . ASP A 1 80  ? 12.706  -4.133  2.048   1.00 47.91  ? 170 ASP A CG  1 
ATOM   538  O OD1 . ASP A 1 80  ? 12.478  -4.807  3.074   1.00 52.10  ? 170 ASP A OD1 1 
ATOM   539  O OD2 . ASP A 1 80  ? 13.851  -3.766  1.712   1.00 45.61  ? 170 ASP A OD2 1 
ATOM   540  N N   . LEU A 1 81  ? 8.052   -3.650  1.348   1.00 38.92  ? 171 LEU A N   1 
ATOM   541  C CA  . LEU A 1 81  ? 6.887   -3.102  0.678   1.00 40.57  ? 171 LEU A CA  1 
ATOM   542  C C   . LEU A 1 81  ? 6.892   -1.584  0.784   1.00 38.96  ? 171 LEU A C   1 
ATOM   543  O O   . LEU A 1 81  ? 7.182   -1.027  1.842   1.00 39.68  ? 171 LEU A O   1 
ATOM   544  C CB  . LEU A 1 81  ? 5.601   -3.678  1.266   1.00 44.20  ? 171 LEU A CB  1 
ATOM   545  C CG  . LEU A 1 81  ? 5.555   -5.195  1.459   1.00 44.44  ? 171 LEU A CG  1 
ATOM   546  C CD1 . LEU A 1 81  ? 4.179   -5.622  1.940   1.00 50.67  ? 171 LEU A CD1 1 
ATOM   547  C CD2 . LEU A 1 81  ? 5.931   -5.922  0.178   1.00 47.16  ? 171 LEU A CD2 1 
ATOM   548  N N   . TYR A 1 82  ? 6.580   -0.920  -0.324  1.00 39.35  ? 172 TYR A N   1 
ATOM   549  C CA  . TYR A 1 82  ? 6.538   0.534   -0.359  1.00 37.47  ? 172 TYR A CA  1 
ATOM   550  C C   . TYR A 1 82  ? 5.150   1.024   -0.743  1.00 38.84  ? 172 TYR A C   1 
ATOM   551  O O   . TYR A 1 82  ? 4.524   0.482   -1.652  1.00 39.67  ? 172 TYR A O   1 
ATOM   552  C CB  . TYR A 1 82  ? 7.568   1.084   -1.346  1.00 41.87  ? 172 TYR A CB  1 
ATOM   553  C CG  . TYR A 1 82  ? 9.005   0.770   -1.002  1.00 36.42  ? 172 TYR A CG  1 
ATOM   554  C CD1 . TYR A 1 82  ? 9.568   -0.453  -1.339  1.00 36.30  ? 172 TYR A CD1 1 
ATOM   555  C CD2 . TYR A 1 82  ? 9.806   1.704   -0.359  1.00 37.03  ? 172 TYR A CD2 1 
ATOM   556  C CE1 . TYR A 1 82  ? 10.883  -0.743  -1.034  1.00 38.64  ? 172 TYR A CE1 1 
ATOM   557  C CE2 . TYR A 1 82  ? 11.125  1.424   -0.051  1.00 34.03  ? 172 TYR A CE2 1 
ATOM   558  C CZ  . TYR A 1 82  ? 11.657  0.199   -0.392  1.00 35.57  ? 172 TYR A CZ  1 
ATOM   559  O OH  . TYR A 1 82  ? 12.967  -0.093  -0.090  1.00 35.54  ? 172 TYR A OH  1 
ATOM   560  N N   . ILE A 1 83  ? 4.672   2.049   -0.047  1.00 38.45  ? 173 ILE A N   1 
ATOM   561  C CA  . ILE A 1 83  ? 3.408   2.681   -0.399  1.00 36.16  ? 173 ILE A CA  1 
ATOM   562  C C   . ILE A 1 83  ? 3.639   4.125   -0.819  1.00 39.38  ? 173 ILE A C   1 
ATOM   563  O O   . ILE A 1 83  ? 3.966   4.977   0.008   1.00 42.03  ? 173 ILE A O   1 
ATOM   564  C CB  . ILE A 1 83  ? 2.402   2.650   0.762   1.00 39.35  ? 173 ILE A CB  1 
ATOM   565  C CG1 . ILE A 1 83  ? 2.093   1.208   1.165   1.00 45.02  ? 173 ILE A CG1 1 
ATOM   566  C CG2 . ILE A 1 83  ? 1.125   3.379   0.375   1.00 36.62  ? 173 ILE A CG2 1 
ATOM   567  C CD1 . ILE A 1 83  ? 1.107   1.099   2.304   1.00 42.79  ? 173 ILE A CD1 1 
ATOM   568  N N   . ALA A 1 84  ? 3.478   4.394   -2.108  1.00 31.20  ? 174 ALA A N   1 
ATOM   569  C CA  . ALA A 1 84  ? 3.606   5.749   -2.618  1.00 34.52  ? 174 ALA A CA  1 
ATOM   570  C C   . ALA A 1 84  ? 2.235   6.302   -2.990  1.00 37.27  ? 174 ALA A C   1 
ATOM   571  O O   . ALA A 1 84  ? 1.227   5.604   -2.895  1.00 31.82  ? 174 ALA A O   1 
ATOM   572  C CB  . ALA A 1 84  ? 4.540   5.784   -3.814  1.00 28.88  ? 174 ALA A CB  1 
ATOM   573  N N   . TYR A 1 85  ? 2.202   7.560   -3.411  1.00 35.37  ? 175 TYR A N   1 
ATOM   574  C CA  . TYR A 1 85  ? 0.952   8.190   -3.806  1.00 33.13  ? 175 TYR A CA  1 
ATOM   575  C C   . TYR A 1 85  ? 0.889   8.391   -5.313  1.00 32.71  ? 175 TYR A C   1 
ATOM   576  O O   . TYR A 1 85  ? 1.701   9.112   -5.885  1.00 37.19  ? 175 TYR A O   1 
ATOM   577  C CB  . TYR A 1 85  ? 0.779   9.532   -3.093  1.00 34.95  ? 175 TYR A CB  1 
ATOM   578  C CG  . TYR A 1 85  ? -0.468  10.279  -3.506  1.00 37.09  ? 175 TYR A CG  1 
ATOM   579  C CD1 . TYR A 1 85  ? -1.722  9.861   -3.080  1.00 34.39  ? 175 TYR A CD1 1 
ATOM   580  C CD2 . TYR A 1 85  ? -0.394  11.397  -4.325  1.00 32.23  ? 175 TYR A CD2 1 
ATOM   581  C CE1 . TYR A 1 85  ? -2.865  10.536  -3.456  1.00 35.13  ? 175 TYR A CE1 1 
ATOM   582  C CE2 . TYR A 1 85  ? -1.532  12.079  -4.706  1.00 39.46  ? 175 TYR A CE2 1 
ATOM   583  C CZ  . TYR A 1 85  ? -2.766  11.644  -4.269  1.00 34.73  ? 175 TYR A CZ  1 
ATOM   584  O OH  . TYR A 1 85  ? -3.903  12.318  -4.645  1.00 32.21  ? 175 TYR A OH  1 
ATOM   585  N N   . SER A 1 86  ? -0.079  7.746   -5.956  1.00 39.15  ? 176 SER A N   1 
ATOM   586  C CA  . SER A 1 86  ? -0.297  7.941   -7.383  1.00 37.74  ? 176 SER A CA  1 
ATOM   587  C C   . SER A 1 86  ? -1.061  9.237   -7.617  1.00 37.12  ? 176 SER A C   1 
ATOM   588  O O   . SER A 1 86  ? -2.186  9.390   -7.150  1.00 38.36  ? 176 SER A O   1 
ATOM   589  C CB  . SER A 1 86  ? -1.055  6.758   -7.984  1.00 35.86  ? 176 SER A CB  1 
ATOM   590  O OG  . SER A 1 86  ? -1.384  7.000   -9.341  1.00 42.63  ? 176 SER A OG  1 
ATOM   591  N N   . THR A 1 87  ? -0.448  10.174  -8.331  1.00 38.90  ? 177 THR A N   1 
ATOM   592  C CA  . THR A 1 87  ? -1.091  11.453  -8.606  1.00 40.28  ? 177 THR A CA  1 
ATOM   593  C C   . THR A 1 87  ? -2.127  11.336  -9.717  1.00 40.53  ? 177 THR A C   1 
ATOM   594  O O   . THR A 1 87  ? -3.156  12.008  -9.684  1.00 36.81  ? 177 THR A O   1 
ATOM   595  C CB  . THR A 1 87  ? -0.069  12.534  -9.001  1.00 37.95  ? 177 THR A CB  1 
ATOM   596  O OG1 . THR A 1 87  ? 0.632   12.126  -10.183 1.00 39.27  ? 177 THR A OG1 1 
ATOM   597  C CG2 . THR A 1 87  ? 0.917   12.767  -7.874  1.00 37.83  ? 177 THR A CG2 1 
ATOM   598  N N   . SER A 1 88  ? -1.847  10.483  -10.699 1.00 44.35  ? 178 SER A N   1 
ATOM   599  C CA  . SER A 1 88  ? -2.744  10.299  -11.836 1.00 40.02  ? 178 SER A CA  1 
ATOM   600  C C   . SER A 1 88  ? -4.096  9.744   -11.407 1.00 39.04  ? 178 SER A C   1 
ATOM   601  O O   . SER A 1 88  ? -5.138  10.204  -11.868 1.00 44.40  ? 178 SER A O   1 
ATOM   602  C CB  . SER A 1 88  ? -2.115  9.369   -12.876 1.00 39.63  ? 178 SER A CB  1 
ATOM   603  O OG  . SER A 1 88  ? -1.034  9.995   -13.543 1.00 66.38  ? 178 SER A OG  1 
ATOM   604  N N   . TYR A 1 89  ? -4.074  8.758   -10.516 1.00 39.97  ? 179 TYR A N   1 
ATOM   605  C CA  . TYR A 1 89  ? -5.291  8.067   -10.111 1.00 36.11  ? 179 TYR A CA  1 
ATOM   606  C C   . TYR A 1 89  ? -5.732  8.433   -8.701  1.00 37.29  ? 179 TYR A C   1 
ATOM   607  O O   . TYR A 1 89  ? -6.735  7.914   -8.213  1.00 39.29  ? 179 TYR A O   1 
ATOM   608  C CB  . TYR A 1 89  ? -5.100  6.555   -10.209 1.00 33.04  ? 179 TYR A CB  1 
ATOM   609  C CG  . TYR A 1 89  ? -4.741  6.077   -11.594 1.00 38.14  ? 179 TYR A CG  1 
ATOM   610  C CD1 . TYR A 1 89  ? -5.730  5.756   -12.514 1.00 43.61  ? 179 TYR A CD1 1 
ATOM   611  C CD2 . TYR A 1 89  ? -3.416  5.948   -11.984 1.00 39.75  ? 179 TYR A CD2 1 
ATOM   612  C CE1 . TYR A 1 89  ? -5.409  5.320   -13.785 1.00 40.51  ? 179 TYR A CE1 1 
ATOM   613  C CE2 . TYR A 1 89  ? -3.085  5.513   -13.250 1.00 42.39  ? 179 TYR A CE2 1 
ATOM   614  C CZ  . TYR A 1 89  ? -4.085  5.197   -14.145 1.00 45.05  ? 179 TYR A CZ  1 
ATOM   615  O OH  . TYR A 1 89  ? -3.759  4.767   -15.411 1.00 52.21  ? 179 TYR A OH  1 
ATOM   616  N N   . ARG A 1 90  ? -4.978  9.321   -8.057  1.00 37.19  ? 180 ARG A N   1 
ATOM   617  C CA  . ARG A 1 90  ? -5.287  9.786   -6.704  1.00 37.63  ? 180 ARG A CA  1 
ATOM   618  C C   . ARG A 1 90  ? -5.553  8.634   -5.740  1.00 39.51  ? 180 ARG A C   1 
ATOM   619  O O   . ARG A 1 90  ? -6.494  8.677   -4.945  1.00 35.20  ? 180 ARG A O   1 
ATOM   620  C CB  . ARG A 1 90  ? -6.481  10.735  -6.730  1.00 38.25  ? 180 ARG A CB  1 
ATOM   621  C CG  . ARG A 1 90  ? -6.137  12.130  -7.218  1.00 45.89  ? 180 ARG A CG  1 
ATOM   622  C CD  . ARG A 1 90  ? -7.391  12.956  -7.414  1.00 43.68  ? 180 ARG A CD  1 
ATOM   623  N NE  . ARG A 1 90  ? -8.243  12.390  -8.454  1.00 39.44  ? 180 ARG A NE  1 
ATOM   624  C CZ  . ARG A 1 90  ? -9.457  12.839  -8.749  1.00 52.31  ? 180 ARG A CZ  1 
ATOM   625  N NH1 . ARG A 1 90  ? -9.966  13.865  -8.077  1.00 50.03  ? 180 ARG A NH1 1 
ATOM   626  N NH2 . ARG A 1 90  ? -10.163 12.263  -9.714  1.00 43.88  ? 180 ARG A NH2 1 
ATOM   627  N N   . VAL A 1 91  ? -4.716  7.607   -5.832  1.00 40.36  ? 181 VAL A N   1 
ATOM   628  C CA  . VAL A 1 91  ? -4.792  6.438   -4.966  1.00 34.85  ? 181 VAL A CA  1 
ATOM   629  C C   . VAL A 1 91  ? -3.380  6.065   -4.526  1.00 42.70  ? 181 VAL A C   1 
ATOM   630  O O   . VAL A 1 91  ? -2.405  6.516   -5.129  1.00 37.60  ? 181 VAL A O   1 
ATOM   631  C CB  . VAL A 1 91  ? -5.451  5.238   -5.683  1.00 40.80  ? 181 VAL A CB  1 
ATOM   632  C CG1 . VAL A 1 91  ? -6.933  5.499   -5.932  1.00 34.07  ? 181 VAL A CG1 1 
ATOM   633  C CG2 . VAL A 1 91  ? -4.726  4.937   -6.980  1.00 33.84  ? 181 VAL A CG2 1 
ATOM   634  N N   . PRO A 1 92  ? -3.255  5.254   -3.465  1.00 43.00  ? 182 PRO A N   1 
ATOM   635  C CA  . PRO A 1 92  ? -1.912  4.767   -3.143  1.00 38.73  ? 182 PRO A CA  1 
ATOM   636  C C   . PRO A 1 92  ? -1.458  3.732   -4.161  1.00 37.37  ? 182 PRO A C   1 
ATOM   637  O O   . PRO A 1 92  ? -2.293  3.065   -4.769  1.00 40.30  ? 182 PRO A O   1 
ATOM   638  C CB  . PRO A 1 92  ? -2.085  4.142   -1.757  1.00 42.57  ? 182 PRO A CB  1 
ATOM   639  C CG  . PRO A 1 92  ? -3.521  3.756   -1.702  1.00 40.48  ? 182 PRO A CG  1 
ATOM   640  C CD  . PRO A 1 92  ? -4.253  4.813   -2.476  1.00 39.85  ? 182 PRO A CD  1 
ATOM   641  N N   . LYS A 1 93  ? -0.151  3.608   -4.357  1.00 37.17  ? 183 LYS A N   1 
ATOM   642  C CA  . LYS A 1 93  ? 0.380   2.590   -5.254  1.00 41.92  ? 183 LYS A CA  1 
ATOM   643  C C   . LYS A 1 93  ? 1.501   1.827   -4.569  1.00 39.32  ? 183 LYS A C   1 
ATOM   644  O O   . LYS A 1 93  ? 2.337   2.414   -3.883  1.00 40.20  ? 183 LYS A O   1 
ATOM   645  C CB  . LYS A 1 93  ? 0.871   3.213   -6.562  1.00 39.74  ? 183 LYS A CB  1 
ATOM   646  C CG  . LYS A 1 93  ? 1.853   4.356   -6.390  1.00 40.69  ? 183 LYS A CG  1 
ATOM   647  C CD  . LYS A 1 93  ? 2.311   4.875   -7.744  1.00 44.15  ? 183 LYS A CD  1 
ATOM   648  C CE  . LYS A 1 93  ? 3.269   6.046   -7.600  1.00 45.79  ? 183 LYS A CE  1 
ATOM   649  N NZ  . LYS A 1 93  ? 3.740   6.530   -8.927  1.00 41.88  ? 183 LYS A NZ  1 
ATOM   650  N N   . MET A 1 94  ? 1.517   0.512   -4.746  1.00 38.48  ? 184 MET A N   1 
ATOM   651  C CA  . MET A 1 94  ? 2.474   -0.299  -4.013  1.00 46.22  ? 184 MET A CA  1 
ATOM   652  C C   . MET A 1 94  ? 3.622   -0.811  -4.869  1.00 39.74  ? 184 MET A C   1 
ATOM   653  O O   . MET A 1 94  ? 3.473   -1.051  -6.067  1.00 39.67  ? 184 MET A O   1 
ATOM   654  C CB  . MET A 1 94  ? 1.768   -1.474  -3.337  1.00 43.72  ? 184 MET A CB  1 
ATOM   655  C CG  . MET A 1 94  ? 1.854   -1.392  -1.822  1.00 57.29  ? 184 MET A CG  1 
ATOM   656  S SD  . MET A 1 94  ? 1.800   -2.984  -1.005  1.00 83.41  ? 184 MET A SD  1 
ATOM   657  C CE  . MET A 1 94  ? 3.397   -3.626  -1.464  1.00 59.66  ? 184 MET A CE  1 
ATOM   658  N N   . TYR A 1 95  ? 4.773   -0.959  -4.220  1.00 40.56  ? 185 TYR A N   1 
ATOM   659  C CA  . TYR A 1 95  ? 5.983   -1.483  -4.836  1.00 37.21  ? 185 TYR A CA  1 
ATOM   660  C C   . TYR A 1 95  ? 6.598   -2.538  -3.924  1.00 38.40  ? 185 TYR A C   1 
ATOM   661  O O   . TYR A 1 95  ? 6.793   -2.287  -2.733  1.00 37.21  ? 185 TYR A O   1 
ATOM   662  C CB  . TYR A 1 95  ? 6.999   -0.367  -5.083  1.00 36.71  ? 185 TYR A CB  1 
ATOM   663  C CG  . TYR A 1 95  ? 6.548   0.716   -6.037  1.00 41.29  ? 185 TYR A CG  1 
ATOM   664  C CD1 . TYR A 1 95  ? 6.853   0.646   -7.389  1.00 36.55  ? 185 TYR A CD1 1 
ATOM   665  C CD2 . TYR A 1 95  ? 5.833   1.818   -5.582  1.00 37.77  ? 185 TYR A CD2 1 
ATOM   666  C CE1 . TYR A 1 95  ? 6.454   1.637   -8.263  1.00 37.57  ? 185 TYR A CE1 1 
ATOM   667  C CE2 . TYR A 1 95  ? 5.428   2.814   -6.452  1.00 39.27  ? 185 TYR A CE2 1 
ATOM   668  C CZ  . TYR A 1 95  ? 5.742   2.717   -7.792  1.00 38.34  ? 185 TYR A CZ  1 
ATOM   669  O OH  . TYR A 1 95  ? 5.345   3.703   -8.667  1.00 35.70  ? 185 TYR A OH  1 
ATOM   670  N N   . ILE A 1 96  ? 6.906   -3.713  -4.467  1.00 38.09  ? 186 ILE A N   1 
ATOM   671  C CA  . ILE A 1 96  ? 7.548   -4.746  -3.661  1.00 43.88  ? 186 ILE A CA  1 
ATOM   672  C C   . ILE A 1 96  ? 8.978   -5.011  -4.126  1.00 46.64  ? 186 ILE A C   1 
ATOM   673  O O   . ILE A 1 96  ? 9.284   -4.963  -5.320  1.00 39.45  ? 186 ILE A O   1 
ATOM   674  C CB  . ILE A 1 96  ? 6.749   -6.076  -3.671  1.00 41.34  ? 186 ILE A CB  1 
ATOM   675  C CG1 . ILE A 1 96  ? 6.931   -6.836  -4.984  1.00 46.65  ? 186 ILE A CG1 1 
ATOM   676  C CG2 . ILE A 1 96  ? 5.278   -5.825  -3.414  1.00 42.23  ? 186 ILE A CG2 1 
ATOM   677  C CD1 . ILE A 1 96  ? 6.229   -8.175  -5.004  1.00 48.47  ? 186 ILE A CD1 1 
ATOM   678  N N   . VAL A 1 97  ? 9.856   -5.261  -3.160  1.00 46.85  ? 187 VAL A N   1 
ATOM   679  C CA  . VAL A 1 97  ? 11.236  -5.632  -3.442  1.00 45.55  ? 187 VAL A CA  1 
ATOM   680  C C   . VAL A 1 97  ? 11.591  -6.877  -2.640  1.00 48.67  ? 187 VAL A C   1 
ATOM   681  O O   . VAL A 1 97  ? 11.572  -6.857  -1.408  1.00 42.80  ? 187 VAL A O   1 
ATOM   682  C CB  . VAL A 1 97  ? 12.222  -4.502  -3.101  1.00 41.85  ? 187 VAL A CB  1 
ATOM   683  C CG1 . VAL A 1 97  ? 13.641  -4.918  -3.452  1.00 46.93  ? 187 VAL A CG1 1 
ATOM   684  C CG2 . VAL A 1 97  ? 11.844  -3.226  -3.834  1.00 39.05  ? 187 VAL A CG2 1 
ATOM   685  N N   . GLY A 1 98  ? 11.910  -7.958  -3.343  1.00 50.62  ? 188 GLY A N   1 
ATOM   686  C CA  . GLY A 1 98  ? 12.149  -9.234  -2.699  1.00 55.70  ? 188 GLY A CA  1 
ATOM   687  C C   . GLY A 1 98  ? 13.608  -9.591  -2.504  1.00 57.13  ? 188 GLY A C   1 
ATOM   688  O O   . GLY A 1 98  ? 14.468  -9.203  -3.292  1.00 59.48  ? 188 GLY A O   1 
ATOM   689  N N   . PHE A 1 99  ? 13.876  -10.343 -1.442  1.00 54.92  ? 189 PHE A N   1 
ATOM   690  C CA  . PHE A 1 99  ? 15.221  -10.816 -1.148  1.00 59.65  ? 189 PHE A CA  1 
ATOM   691  C C   . PHE A 1 99  ? 15.200  -12.284 -0.743  1.00 68.12  ? 189 PHE A C   1 
ATOM   692  O O   . PHE A 1 99  ? 14.255  -12.743 -0.103  1.00 65.78  ? 189 PHE A O   1 
ATOM   693  C CB  . PHE A 1 99  ? 15.857  -9.989  -0.027  1.00 62.80  ? 189 PHE A CB  1 
ATOM   694  C CG  . PHE A 1 99  ? 15.869  -8.514  -0.290  1.00 55.36  ? 189 PHE A CG  1 
ATOM   695  C CD1 . PHE A 1 99  ? 16.914  -7.930  -0.984  1.00 52.10  ? 189 PHE A CD1 1 
ATOM   696  C CD2 . PHE A 1 99  ? 14.840  -7.708  0.166   1.00 53.88  ? 189 PHE A CD2 1 
ATOM   697  C CE1 . PHE A 1 99  ? 16.929  -6.571  -1.225  1.00 55.05  ? 189 PHE A CE1 1 
ATOM   698  C CE2 . PHE A 1 99  ? 14.848  -6.349  -0.071  1.00 51.26  ? 189 PHE A CE2 1 
ATOM   699  C CZ  . PHE A 1 99  ? 15.895  -5.779  -0.767  1.00 51.84  ? 189 PHE A CZ  1 
ATOM   700  N N   . ASN A 1 100 ? 16.245  -13.015 -1.117  1.00 74.75  ? 190 ASN A N   1 
ATOM   701  C CA  . ASN A 1 100 ? 16.456  -14.354 -0.583  1.00 71.34  ? 190 ASN A CA  1 
ATOM   702  C C   . ASN A 1 100 ? 16.884  -14.247 0.875   1.00 77.20  ? 190 ASN A C   1 
ATOM   703  O O   . ASN A 1 100 ? 17.154  -13.151 1.366   1.00 75.41  ? 190 ASN A O   1 
ATOM   704  C CB  . ASN A 1 100 ? 17.508  -15.113 -1.392  1.00 74.10  ? 190 ASN A CB  1 
ATOM   705  C CG  . ASN A 1 100 ? 17.006  -15.540 -2.757  1.00 78.82  ? 190 ASN A CG  1 
ATOM   706  O OD1 . ASN A 1 100 ? 17.434  -15.009 -3.782  1.00 79.78  ? 190 ASN A OD1 1 
ATOM   707  N ND2 . ASN A 1 100 ? 16.102  -16.513 -2.777  1.00 73.29  ? 190 ASN A ND2 1 
ATOM   708  N N   . SER A 1 101 ? 16.952  -15.381 1.565   1.00 83.08  ? 191 SER A N   1 
ATOM   709  C CA  . SER A 1 101 ? 17.349  -15.382 2.969   1.00 82.69  ? 191 SER A CA  1 
ATOM   710  C C   . SER A 1 101 ? 18.766  -14.840 3.144   1.00 77.79  ? 191 SER A C   1 
ATOM   711  O O   . SER A 1 101 ? 19.067  -14.176 4.136   1.00 71.74  ? 191 SER A O   1 
ATOM   712  C CB  . SER A 1 101 ? 17.240  -16.789 3.557   1.00 84.09  ? 191 SER A CB  1 
ATOM   713  O OG  . SER A 1 101 ? 15.885  -17.200 3.633   1.00 89.85  ? 191 SER A OG  1 
ATOM   714  N N   . ASN A 1 102 ? 19.628  -15.104 2.164   1.00 82.66  ? 192 ASN A N   1 
ATOM   715  C CA  . ASN A 1 102 ? 21.007  -14.628 2.218   1.00 80.55  ? 192 ASN A CA  1 
ATOM   716  C C   . ASN A 1 102 ? 21.111  -13.132 1.919   1.00 82.82  ? 192 ASN A C   1 
ATOM   717  O O   . ASN A 1 102 ? 22.203  -12.565 1.926   1.00 81.94  ? 192 ASN A O   1 
ATOM   718  C CB  . ASN A 1 102 ? 21.891  -15.424 1.249   1.00 87.40  ? 192 ASN A CB  1 
ATOM   719  C CG  . ASN A 1 102 ? 21.576  -15.139 -0.209  1.00 88.47  ? 192 ASN A CG  1 
ATOM   720  O OD1 . ASN A 1 102 ? 20.459  -14.758 -0.552  1.00 85.55  ? 192 ASN A OD1 1 
ATOM   721  N ND2 . ASN A 1 102 ? 22.563  -15.329 -1.076  1.00 86.23  ? 192 ASN A ND2 1 
ATOM   722  N N   . GLY A 1 103 ? 19.971  -12.500 1.661   1.00 80.79  ? 193 GLY A N   1 
ATOM   723  C CA  . GLY A 1 103 ? 19.932  -11.065 1.442   1.00 76.10  ? 193 GLY A CA  1 
ATOM   724  C C   . GLY A 1 103 ? 20.127  -10.668 -0.007  1.00 72.21  ? 193 GLY A C   1 
ATOM   725  O O   . GLY A 1 103 ? 20.002  -9.494  -0.356  1.00 69.81  ? 193 GLY A O   1 
ATOM   726  N N   . SER A 1 104 ? 20.446  -11.644 -0.850  1.00 73.15  ? 194 SER A N   1 
ATOM   727  C CA  . SER A 1 104 ? 20.587  -11.396 -2.277  1.00 76.68  ? 194 SER A CA  1 
ATOM   728  C C   . SER A 1 104 ? 19.252  -10.955 -2.861  1.00 78.12  ? 194 SER A C   1 
ATOM   729  O O   . SER A 1 104 ? 18.211  -11.517 -2.520  1.00 69.12  ? 194 SER A O   1 
ATOM   730  C CB  . SER A 1 104 ? 21.091  -12.645 -2.994  1.00 69.93  ? 194 SER A CB  1 
ATOM   731  O OG  . SER A 1 104 ? 20.681  -12.655 -4.348  1.00 80.54  ? 194 SER A OG  1 
ATOM   732  N N   . PRO A 1 105 ? 19.275  -9.934  -3.733  1.00 72.53  ? 195 PRO A N   1 
ATOM   733  C CA  . PRO A 1 105 ? 18.042  -9.471  -4.374  1.00 66.60  ? 195 PRO A CA  1 
ATOM   734  C C   . PRO A 1 105 ? 17.380  -10.571 -5.193  1.00 69.56  ? 195 PRO A C   1 
ATOM   735  O O   . PRO A 1 105 ? 18.071  -11.292 -5.913  1.00 77.75  ? 195 PRO A O   1 
ATOM   736  C CB  . PRO A 1 105 ? 18.524  -8.337  -5.283  1.00 72.32  ? 195 PRO A CB  1 
ATOM   737  C CG  . PRO A 1 105 ? 19.771  -7.849  -4.636  1.00 68.11  ? 195 PRO A CG  1 
ATOM   738  C CD  . PRO A 1 105 ? 20.423  -9.076  -4.069  1.00 75.11  ? 195 PRO A CD  1 
ATOM   739  N N   . LEU A 1 106 ? 16.063  -10.704 -5.067  1.00 62.58  ? 196 LEU A N   1 
ATOM   740  C CA  . LEU A 1 106 ? 15.308  -11.665 -5.861  1.00 62.70  ? 196 LEU A CA  1 
ATOM   741  C C   . LEU A 1 106 ? 15.189  -11.180 -7.297  1.00 63.05  ? 196 LEU A C   1 
ATOM   742  O O   . LEU A 1 106 ? 15.485  -10.024 -7.593  1.00 64.14  ? 196 LEU A O   1 
ATOM   743  C CB  . LEU A 1 106 ? 13.918  -11.891 -5.264  1.00 66.75  ? 196 LEU A CB  1 
ATOM   744  C CG  . LEU A 1 106 ? 13.827  -12.818 -4.053  1.00 72.96  ? 196 LEU A CG  1 
ATOM   745  C CD1 . LEU A 1 106 ? 12.418  -12.805 -3.487  1.00 59.15  ? 196 LEU A CD1 1 
ATOM   746  C CD2 . LEU A 1 106 ? 14.238  -14.228 -4.439  1.00 69.36  ? 196 LEU A CD2 1 
ATOM   747  N N   . SER A 1 107 ? 14.752  -12.066 -8.186  1.00 63.10  ? 197 SER A N   1 
ATOM   748  C CA  . SER A 1 107 ? 14.584  -11.716 -9.591  1.00 64.42  ? 197 SER A CA  1 
ATOM   749  C C   . SER A 1 107 ? 13.111  -11.453 -9.907  1.00 69.45  ? 197 SER A C   1 
ATOM   750  O O   . SER A 1 107 ? 12.230  -11.955 -9.207  1.00 68.44  ? 197 SER A O   1 
ATOM   751  C CB  . SER A 1 107 ? 15.135  -12.828 -10.489 1.00 67.58  ? 197 SER A CB  1 
ATOM   752  O OG  . SER A 1 107 ? 14.388  -14.022 -10.343 1.00 71.94  ? 197 SER A OG  1 
ATOM   753  N N   . PRO A 1 108 ? 12.841  -10.644 -10.944 1.00 71.30  ? 198 PRO A N   1 
ATOM   754  C CA  . PRO A 1 108 ? 11.474  -10.335 -11.383 1.00 68.70  ? 198 PRO A CA  1 
ATOM   755  C C   . PRO A 1 108 ? 10.569  -11.561 -11.577 1.00 70.85  ? 198 PRO A C   1 
ATOM   756  O O   . PRO A 1 108 ? 9.391   -11.489 -11.245 1.00 71.47  ? 198 PRO A O   1 
ATOM   757  C CB  . PRO A 1 108 ? 11.707  -9.607  -12.704 1.00 65.05  ? 198 PRO A CB  1 
ATOM   758  C CG  . PRO A 1 108 ? 12.996  -8.885  -12.483 1.00 67.08  ? 198 PRO A CG  1 
ATOM   759  C CD  . PRO A 1 108 ? 13.841  -9.806  -11.637 1.00 71.11  ? 198 PRO A CD  1 
ATOM   760  N N   . GLU A 1 109 ? 11.102  -12.663 -12.090 1.00 79.36  ? 199 GLU A N   1 
ATOM   761  C CA  . GLU A 1 109 ? 10.267  -13.844 -12.279 1.00 81.60  ? 199 GLU A CA  1 
ATOM   762  C C   . GLU A 1 109 ? 10.141  -14.645 -10.986 1.00 79.27  ? 199 GLU A C   1 
ATOM   763  O O   . GLU A 1 109 ? 9.215   -15.457 -10.829 1.00 78.22  ? 199 GLU A O   1 
ATOM   764  C CB  . GLU A 1 109 ? 10.801  -14.730 -13.401 1.00 86.69  ? 199 GLU A CB  1 
ATOM   765  C CG  . GLU A 1 109 ? 9.798   -14.851 -14.529 1.00 90.81  ? 199 GLU A CG  1 
ATOM   766  C CD  . GLU A 1 109 ? 10.206  -15.829 -15.600 1.00 91.04  ? 199 GLU A CD  1 
ATOM   767  O OE1 . GLU A 1 109 ? 10.946  -15.419 -16.513 1.00 86.30  ? 199 GLU A OE1 1 
ATOM   768  O OE2 . GLU A 1 109 ? 9.764   -16.999 -15.556 1.00 100.77 ? 199 GLU A OE2 1 
ATOM   769  N N   . GLN A 1 110 ? 11.068  -14.416 -10.062 1.00 71.05  ? 200 GLN A N   1 
ATOM   770  C CA  . GLN A 1 110 ? 10.922  -14.930 -8.710  1.00 67.73  ? 200 GLN A CA  1 
ATOM   771  C C   . GLN A 1 110 ? 9.853   -14.143 -7.959  1.00 61.47  ? 200 GLN A C   1 
ATOM   772  O O   . GLN A 1 110 ? 8.991   -14.719 -7.300  1.00 59.38  ? 200 GLN A O   1 
ATOM   773  C CB  . GLN A 1 110 ? 12.246  -14.859 -7.952  1.00 68.32  ? 200 GLN A CB  1 
ATOM   774  C CG  . GLN A 1 110 ? 13.216  -16.001 -8.220  1.00 68.45  ? 200 GLN A CG  1 
ATOM   775  C CD  . GLN A 1 110 ? 14.604  -15.709 -7.683  1.00 67.23  ? 200 GLN A CD  1 
ATOM   776  O OE1 . GLN A 1 110 ? 15.045  -14.561 -7.665  1.00 66.74  ? 200 GLN A OE1 1 
ATOM   777  N NE2 . GLN A 1 110 ? 15.297  -16.749 -7.235  1.00 74.79  ? 200 GLN A NE2 1 
ATOM   778  N N   . MET A 1 111 ? 9.925   -12.820 -8.061  1.00 61.37  ? 201 MET A N   1 
ATOM   779  C CA  . MET A 1 111 ? 9.003   -11.946 -7.346  1.00 58.23  ? 201 MET A CA  1 
ATOM   780  C C   . MET A 1 111 ? 7.573   -12.100 -7.851  1.00 59.64  ? 201 MET A C   1 
ATOM   781  O O   . MET A 1 111 ? 6.618   -11.891 -7.105  1.00 54.27  ? 201 MET A O   1 
ATOM   782  C CB  . MET A 1 111 ? 9.450   -10.491 -7.465  1.00 57.10  ? 201 MET A CB  1 
ATOM   783  C CG  . MET A 1 111 ? 10.174  -9.963  -6.238  1.00 57.06  ? 201 MET A CG  1 
ATOM   784  S SD  . MET A 1 111 ? 10.834  -8.302  -6.472  1.00 56.41  ? 201 MET A SD  1 
ATOM   785  C CE  . MET A 1 111 ? 11.913  -8.563  -7.879  1.00 56.94  ? 201 MET A CE  1 
ATOM   786  N N   . PHE A 1 112 ? 7.432   -12.469 -9.119  1.00 56.29  ? 202 PHE A N   1 
ATOM   787  C CA  . PHE A 1 112 ? 6.114   -12.681 -9.703  1.00 51.89  ? 202 PHE A CA  1 
ATOM   788  C C   . PHE A 1 112 ? 5.433   -13.912 -9.108  1.00 57.19  ? 202 PHE A C   1 
ATOM   789  O O   . PHE A 1 112 ? 4.206   -14.022 -9.130  1.00 56.36  ? 202 PHE A O   1 
ATOM   790  C CB  . PHE A 1 112 ? 6.214   -12.813 -11.224 1.00 60.05  ? 202 PHE A CB  1 
ATOM   791  C CG  . PHE A 1 112 ? 6.161   -11.499 -11.952 1.00 53.47  ? 202 PHE A CG  1 
ATOM   792  C CD1 . PHE A 1 112 ? 6.293   -10.304 -11.265 1.00 50.02  ? 202 PHE A CD1 1 
ATOM   793  C CD2 . PHE A 1 112 ? 5.959   -11.459 -13.323 1.00 51.20  ? 202 PHE A CD2 1 
ATOM   794  C CE1 . PHE A 1 112 ? 6.240   -9.094  -11.930 1.00 41.67  ? 202 PHE A CE1 1 
ATOM   795  C CE2 . PHE A 1 112 ? 5.904   -10.250 -13.995 1.00 59.05  ? 202 PHE A CE2 1 
ATOM   796  C CZ  . PHE A 1 112 ? 6.045   -9.065  -13.295 1.00 49.29  ? 202 PHE A CZ  1 
ATOM   797  N N   . GLU A 1 113 ? 6.232   -14.830 -8.571  1.00 52.46  ? 203 GLU A N   1 
ATOM   798  C CA  . GLU A 1 113 ? 5.704   -16.041 -7.950  1.00 56.29  ? 203 GLU A CA  1 
ATOM   799  C C   . GLU A 1 113 ? 4.889   -15.724 -6.700  1.00 56.10  ? 203 GLU A C   1 
ATOM   800  O O   . GLU A 1 113 ? 3.963   -16.456 -6.349  1.00 57.55  ? 203 GLU A O   1 
ATOM   801  C CB  . GLU A 1 113 ? 6.838   -17.001 -7.587  1.00 57.96  ? 203 GLU A CB  1 
ATOM   802  C CG  . GLU A 1 113 ? 7.733   -17.398 -8.747  1.00 56.96  ? 203 GLU A CG  1 
ATOM   803  C CD  . GLU A 1 113 ? 8.989   -18.115 -8.287  1.00 66.06  ? 203 GLU A CD  1 
ATOM   804  O OE1 . GLU A 1 113 ? 9.189   -18.233 -7.059  1.00 59.67  ? 203 GLU A OE1 1 
ATOM   805  O OE2 . GLU A 1 113 ? 9.777   -18.556 -9.150  1.00 70.58  ? 203 GLU A OE2 1 
ATOM   806  N N   . ASP A 1 114 ? 5.240   -14.631 -6.030  1.00 54.98  ? 204 ASP A N   1 
ATOM   807  C CA  . ASP A 1 114 ? 4.593   -14.254 -4.779  1.00 53.17  ? 204 ASP A CA  1 
ATOM   808  C C   . ASP A 1 114 ? 3.399   -13.334 -5.005  1.00 59.72  ? 204 ASP A C   1 
ATOM   809  O O   . ASP A 1 114 ? 2.849   -12.768 -4.059  1.00 58.26  ? 204 ASP A O   1 
ATOM   810  C CB  . ASP A 1 114 ? 5.602   -13.584 -3.846  1.00 56.20  ? 204 ASP A CB  1 
ATOM   811  C CG  . ASP A 1 114 ? 6.618   -14.563 -3.292  1.00 59.34  ? 204 ASP A CG  1 
ATOM   812  O OD1 . ASP A 1 114 ? 6.208   -15.654 -2.844  1.00 62.11  ? 204 ASP A OD1 1 
ATOM   813  O OD2 . ASP A 1 114 ? 7.827   -14.249 -3.312  1.00 56.94  ? 204 ASP A OD2 1 
ATOM   814  N N   . ILE A 1 115 ? 2.998   -13.190 -6.264  1.00 56.78  ? 205 ILE A N   1 
ATOM   815  C CA  . ILE A 1 115 ? 1.831   -12.388 -6.607  1.00 58.00  ? 205 ILE A CA  1 
ATOM   816  C C   . ILE A 1 115 ? 0.772   -13.261 -7.276  1.00 54.99  ? 205 ILE A C   1 
ATOM   817  O O   . ILE A 1 115 ? 1.092   -14.076 -8.142  1.00 56.54  ? 205 ILE A O   1 
ATOM   818  C CB  . ILE A 1 115 ? 2.207   -11.216 -7.535  1.00 59.48  ? 205 ILE A CB  1 
ATOM   819  C CG1 . ILE A 1 115 ? 3.299   -10.362 -6.889  1.00 57.35  ? 205 ILE A CG1 1 
ATOM   820  C CG2 . ILE A 1 115 ? 0.986   -10.364 -7.854  1.00 53.17  ? 205 ILE A CG2 1 
ATOM   821  C CD1 . ILE A 1 115 ? 3.692   -9.159  -7.704  1.00 47.64  ? 205 ILE A CD1 1 
ATOM   822  N N   . SER A 1 116 ? -0.481  -13.095 -6.856  1.00 50.01  ? 206 SER A N   1 
ATOM   823  C CA  . SER A 1 116 ? -1.599  -13.863 -7.402  1.00 53.44  ? 206 SER A CA  1 
ATOM   824  C C   . SER A 1 116 ? -1.637  -13.792 -8.923  1.00 54.73  ? 206 SER A C   1 
ATOM   825  O O   . SER A 1 116 ? -1.624  -12.705 -9.496  1.00 54.72  ? 206 SER A O   1 
ATOM   826  C CB  . SER A 1 116 ? -2.924  -13.362 -6.824  1.00 55.19  ? 206 SER A CB  1 
ATOM   827  O OG  . SER A 1 116 ? -2.979  -13.568 -5.423  1.00 59.90  ? 206 SER A OG  1 
ATOM   828  N N   . ALA A 1 117 ? -1.689  -14.963 -9.556  1.00 55.59  ? 207 ALA A N   1 
ATOM   829  C CA  . ALA A 1 117 ? -1.570  -15.100 -11.008 1.00 55.81  ? 207 ALA A CA  1 
ATOM   830  C C   . ALA A 1 117 ? -2.460  -14.140 -11.790 1.00 57.11  ? 207 ALA A C   1 
ATOM   831  O O   . ALA A 1 117 ? -1.975  -13.382 -12.630 1.00 56.30  ? 207 ALA A O   1 
ATOM   832  C CB  . ALA A 1 117 ? -1.876  -16.534 -11.416 1.00 52.97  ? 207 ALA A CB  1 
ATOM   833  N N   . ASP A 1 118 ? -3.758  -14.176 -11.507 1.00 65.31  ? 208 ASP A N   1 
ATOM   834  C CA  . ASP A 1 118 ? -4.724  -13.338 -12.209 1.00 68.12  ? 208 ASP A CA  1 
ATOM   835  C C   . ASP A 1 118 ? -4.409  -11.855 -12.048 1.00 65.43  ? 208 ASP A C   1 
ATOM   836  O O   . ASP A 1 118 ? -4.425  -11.097 -13.017 1.00 68.08  ? 208 ASP A O   1 
ATOM   837  C CB  . ASP A 1 118 ? -6.140  -13.627 -11.709 1.00 72.38  ? 208 ASP A CB  1 
ATOM   838  C CG  . ASP A 1 118 ? -6.549  -15.071 -11.924 1.00 84.24  ? 208 ASP A CG  1 
ATOM   839  O OD1 . ASP A 1 118 ? -6.270  -15.612 -13.014 1.00 83.51  ? 208 ASP A OD1 1 
ATOM   840  O OD2 . ASP A 1 118 ? -7.145  -15.665 -11.000 1.00 93.83  ? 208 ASP A OD2 1 
ATOM   841  N N   . TYR A 1 119 ? -4.114  -11.450 -10.818 1.00 53.65  ? 209 TYR A N   1 
ATOM   842  C CA  . TYR A 1 119 ? -3.824  -10.052 -10.528 1.00 57.18  ? 209 TYR A CA  1 
ATOM   843  C C   . TYR A 1 119 ? -2.415  -9.675  -10.983 1.00 57.15  ? 209 TYR A C   1 
ATOM   844  O O   . TYR A 1 119 ? -2.144  -8.515  -11.292 1.00 59.37  ? 209 TYR A O   1 
ATOM   845  C CB  . TYR A 1 119 ? -3.993  -9.775  -9.034  1.00 61.60  ? 209 TYR A CB  1 
ATOM   846  C CG  . TYR A 1 119 ? -4.267  -8.326  -8.705  1.00 58.61  ? 209 TYR A CG  1 
ATOM   847  C CD1 . TYR A 1 119 ? -5.564  -7.831  -8.688  1.00 52.35  ? 209 TYR A CD1 1 
ATOM   848  C CD2 . TYR A 1 119 ? -3.230  -7.454  -8.408  1.00 54.56  ? 209 TYR A CD2 1 
ATOM   849  C CE1 . TYR A 1 119 ? -5.820  -6.508  -8.388  1.00 45.65  ? 209 TYR A CE1 1 
ATOM   850  C CE2 . TYR A 1 119 ? -3.477  -6.129  -8.104  1.00 59.48  ? 209 TYR A CE2 1 
ATOM   851  C CZ  . TYR A 1 119 ? -4.774  -5.661  -8.096  1.00 55.49  ? 209 TYR A CZ  1 
ATOM   852  O OH  . TYR A 1 119 ? -5.022  -4.340  -7.795  1.00 62.61  ? 209 TYR A OH  1 
ATOM   853  N N   . ARG A 1 120 ? -1.522  -10.660 -11.020 1.00 54.44  ? 210 ARG A N   1 
ATOM   854  C CA  . ARG A 1 120 ? -0.159  -10.444 -11.494 1.00 48.93  ? 210 ARG A CA  1 
ATOM   855  C C   . ARG A 1 120 ? -0.126  -10.054 -12.964 1.00 50.31  ? 210 ARG A C   1 
ATOM   856  O O   . ARG A 1 120 ? 0.475   -9.048  -13.337 1.00 51.18  ? 210 ARG A O   1 
ATOM   857  C CB  . ARG A 1 120 ? 0.696   -11.696 -11.284 1.00 58.55  ? 210 ARG A CB  1 
ATOM   858  C CG  . ARG A 1 120 ? 1.927   -11.745 -12.175 1.00 51.33  ? 210 ARG A CG  1 
ATOM   859  C CD  . ARG A 1 120 ? 2.824   -12.924 -11.850 1.00 60.30  ? 210 ARG A CD  1 
ATOM   860  N NE  . ARG A 1 120 ? 2.240   -14.214 -12.198 1.00 52.07  ? 210 ARG A NE  1 
ATOM   861  C CZ  . ARG A 1 120 ? 1.968   -15.172 -11.318 1.00 55.68  ? 210 ARG A CZ  1 
ATOM   862  N NH1 . ARG A 1 120 ? 2.224   -14.985 -10.031 1.00 54.21  ? 210 ARG A NH1 1 
ATOM   863  N NH2 . ARG A 1 120 ? 1.442   -16.320 -11.723 1.00 65.96  ? 210 ARG A NH2 1 
ATOM   864  N N   . THR A 1 121 ? -0.777  -10.858 -13.797 1.00 54.09  ? 211 THR A N   1 
ATOM   865  C CA  . THR A 1 121 ? -0.717  -10.676 -15.241 1.00 54.04  ? 211 THR A CA  1 
ATOM   866  C C   . THR A 1 121 ? -1.380  -9.378  -15.691 1.00 44.89  ? 211 THR A C   1 
ATOM   867  O O   . THR A 1 121 ? -1.102  -8.882  -16.779 1.00 47.07  ? 211 THR A O   1 
ATOM   868  C CB  . THR A 1 121 ? -1.378  -11.862 -15.979 1.00 47.00  ? 211 THR A CB  1 
ATOM   869  O OG1 . THR A 1 121 ? -2.755  -11.957 -15.598 1.00 49.37  ? 211 THR A OG1 1 
ATOM   870  C CG2 . THR A 1 121 ? -0.673  -13.166 -15.639 1.00 51.60  ? 211 THR A CG2 1 
ATOM   871  N N   . LYS A 1 122 ? -2.238  -8.823  -14.844 1.00 40.77  ? 212 LYS A N   1 
ATOM   872  C CA  . LYS A 1 122 ? -3.052  -7.676  -15.231 1.00 43.09  ? 212 LYS A CA  1 
ATOM   873  C C   . LYS A 1 122 ? -2.505  -6.343  -14.704 1.00 41.25  ? 212 LYS A C   1 
ATOM   874  O O   . LYS A 1 122 ? -2.666  -5.305  -15.350 1.00 37.99  ? 212 LYS A O   1 
ATOM   875  C CB  . LYS A 1 122 ? -4.495  -7.891  -14.754 1.00 49.43  ? 212 LYS A CB  1 
ATOM   876  C CG  . LYS A 1 122 ? -5.350  -6.638  -14.658 1.00 52.05  ? 212 LYS A CG  1 
ATOM   877  C CD  . LYS A 1 122 ? -6.763  -6.963  -14.197 1.00 63.25  ? 212 LYS A CD  1 
ATOM   878  C CE  . LYS A 1 122 ? -7.342  -5.834  -13.360 1.00 60.74  ? 212 LYS A CE  1 
ATOM   879  N NZ  . LYS A 1 122 ? -8.153  -4.904  -14.189 1.00 63.00  ? 212 LYS A NZ  1 
ATOM   880  N N   . THR A 1 123 ? -1.841  -6.366  -13.551 1.00 39.83  ? 213 THR A N   1 
ATOM   881  C CA  . THR A 1 123 ? -1.421  -5.123  -12.905 1.00 38.79  ? 213 THR A CA  1 
ATOM   882  C C   . THR A 1 123 ? 0.089   -4.992  -12.669 1.00 37.96  ? 213 THR A C   1 
ATOM   883  O O   . THR A 1 123 ? 0.605   -3.882  -12.548 1.00 36.70  ? 213 THR A O   1 
ATOM   884  C CB  . THR A 1 123 ? -2.119  -4.951  -11.544 1.00 39.53  ? 213 THR A CB  1 
ATOM   885  O OG1 . THR A 1 123 ? -1.600  -5.910  -10.617 1.00 43.68  ? 213 THR A OG1 1 
ATOM   886  C CG2 . THR A 1 123 ? -3.624  -5.135  -11.678 1.00 41.65  ? 213 THR A CG2 1 
ATOM   887  N N   . ALA A 1 124 ? 0.795   -6.114  -12.595 1.00 39.57  ? 214 ALA A N   1 
ATOM   888  C CA  . ALA A 1 124 ? 2.194   -6.091  -12.176 1.00 39.23  ? 214 ALA A CA  1 
ATOM   889  C C   . ALA A 1 124 ? 3.164   -5.769  -13.310 1.00 36.37  ? 214 ALA A C   1 
ATOM   890  O O   . ALA A 1 124 ? 3.060   -6.310  -14.409 1.00 41.34  ? 214 ALA A O   1 
ATOM   891  C CB  . ALA A 1 124 ? 2.570   -7.421  -11.538 1.00 43.22  ? 214 ALA A CB  1 
ATOM   892  N N   . THR A 1 125 ? 4.107   -4.872  -13.028 1.00 40.14  ? 215 THR A N   1 
ATOM   893  C CA  . THR A 1 125 ? 5.213   -4.593  -13.938 1.00 38.27  ? 215 THR A CA  1 
ATOM   894  C C   . THR A 1 125 ? 6.522   -4.485  -13.171 1.00 36.37  ? 215 THR A C   1 
ATOM   895  O O   . THR A 1 125 ? 6.527   -4.337  -11.950 1.00 36.78  ? 215 THR A O   1 
ATOM   896  C CB  . THR A 1 125 ? 5.007   -3.291  -14.732 1.00 35.34  ? 215 THR A CB  1 
ATOM   897  O OG1 . THR A 1 125 ? 4.658   -2.228  -13.836 1.00 48.88  ? 215 THR A OG1 1 
ATOM   898  C CG2 . THR A 1 125 ? 3.916   -3.460  -15.765 1.00 37.26  ? 215 THR A CG2 1 
ATOM   899  N N   . ILE A 1 126 ? 7.630   -4.563  -13.900 1.00 40.76  ? 216 ILE A N   1 
ATOM   900  C CA  . ILE A 1 126 ? 8.947   -4.361  -13.312 1.00 37.03  ? 216 ILE A CA  1 
ATOM   901  C C   . ILE A 1 126 ? 9.437   -2.949  -13.601 1.00 39.74  ? 216 ILE A C   1 
ATOM   902  O O   . ILE A 1 126 ? 9.475   -2.521  -14.755 1.00 37.20  ? 216 ILE A O   1 
ATOM   903  C CB  . ILE A 1 126 ? 9.979   -5.369  -13.851 1.00 36.70  ? 216 ILE A CB  1 
ATOM   904  C CG1 . ILE A 1 126 ? 9.502   -6.802  -13.622 1.00 32.36  ? 216 ILE A CG1 1 
ATOM   905  C CG2 . ILE A 1 126 ? 11.333  -5.145  -13.193 1.00 38.15  ? 216 ILE A CG2 1 
ATOM   906  C CD1 . ILE A 1 126 ? 9.169   -7.102  -12.181 1.00 42.01  ? 216 ILE A CD1 1 
ATOM   907  N N   . GLU A 1 127 ? 9.801   -2.227  -12.546 1.00 39.06  ? 217 GLU A N   1 
ATOM   908  C CA  . GLU A 1 127 ? 10.379  -0.897  -12.695 1.00 44.84  ? 217 GLU A CA  1 
ATOM   909  C C   . GLU A 1 127 ? 11.149  -0.502  -11.446 1.00 40.44  ? 217 GLU A C   1 
ATOM   910  O O   . GLU A 1 127 ? 10.939  -1.061  -10.370 1.00 38.28  ? 217 GLU A O   1 
ATOM   911  C CB  . GLU A 1 127 ? 9.296   0.145   -12.999 1.00 47.55  ? 217 GLU A CB  1 
ATOM   912  C CG  . GLU A 1 127 ? 8.355   0.454   -11.845 1.00 39.86  ? 217 GLU A CG  1 
ATOM   913  C CD  . GLU A 1 127 ? 7.394   1.584   -12.181 1.00 62.94  ? 217 GLU A CD  1 
ATOM   914  O OE1 . GLU A 1 127 ? 7.378   2.020   -13.353 1.00 66.16  ? 217 GLU A OE1 1 
ATOM   915  O OE2 . GLU A 1 127 ? 6.657   2.037   -11.281 1.00 59.18  ? 217 GLU A OE2 1 
ATOM   916  N N   . LYS A 1 128 ? 12.051  0.460   -11.601 1.00 40.12  ? 218 LYS A N   1 
ATOM   917  C CA  . LYS A 1 128 ? 12.814  0.976   -10.476 1.00 38.28  ? 218 LYS A CA  1 
ATOM   918  C C   . LYS A 1 128 ? 11.906  1.782   -9.555  1.00 39.68  ? 218 LYS A C   1 
ATOM   919  O O   . LYS A 1 128 ? 10.900  2.335   -9.998  1.00 37.79  ? 218 LYS A O   1 
ATOM   920  C CB  . LYS A 1 128 ? 13.976  1.843   -10.964 1.00 41.33  ? 218 LYS A CB  1 
ATOM   921  C CG  . LYS A 1 128 ? 13.542  3.066   -11.758 1.00 41.85  ? 218 LYS A CG  1 
ATOM   922  C CD  . LYS A 1 128 ? 14.695  4.037   -11.965 1.00 42.15  ? 218 LYS A CD  1 
ATOM   923  C CE  . LYS A 1 128 ? 15.261  4.516   -10.635 1.00 54.46  ? 218 LYS A CE  1 
ATOM   924  N NZ  . LYS A 1 128 ? 15.769  5.917   -10.700 1.00 48.26  ? 218 LYS A NZ  1 
ATOM   925  N N   . LEU A 1 129 ? 12.257  1.832   -8.275  1.00 34.13  ? 219 LEU A N   1 
ATOM   926  C CA  . LEU A 1 129 ? 11.548  2.685   -7.331  1.00 34.73  ? 219 LEU A CA  1 
ATOM   927  C C   . LEU A 1 129 ? 11.681  4.136   -7.783  1.00 35.13  ? 219 LEU A C   1 
ATOM   928  O O   . LEU A 1 129 ? 12.780  4.688   -7.790  1.00 36.80  ? 219 LEU A O   1 
ATOM   929  C CB  . LEU A 1 129 ? 12.094  2.499   -5.912  1.00 38.68  ? 219 LEU A CB  1 
ATOM   930  C CG  . LEU A 1 129 ? 11.932  1.099   -5.313  1.00 37.28  ? 219 LEU A CG  1 
ATOM   931  C CD1 . LEU A 1 129 ? 12.532  1.025   -3.918  1.00 32.34  ? 219 LEU A CD1 1 
ATOM   932  C CD2 . LEU A 1 129 ? 10.465  0.704   -5.286  1.00 31.72  ? 219 LEU A CD2 1 
ATOM   933  N N   . PRO A 1 130 ? 10.556  4.753   -8.177  1.00 36.78  ? 220 PRO A N   1 
ATOM   934  C CA  . PRO A 1 130 ? 10.574  6.086   -8.788  1.00 33.87  ? 220 PRO A CA  1 
ATOM   935  C C   . PRO A 1 130 ? 10.922  7.198   -7.802  1.00 34.10  ? 220 PRO A C   1 
ATOM   936  O O   . PRO A 1 130 ? 11.191  8.321   -8.228  1.00 35.91  ? 220 PRO A O   1 
ATOM   937  C CB  . PRO A 1 130 ? 9.142   6.247   -9.307  1.00 33.89  ? 220 PRO A CB  1 
ATOM   938  C CG  . PRO A 1 130 ? 8.325   5.404   -8.399  1.00 33.89  ? 220 PRO A CG  1 
ATOM   939  C CD  . PRO A 1 130 ? 9.187   4.223   -8.046  1.00 37.64  ? 220 PRO A CD  1 
ATOM   940  N N   . PHE A 1 131 ? 10.918  6.893   -6.508  1.00 31.97  ? 221 PHE A N   1 
ATOM   941  C CA  . PHE A 1 131 ? 11.266  7.889   -5.501  1.00 37.31  ? 221 PHE A CA  1 
ATOM   942  C C   . PHE A 1 131 ? 12.732  7.818   -5.080  1.00 35.03  ? 221 PHE A C   1 
ATOM   943  O O   . PHE A 1 131 ? 13.154  8.528   -4.168  1.00 37.17  ? 221 PHE A O   1 
ATOM   944  C CB  . PHE A 1 131 ? 10.368  7.748   -4.269  1.00 34.82  ? 221 PHE A CB  1 
ATOM   945  C CG  . PHE A 1 131 ? 9.948   6.338   -3.968  1.00 36.84  ? 221 PHE A CG  1 
ATOM   946  C CD1 . PHE A 1 131 ? 10.772  5.492   -3.243  1.00 35.48  ? 221 PHE A CD1 1 
ATOM   947  C CD2 . PHE A 1 131 ? 8.715   5.868   -4.388  1.00 33.63  ? 221 PHE A CD2 1 
ATOM   948  C CE1 . PHE A 1 131 ? 10.379  4.197   -2.958  1.00 36.92  ? 221 PHE A CE1 1 
ATOM   949  C CE2 . PHE A 1 131 ? 8.316   4.575   -4.105  1.00 36.31  ? 221 PHE A CE2 1 
ATOM   950  C CZ  . PHE A 1 131 ? 9.150   3.738   -3.389  1.00 34.76  ? 221 PHE A CZ  1 
ATOM   951  N N   . TYR A 1 132 ? 13.504  6.963   -5.745  1.00 34.87  ? 222 TYR A N   1 
ATOM   952  C CA  . TYR A 1 132 ? 14.939  6.861   -5.485  1.00 37.58  ? 222 TYR A CA  1 
ATOM   953  C C   . TYR A 1 132 ? 15.746  7.194   -6.737  1.00 41.26  ? 222 TYR A C   1 
ATOM   954  O O   . TYR A 1 132 ? 15.491  6.648   -7.811  1.00 47.15  ? 222 TYR A O   1 
ATOM   955  C CB  . TYR A 1 132 ? 15.306  5.460   -4.992  1.00 35.70  ? 222 TYR A CB  1 
ATOM   956  C CG  . TYR A 1 132 ? 14.941  5.172   -3.551  1.00 33.84  ? 222 TYR A CG  1 
ATOM   957  C CD1 . TYR A 1 132 ? 15.203  6.094   -2.545  1.00 38.08  ? 222 TYR A CD1 1 
ATOM   958  C CD2 . TYR A 1 132 ? 14.339  3.973   -3.197  1.00 36.38  ? 222 TYR A CD2 1 
ATOM   959  C CE1 . TYR A 1 132 ? 14.873  5.828   -1.226  1.00 27.99  ? 222 TYR A CE1 1 
ATOM   960  C CE2 . TYR A 1 132 ? 14.004  3.698   -1.885  1.00 37.60  ? 222 TYR A CE2 1 
ATOM   961  C CZ  . TYR A 1 132 ? 14.273  4.627   -0.904  1.00 34.08  ? 222 TYR A CZ  1 
ATOM   962  O OH  . TYR A 1 132 ? 13.940  4.351   0.401   1.00 41.07  ? 222 TYR A OH  1 
ATOM   963  N N   . LYS A 1 133 ? 16.717  8.090   -6.593  1.00 41.44  ? 223 LYS A N   1 
ATOM   964  C CA  . LYS A 1 133 ? 17.620  8.429   -7.689  1.00 47.68  ? 223 LYS A CA  1 
ATOM   965  C C   . LYS A 1 133 ? 18.429  7.202   -8.091  1.00 44.51  ? 223 LYS A C   1 
ATOM   966  O O   . LYS A 1 133 ? 18.601  6.914   -9.275  1.00 49.31  ? 223 LYS A O   1 
ATOM   967  C CB  . LYS A 1 133 ? 18.554  9.571   -7.286  1.00 44.23  ? 223 LYS A CB  1 
ATOM   968  C CG  . LYS A 1 133 ? 17.835  10.780  -6.715  1.00 43.11  ? 223 LYS A CG  1 
ATOM   969  C CD  . LYS A 1 133 ? 18.816  11.812  -6.193  1.00 40.95  ? 223 LYS A CD  1 
ATOM   970  C CE  . LYS A 1 133 ? 18.119  13.118  -5.856  1.00 40.76  ? 223 LYS A CE  1 
ATOM   971  N NZ  . LYS A 1 133 ? 19.068  14.097  -5.262  1.00 44.12  ? 223 LYS A NZ  1 
ATOM   972  N N   . ASN A 1 134 ? 18.923  6.489   -7.086  1.00 39.18  ? 224 ASN A N   1 
ATOM   973  C CA  . ASN A 1 134 ? 19.605  5.217   -7.286  1.00 42.07  ? 224 ASN A CA  1 
ATOM   974  C C   . ASN A 1 134 ? 18.626  4.125   -7.702  1.00 48.21  ? 224 ASN A C   1 
ATOM   975  O O   . ASN A 1 134 ? 17.597  3.929   -7.058  1.00 52.33  ? 224 ASN A O   1 
ATOM   976  C CB  . ASN A 1 134 ? 20.331  4.814   -6.006  1.00 50.96  ? 224 ASN A CB  1 
ATOM   977  C CG  . ASN A 1 134 ? 19.509  5.098   -4.763  1.00 58.70  ? 224 ASN A CG  1 
ATOM   978  O OD1 . ASN A 1 134 ? 19.266  6.258   -4.423  1.00 48.94  ? 224 ASN A OD1 1 
ATOM   979  N ND2 . ASN A 1 134 ? 19.067  4.044   -4.086  1.00 53.17  ? 224 ASN A ND2 1 
ATOM   980  N N   . SER A 1 135 ? 18.952  3.412   -8.775  1.00 46.72  ? 225 SER A N   1 
ATOM   981  C CA  . SER A 1 135 ? 18.059  2.396   -9.323  1.00 44.15  ? 225 SER A CA  1 
ATOM   982  C C   . SER A 1 135 ? 17.904  1.184   -8.407  1.00 41.95  ? 225 SER A C   1 
ATOM   983  O O   . SER A 1 135 ? 18.884  0.536   -8.042  1.00 47.59  ? 225 SER A O   1 
ATOM   984  C CB  . SER A 1 135 ? 18.559  1.942   -10.696 1.00 43.41  ? 225 SER A CB  1 
ATOM   985  O OG  . SER A 1 135 ? 17.800  0.850   -11.179 1.00 54.27  ? 225 SER A OG  1 
ATOM   986  N N   . VAL A 1 136 ? 16.661  0.888   -8.038  1.00 38.05  ? 226 VAL A N   1 
ATOM   987  C CA  . VAL A 1 136 ? 16.334  -0.301  -7.257  1.00 38.95  ? 226 VAL A CA  1 
ATOM   988  C C   . VAL A 1 136 ? 15.151  -1.023  -7.894  1.00 43.73  ? 226 VAL A C   1 
ATOM   989  O O   . VAL A 1 136 ? 14.020  -0.538  -7.840  1.00 41.87  ? 226 VAL A O   1 
ATOM   990  C CB  . VAL A 1 136 ? 15.991  0.042   -5.793  1.00 41.02  ? 226 VAL A CB  1 
ATOM   991  C CG1 . VAL A 1 136 ? 15.560  -1.208  -5.040  1.00 43.45  ? 226 VAL A CG1 1 
ATOM   992  C CG2 . VAL A 1 136 ? 17.174  0.704   -5.106  1.00 40.87  ? 226 VAL A CG2 1 
ATOM   993  N N   . LEU A 1 137 ? 15.414  -2.178  -8.500  1.00 43.12  ? 227 LEU A N   1 
ATOM   994  C CA  . LEU A 1 137 ? 14.371  -2.914  -9.208  1.00 44.87  ? 227 LEU A CA  1 
ATOM   995  C C   . LEU A 1 137 ? 13.277  -3.405  -8.269  1.00 39.83  ? 227 LEU A C   1 
ATOM   996  O O   . LEU A 1 137 ? 13.552  -3.926  -7.188  1.00 42.39  ? 227 LEU A O   1 
ATOM   997  C CB  . LEU A 1 137 ? 14.965  -4.098  -9.974  1.00 47.75  ? 227 LEU A CB  1 
ATOM   998  C CG  . LEU A 1 137 ? 15.482  -3.792  -11.381 1.00 53.89  ? 227 LEU A CG  1 
ATOM   999  C CD1 . LEU A 1 137 ? 15.473  -5.053  -12.234 1.00 52.40  ? 227 LEU A CD1 1 
ATOM   1000 C CD2 . LEU A 1 137 ? 14.663  -2.686  -12.040 1.00 51.28  ? 227 LEU A CD2 1 
ATOM   1001 N N   . SER A 1 138 ? 12.033  -3.230  -8.698  1.00 40.78  ? 228 SER A N   1 
ATOM   1002 C CA  . SER A 1 138 ? 10.880  -3.626  -7.905  1.00 42.59  ? 228 SER A CA  1 
ATOM   1003 C C   . SER A 1 138 ? 9.747   -4.094  -8.800  1.00 34.50  ? 228 SER A C   1 
ATOM   1004 O O   . SER A 1 138 ? 9.782   -3.898  -10.014 1.00 36.35  ? 228 SER A O   1 
ATOM   1005 C CB  . SER A 1 138 ? 10.402  -2.465  -7.035  1.00 39.93  ? 228 SER A CB  1 
ATOM   1006 O OG  . SER A 1 138 ? 9.872   -1.421  -7.836  1.00 37.88  ? 228 SER A OG  1 
ATOM   1007 N N   . VAL A 1 139 ? 8.740   -4.712  -8.195  1.00 36.52  ? 229 VAL A N   1 
ATOM   1008 C CA  . VAL A 1 139 ? 7.513   -5.026  -8.908  1.00 36.59  ? 229 VAL A CA  1 
ATOM   1009 C C   . VAL A 1 139 ? 6.470   -3.967  -8.595  1.00 37.06  ? 229 VAL A C   1 
ATOM   1010 O O   . VAL A 1 139 ? 6.168   -3.705  -7.431  1.00 37.10  ? 229 VAL A O   1 
ATOM   1011 C CB  . VAL A 1 139 ? 6.960   -6.408  -8.539  1.00 40.31  ? 229 VAL A CB  1 
ATOM   1012 C CG1 . VAL A 1 139 ? 5.714   -6.703  -9.360  1.00 40.96  ? 229 VAL A CG1 1 
ATOM   1013 C CG2 . VAL A 1 139 ? 8.011   -7.475  -8.757  1.00 37.71  ? 229 VAL A CG2 1 
ATOM   1014 N N   . SER A 1 140 ? 5.922   -3.357  -9.638  1.00 40.42  ? 230 SER A N   1 
ATOM   1015 C CA  . SER A 1 140 ? 4.941   -2.297  -9.461  1.00 41.40  ? 230 SER A CA  1 
ATOM   1016 C C   . SER A 1 140 ? 3.522   -2.781  -9.731  1.00 41.50  ? 230 SER A C   1 
ATOM   1017 O O   . SER A 1 140 ? 3.219   -3.257  -10.826 1.00 41.00  ? 230 SER A O   1 
ATOM   1018 C CB  . SER A 1 140 ? 5.265   -1.117  -10.373 1.00 37.03  ? 230 SER A CB  1 
ATOM   1019 O OG  . SER A 1 140 ? 4.347   -0.059  -10.171 1.00 43.13  ? 230 SER A OG  1 
ATOM   1020 N N   . ILE A 1 141 ? 2.661   -2.665  -8.725  1.00 37.24  ? 231 ILE A N   1 
ATOM   1021 C CA  . ILE A 1 141 ? 1.238   -2.921  -8.902  1.00 38.20  ? 231 ILE A CA  1 
ATOM   1022 C C   . ILE A 1 141 ? 0.569   -1.670  -9.456  1.00 36.53  ? 231 ILE A C   1 
ATOM   1023 O O   . ILE A 1 141 ? 0.450   -0.664  -8.755  1.00 38.30  ? 231 ILE A O   1 
ATOM   1024 C CB  . ILE A 1 141 ? 0.553   -3.326  -7.581  1.00 38.80  ? 231 ILE A CB  1 
ATOM   1025 C CG1 . ILE A 1 141 ? 1.243   -4.546  -6.965  1.00 39.61  ? 231 ILE A CG1 1 
ATOM   1026 C CG2 . ILE A 1 141 ? -0.922  -3.605  -7.809  1.00 37.46  ? 231 ILE A CG2 1 
ATOM   1027 C CD1 . ILE A 1 141 ? 1.257   -5.759  -7.866  1.00 43.84  ? 231 ILE A CD1 1 
ATOM   1028 N N   . HIS A 1 142 ? 0.141   -1.728  -10.713 1.00 36.83  ? 232 HIS A N   1 
ATOM   1029 C CA  . HIS A 1 142 ? -0.481  -0.573  -11.351 1.00 36.89  ? 232 HIS A CA  1 
ATOM   1030 C C   . HIS A 1 142 ? -1.818  -0.246  -10.691 1.00 35.03  ? 232 HIS A C   1 
ATOM   1031 O O   . HIS A 1 142 ? -2.685  -1.111  -10.576 1.00 38.17  ? 232 HIS A O   1 
ATOM   1032 C CB  . HIS A 1 142 ? -0.676  -0.814  -12.847 1.00 33.83  ? 232 HIS A CB  1 
ATOM   1033 C CG  . HIS A 1 142 ? -0.896  0.441   -13.631 1.00 32.87  ? 232 HIS A CG  1 
ATOM   1034 N ND1 . HIS A 1 142 ? -2.095  1.119   -13.629 1.00 33.80  ? 232 HIS A ND1 1 
ATOM   1035 C CD2 . HIS A 1 142 ? -0.065  1.149   -14.433 1.00 32.96  ? 232 HIS A CD2 1 
ATOM   1036 C CE1 . HIS A 1 142 ? -1.997  2.187   -14.402 1.00 35.18  ? 232 HIS A CE1 1 
ATOM   1037 N NE2 . HIS A 1 142 ? -0.776  2.227   -14.902 1.00 35.08  ? 232 HIS A NE2 1 
ATOM   1038 N N   . PRO A 1 143 ? -1.980  1.013   -10.256 1.00 32.32  ? 233 PRO A N   1 
ATOM   1039 C CA  . PRO A 1 143 ? -3.125  1.475   -9.465  1.00 35.51  ? 233 PRO A CA  1 
ATOM   1040 C C   . PRO A 1 143 ? -4.326  1.895   -10.306 1.00 36.10  ? 233 PRO A C   1 
ATOM   1041 O O   . PRO A 1 143 ? -5.161  2.658   -9.821  1.00 35.68  ? 233 PRO A O   1 
ATOM   1042 C CB  . PRO A 1 143 ? -2.552  2.682   -8.726  1.00 37.40  ? 233 PRO A CB  1 
ATOM   1043 C CG  . PRO A 1 143 ? -1.596  3.265   -9.713  1.00 35.10  ? 233 PRO A CG  1 
ATOM   1044 C CD  . PRO A 1 143 ? -0.994  2.091   -10.459 1.00 36.83  ? 233 PRO A CD  1 
ATOM   1045 N N   . CYS A 1 144 ? -4.405  1.405   -11.539 1.00 39.22  ? 234 CYS A N   1 
ATOM   1046 C CA  . CYS A 1 144 ? -5.442  1.820   -12.481 1.00 36.88  ? 234 CYS A CA  1 
ATOM   1047 C C   . CYS A 1 144 ? -6.861  1.662   -11.940 1.00 40.10  ? 234 CYS A C   1 
ATOM   1048 O O   . CYS A 1 144 ? -7.722  2.507   -12.178 1.00 43.68  ? 234 CYS A O   1 
ATOM   1049 C CB  . CYS A 1 144 ? -5.311  1.028   -13.782 1.00 37.58  ? 234 CYS A CB  1 
ATOM   1050 S SG  . CYS A 1 144 ? -6.431  1.555   -15.090 1.00 51.64  ? 234 CYS A SG  1 
ATOM   1051 N N   . LYS A 1 145 ? -7.102  0.578   -11.211 1.00 35.32  ? 235 LYS A N   1 
ATOM   1052 C CA  . LYS A 1 145 ? -8.445  0.283   -10.733 1.00 37.16  ? 235 LYS A CA  1 
ATOM   1053 C C   . LYS A 1 145 ? -8.507  0.173   -9.214  1.00 40.61  ? 235 LYS A C   1 
ATOM   1054 O O   . LYS A 1 145 ? -9.361  -0.530  -8.673  1.00 41.73  ? 235 LYS A O   1 
ATOM   1055 C CB  . LYS A 1 145 ? -8.960  -1.009  -11.372 1.00 35.26  ? 235 LYS A CB  1 
ATOM   1056 C CG  . LYS A 1 145 ? -8.883  -1.012  -12.890 1.00 39.96  ? 235 LYS A CG  1 
ATOM   1057 C CD  . LYS A 1 145 ? -9.740  -2.112  -13.492 1.00 54.54  ? 235 LYS A CD  1 
ATOM   1058 C CE  . LYS A 1 145 ? -10.295 -1.698  -14.846 1.00 57.09  ? 235 LYS A CE  1 
ATOM   1059 N NZ  . LYS A 1 145 ? -9.266  -1.789  -15.917 1.00 63.55  ? 235 LYS A NZ  1 
ATOM   1060 N N   . HIS A 1 146 ? -7.608  0.876   -8.531  1.00 36.12  ? 236 HIS A N   1 
ATOM   1061 C CA  . HIS A 1 146 ? -7.575  0.862   -7.072  1.00 36.43  ? 236 HIS A CA  1 
ATOM   1062 C C   . HIS A 1 146 ? -8.756  1.615   -6.478  1.00 37.47  ? 236 HIS A C   1 
ATOM   1063 O O   . HIS A 1 146 ? -9.331  1.187   -5.479  1.00 41.40  ? 236 HIS A O   1 
ATOM   1064 C CB  . HIS A 1 146 ? -6.267  1.466   -6.552  1.00 37.95  ? 236 HIS A CB  1 
ATOM   1065 C CG  . HIS A 1 146 ? -5.094  0.542   -6.633  1.00 38.35  ? 236 HIS A CG  1 
ATOM   1066 N ND1 . HIS A 1 146 ? -5.141  -0.663  -7.304  1.00 34.53  ? 236 HIS A ND1 1 
ATOM   1067 C CD2 . HIS A 1 146 ? -3.844  0.639   -6.125  1.00 38.23  ? 236 HIS A CD2 1 
ATOM   1068 C CE1 . HIS A 1 146 ? -3.971  -1.264  -7.207  1.00 37.44  ? 236 HIS A CE1 1 
ATOM   1069 N NE2 . HIS A 1 146 ? -3.162  -0.493  -6.495  1.00 37.03  ? 236 HIS A NE2 1 
ATOM   1070 N N   . ALA A 1 147 ? -9.106  2.740   -7.096  1.00 37.81  ? 237 ALA A N   1 
ATOM   1071 C CA  . ALA A 1 147 ? -10.190 3.586   -6.607  1.00 37.40  ? 237 ALA A CA  1 
ATOM   1072 C C   . ALA A 1 147 ? -11.509 2.824   -6.553  1.00 43.05  ? 237 ALA A C   1 
ATOM   1073 O O   . ALA A 1 147 ? -12.253 2.930   -5.578  1.00 42.70  ? 237 ALA A O   1 
ATOM   1074 C CB  . ALA A 1 147 ? -10.329 4.822   -7.479  1.00 32.29  ? 237 ALA A CB  1 
ATOM   1075 N N   . ASN A 1 148 ? -11.788 2.054   -7.601  1.00 40.52  ? 238 ASN A N   1 
ATOM   1076 C CA  . ASN A 1 148 ? -13.000 1.247   -7.662  1.00 39.52  ? 238 ASN A CA  1 
ATOM   1077 C C   . ASN A 1 148 ? -13.008 0.149   -6.604  1.00 44.58  ? 238 ASN A C   1 
ATOM   1078 O O   . ASN A 1 148 ? -14.040 -0.133  -6.000  1.00 46.71  ? 238 ASN A O   1 
ATOM   1079 C CB  . ASN A 1 148 ? -13.159 0.634   -9.055  1.00 43.33  ? 238 ASN A CB  1 
ATOM   1080 C CG  . ASN A 1 148 ? -14.358 -0.290  -9.150  1.00 58.71  ? 238 ASN A CG  1 
ATOM   1081 O OD1 . ASN A 1 148 ? -15.447 0.033   -8.670  1.00 55.79  ? 238 ASN A OD1 1 
ATOM   1082 N ND2 . ASN A 1 148 ? -14.161 -1.452  -9.765  1.00 59.15  ? 238 ASN A ND2 1 
ATOM   1083 N N   . VAL A 1 149 ? -11.851 -0.466  -6.381  1.00 44.51  ? 239 VAL A N   1 
ATOM   1084 C CA  . VAL A 1 149 ? -11.720 -1.510  -5.369  1.00 42.44  ? 239 VAL A CA  1 
ATOM   1085 C C   . VAL A 1 149 ? -11.971 -0.956  -3.971  1.00 47.66  ? 239 VAL A C   1 
ATOM   1086 O O   . VAL A 1 149 ? -12.786 -1.492  -3.219  1.00 51.75  ? 239 VAL A O   1 
ATOM   1087 C CB  . VAL A 1 149 ? -10.327 -2.162  -5.411  1.00 41.47  ? 239 VAL A CB  1 
ATOM   1088 C CG1 . VAL A 1 149 ? -10.109 -3.036  -4.183  1.00 38.46  ? 239 VAL A CG1 1 
ATOM   1089 C CG2 . VAL A 1 149 ? -10.159 -2.971  -6.688  1.00 40.42  ? 239 VAL A CG2 1 
ATOM   1090 N N   . MET A 1 150 ? -11.269 0.122   -3.636  1.00 45.79  ? 240 MET A N   1 
ATOM   1091 C CA  . MET A 1 150 ? -11.411 0.774   -2.338  1.00 47.26  ? 240 MET A CA  1 
ATOM   1092 C C   . MET A 1 150 ? -12.843 1.229   -2.093  1.00 50.77  ? 240 MET A C   1 
ATOM   1093 O O   . MET A 1 150 ? -13.368 1.092   -0.990  1.00 56.30  ? 240 MET A O   1 
ATOM   1094 C CB  . MET A 1 150 ? -10.459 1.966   -2.239  1.00 46.62  ? 240 MET A CB  1 
ATOM   1095 C CG  . MET A 1 150 ? -8.998  1.573   -2.173  1.00 39.80  ? 240 MET A CG  1 
ATOM   1096 S SD  . MET A 1 150 ? -8.645  0.630   -0.683  1.00 42.45  ? 240 MET A SD  1 
ATOM   1097 C CE  . MET A 1 150 ? -9.008  1.860   0.569   1.00 44.56  ? 240 MET A CE  1 
ATOM   1098 N N   . LYS A 1 151 ? -13.462 1.766   -3.138  1.00 51.48  ? 241 LYS A N   1 
ATOM   1099 C CA  . LYS A 1 151 ? -14.850 2.209   -3.094  1.00 50.81  ? 241 LYS A CA  1 
ATOM   1100 C C   . LYS A 1 151 ? -15.775 1.084   -2.634  1.00 48.53  ? 241 LYS A C   1 
ATOM   1101 O O   . LYS A 1 151 ? -16.720 1.310   -1.880  1.00 49.36  ? 241 LYS A O   1 
ATOM   1102 C CB  . LYS A 1 151 ? -15.271 2.719   -4.472  1.00 47.15  ? 241 LYS A CB  1 
ATOM   1103 C CG  . LYS A 1 151 ? -16.547 3.531   -4.498  1.00 47.86  ? 241 LYS A CG  1 
ATOM   1104 C CD  . LYS A 1 151 ? -16.698 4.230   -5.840  1.00 52.14  ? 241 LYS A CD  1 
ATOM   1105 C CE  . LYS A 1 151 ? -16.713 3.236   -6.992  1.00 65.09  ? 241 LYS A CE  1 
ATOM   1106 N NZ  . LYS A 1 151 ? -16.535 3.905   -8.313  1.00 63.15  ? 241 LYS A NZ  1 
ATOM   1107 N N   . ILE A 1 152 ? -15.481 -0.129  -3.088  1.00 50.24  ? 242 ILE A N   1 
ATOM   1108 C CA  . ILE A 1 152 ? -16.266 -1.305  -2.736  1.00 48.52  ? 242 ILE A CA  1 
ATOM   1109 C C   . ILE A 1 152 ? -15.883 -1.853  -1.362  1.00 56.04  ? 242 ILE A C   1 
ATOM   1110 O O   . ILE A 1 152 ? -16.747 -2.258  -0.582  1.00 55.49  ? 242 ILE A O   1 
ATOM   1111 C CB  . ILE A 1 152 ? -16.098 -2.414  -3.794  1.00 43.86  ? 242 ILE A CB  1 
ATOM   1112 C CG1 . ILE A 1 152 ? -16.594 -1.921  -5.154  1.00 42.93  ? 242 ILE A CG1 1 
ATOM   1113 C CG2 . ILE A 1 152 ? -16.836 -3.678  -3.382  1.00 44.74  ? 242 ILE A CG2 1 
ATOM   1114 C CD1 . ILE A 1 152 ? -16.259 -2.848  -6.299  1.00 49.70  ? 242 ILE A CD1 1 
ATOM   1115 N N   . LEU A 1 153 ? -14.588 -1.854  -1.064  1.00 50.61  ? 243 LEU A N   1 
ATOM   1116 C CA  . LEU A 1 153 ? -14.099 -2.400  0.198   1.00 52.55  ? 243 LEU A CA  1 
ATOM   1117 C C   . LEU A 1 153 ? -14.525 -1.557  1.393   1.00 52.15  ? 243 LEU A C   1 
ATOM   1118 O O   . LEU A 1 153 ? -14.918 -2.096  2.425   1.00 58.47  ? 243 LEU A O   1 
ATOM   1119 C CB  . LEU A 1 153 ? -12.577 -2.533  0.173   1.00 45.55  ? 243 LEU A CB  1 
ATOM   1120 C CG  . LEU A 1 153 ? -12.034 -3.570  -0.807  1.00 54.44  ? 243 LEU A CG  1 
ATOM   1121 C CD1 . LEU A 1 153 ? -10.548 -3.762  -0.592  1.00 50.37  ? 243 LEU A CD1 1 
ATOM   1122 C CD2 . LEU A 1 153 ? -12.775 -4.889  -0.660  1.00 46.70  ? 243 LEU A CD2 1 
ATOM   1123 N N   . LEU A 1 154 ? -14.444 -0.239  1.249   1.00 50.39  ? 244 LEU A N   1 
ATOM   1124 C CA  . LEU A 1 154 ? -14.845 0.673   2.316   1.00 54.58  ? 244 LEU A CA  1 
ATOM   1125 C C   . LEU A 1 154 ? -16.319 0.497   2.670   1.00 57.75  ? 244 LEU A C   1 
ATOM   1126 O O   . LEU A 1 154 ? -16.681 0.435   3.845   1.00 56.62  ? 244 LEU A O   1 
ATOM   1127 C CB  . LEU A 1 154 ? -14.572 2.122   1.913   1.00 48.99  ? 244 LEU A CB  1 
ATOM   1128 C CG  . LEU A 1 154 ? -13.106 2.552   1.835   1.00 47.72  ? 244 LEU A CG  1 
ATOM   1129 C CD1 . LEU A 1 154 ? -12.980 3.889   1.125   1.00 47.84  ? 244 LEU A CD1 1 
ATOM   1130 C CD2 . LEU A 1 154 ? -12.494 2.619   3.225   1.00 51.25  ? 244 LEU A CD2 1 
ATOM   1131 N N   . ASP A 1 155 ? -17.162 0.414   1.646   1.00 57.12  ? 245 ASP A N   1 
ATOM   1132 C CA  . ASP A 1 155 ? -18.597 0.253   1.847   1.00 64.46  ? 245 ASP A CA  1 
ATOM   1133 C C   . ASP A 1 155 ? -18.925 -1.129  2.402   1.00 70.08  ? 245 ASP A C   1 
ATOM   1134 O O   . ASP A 1 155 ? -19.906 -1.301  3.125   1.00 73.64  ? 245 ASP A O   1 
ATOM   1135 C CB  . ASP A 1 155 ? -19.350 0.489   0.537   1.00 65.47  ? 245 ASP A CB  1 
ATOM   1136 C CG  . ASP A 1 155 ? -20.854 0.428   0.712   1.00 75.52  ? 245 ASP A CG  1 
ATOM   1137 O OD1 . ASP A 1 155 ? -21.420 -0.681  0.626   1.00 80.49  ? 245 ASP A OD1 1 
ATOM   1138 O OD2 . ASP A 1 155 ? -21.470 1.492   0.936   1.00 76.09  ? 245 ASP A OD2 1 
ATOM   1139 N N   . LYS A 1 156 ? -18.099 -2.114  2.059   1.00 62.32  ? 246 LYS A N   1 
ATOM   1140 C CA  . LYS A 1 156 ? -18.283 -3.470  2.557   1.00 59.37  ? 246 LYS A CA  1 
ATOM   1141 C C   . LYS A 1 156 ? -17.946 -3.543  4.041   1.00 64.44  ? 246 LYS A C   1 
ATOM   1142 O O   . LYS A 1 156 ? -18.638 -4.209  4.811   1.00 66.80  ? 246 LYS A O   1 
ATOM   1143 C CB  . LYS A 1 156 ? -17.421 -4.459  1.769   1.00 59.38  ? 246 LYS A CB  1 
ATOM   1144 N N   . VAL A 1 157 ? -16.876 -2.857  4.433   1.00 62.70  ? 247 VAL A N   1 
ATOM   1145 C CA  . VAL A 1 157 ? -16.513 -2.742  5.840   1.00 66.32  ? 247 VAL A CA  1 
ATOM   1146 C C   . VAL A 1 157 ? -17.650 -2.081  6.606   1.00 74.16  ? 247 VAL A C   1 
ATOM   1147 O O   . VAL A 1 157 ? -17.992 -2.494  7.713   1.00 78.17  ? 247 VAL A O   1 
ATOM   1148 C CB  . VAL A 1 157 ? -15.218 -1.926  6.033   1.00 61.97  ? 247 VAL A CB  1 
ATOM   1149 C CG1 . VAL A 1 157 ? -14.968 -1.663  7.509   1.00 71.31  ? 247 VAL A CG1 1 
ATOM   1150 C CG2 . VAL A 1 157 ? -14.036 -2.652  5.413   1.00 65.16  ? 247 VAL A CG2 1 
ATOM   1151 N N   . ARG A 1 158 ? -18.240 -1.061  5.991   1.00 74.65  ? 248 ARG A N   1 
ATOM   1152 C CA  . ARG A 1 158 ? -19.359 -0.330  6.575   1.00 74.38  ? 248 ARG A CA  1 
ATOM   1153 C C   . ARG A 1 158 ? -20.540 -1.248  6.883   1.00 80.56  ? 248 ARG A C   1 
ATOM   1154 O O   . ARG A 1 158 ? -21.190 -1.109  7.918   1.00 80.78  ? 248 ARG A O   1 
ATOM   1155 C CB  . ARG A 1 158 ? -19.801 0.789   5.634   1.00 73.26  ? 248 ARG A CB  1 
ATOM   1156 C CG  . ARG A 1 158 ? -20.759 1.787   6.255   1.00 76.82  ? 248 ARG A CG  1 
ATOM   1157 C CD  . ARG A 1 158 ? -21.654 2.391   5.192   1.00 70.66  ? 248 ARG A CD  1 
ATOM   1158 N NE  . ARG A 1 158 ? -22.229 1.356   4.338   1.00 72.80  ? 248 ARG A NE  1 
ATOM   1159 C CZ  . ARG A 1 158 ? -23.470 1.383   3.865   1.00 76.54  ? 248 ARG A CZ  1 
ATOM   1160 N NH1 . ARG A 1 158 ? -24.273 2.396   4.162   1.00 82.73  ? 248 ARG A NH1 1 
ATOM   1161 N NH2 . ARG A 1 158 ? -23.909 0.397   3.095   1.00 69.65  ? 248 ARG A NH2 1 
ATOM   1162 N N   . VAL A 1 159 ? -20.811 -2.184  5.977   1.00 77.94  ? 249 VAL A N   1 
ATOM   1163 C CA  . VAL A 1 159 ? -21.896 -3.143  6.158   1.00 80.73  ? 249 VAL A CA  1 
ATOM   1164 C C   . VAL A 1 159 ? -21.614 -4.066  7.343   1.00 83.77  ? 249 VAL A C   1 
ATOM   1165 O O   . VAL A 1 159 ? -22.514 -4.387  8.121   1.00 90.25  ? 249 VAL A O   1 
ATOM   1166 C CB  . VAL A 1 159 ? -22.122 -3.980  4.874   1.00 79.16  ? 249 VAL A CB  1 
ATOM   1167 C CG1 . VAL A 1 159 ? -22.606 -5.388  5.205   1.00 81.67  ? 249 VAL A CG1 1 
ATOM   1168 C CG2 . VAL A 1 159 ? -23.094 -3.268  3.940   1.00 80.76  ? 249 VAL A CG2 1 
ATOM   1169 N N   . VAL A 1 160 ? -20.357 -4.478  7.480   1.00 81.88  ? 250 VAL A N   1 
ATOM   1170 C CA  . VAL A 1 160 ? -19.942 -5.318  8.597   1.00 81.83  ? 250 VAL A CA  1 
ATOM   1171 C C   . VAL A 1 160 ? -20.178 -4.602  9.925   1.00 86.37  ? 250 VAL A C   1 
ATOM   1172 O O   . VAL A 1 160 ? -20.712 -5.187  10.868  1.00 92.60  ? 250 VAL A O   1 
ATOM   1173 C CB  . VAL A 1 160 ? -18.457 -5.722  8.478   1.00 79.22  ? 250 VAL A CB  1 
ATOM   1174 C CG1 . VAL A 1 160 ? -17.950 -6.315  9.785   1.00 77.57  ? 250 VAL A CG1 1 
ATOM   1175 C CG2 . VAL A 1 160 ? -18.269 -6.702  7.331   1.00 76.53  ? 250 VAL A CG2 1 
ATOM   1176 N N   . ARG A 1 161 ? -19.791 -3.331  9.985   1.00 89.04  ? 251 ARG A N   1 
ATOM   1177 C CA  . ARG A 1 161 ? -20.018 -2.517  11.174  1.00 94.22  ? 251 ARG A CA  1 
ATOM   1178 C C   . ARG A 1 161 ? -21.512 -2.302  11.401  1.00 95.26  ? 251 ARG A C   1 
ATOM   1179 O O   . ARG A 1 161 ? -21.971 -2.212  12.539  1.00 97.74  ? 251 ARG A O   1 
ATOM   1180 C CB  . ARG A 1 161 ? -19.306 -1.167  11.056  1.00 94.07  ? 251 ARG A CB  1 
ATOM   1181 C CG  . ARG A 1 161 ? -17.878 -1.250  10.543  1.00 89.50  ? 251 ARG A CG  1 
ATOM   1182 C CD  . ARG A 1 161 ? -16.884 -0.747  11.573  1.00 94.27  ? 251 ARG A CD  1 
ATOM   1183 N NE  . ARG A 1 161 ? -17.331 0.491   12.205  1.00 99.46  ? 251 ARG A NE  1 
ATOM   1184 C CZ  . ARG A 1 161 ? -16.874 1.697   11.893  1.00 100.33 ? 251 ARG A CZ  1 
ATOM   1185 N NH1 . ARG A 1 161 ? -15.956 1.834   10.948  1.00 98.27  ? 251 ARG A NH1 1 
ATOM   1186 N NH2 . ARG A 1 161 ? -17.337 2.770   12.521  1.00 100.27 ? 251 ARG A NH2 1 
ATOM   1187 N N   . GLN A 1 162 ? -22.261 -2.219  10.306  1.00 93.48  ? 252 GLN A N   1 
ATOM   1188 C CA  . GLN A 1 162 ? -23.707 -2.047  10.366  1.00 93.70  ? 252 GLN A CA  1 
ATOM   1189 C C   . GLN A 1 162 ? -24.373 -3.255  11.018  1.00 95.52  ? 252 GLN A C   1 
ATOM   1190 O O   . GLN A 1 162 ? -25.278 -3.109  11.838  1.00 96.53  ? 252 GLN A O   1 
ATOM   1191 C CB  . GLN A 1 162 ? -24.276 -1.825  8.962   1.00 92.78  ? 252 GLN A CB  1 
ATOM   1192 C CG  . GLN A 1 162 ? -25.752 -1.468  8.924   1.00 90.37  ? 252 GLN A CG  1 
ATOM   1193 C CD  . GLN A 1 162 ? -26.337 -1.588  7.530   1.00 93.21  ? 252 GLN A CD  1 
ATOM   1194 O OE1 . GLN A 1 162 ? -26.124 -2.585  6.839   1.00 94.29  ? 252 GLN A OE1 1 
ATOM   1195 N NE2 . GLN A 1 162 ? -27.069 -0.565  7.103   1.00 90.14  ? 252 GLN A NE2 1 
ATOM   1196 N N   . ARG A 1 163 ? -23.916 -4.448  10.647  1.00 92.02  ? 253 ARG A N   1 
ATOM   1197 C CA  . ARG A 1 163 ? -24.454 -5.680  11.209  1.00 92.03  ? 253 ARG A CA  1 
ATOM   1198 C C   . ARG A 1 163 ? -23.965 -5.881  12.638  1.00 94.69  ? 253 ARG A C   1 
ATOM   1199 O O   . ARG A 1 163 ? -24.704 -6.374  13.490  1.00 99.82  ? 253 ARG A O   1 
ATOM   1200 C CB  . ARG A 1 163 ? -24.070 -6.882  10.343  1.00 83.16  ? 253 ARG A CB  1 
ATOM   1201 N N   . ARG A 1 164 ? -22.719 -5.495  12.897  1.00 92.86  ? 254 ARG A N   1 
ATOM   1202 C CA  . ARG A 1 164 ? -22.156 -5.600  14.237  1.00 95.56  ? 254 ARG A CA  1 
ATOM   1203 C C   . ARG A 1 164 ? -22.894 -4.673  15.198  1.00 98.09  ? 254 ARG A C   1 
ATOM   1204 O O   . ARG A 1 164 ? -23.172 -5.044  16.340  1.00 99.53  ? 254 ARG A O   1 
ATOM   1205 C CB  . ARG A 1 164 ? -20.661 -5.273  14.224  1.00 91.50  ? 254 ARG A CB  1 
ATOM   1206 N N   . ARG A 1 165 ? -23.214 -3.472  14.725  1.00 99.34  ? 255 ARG A N   1 
ATOM   1207 C CA  . ARG A 1 165 ? -23.961 -2.501  15.519  1.00 105.18 ? 255 ARG A CA  1 
ATOM   1208 C C   . ARG A 1 165 ? -25.358 -3.015  15.850  1.00 108.32 ? 255 ARG A C   1 
ATOM   1209 O O   . ARG A 1 165 ? -25.845 -2.845  16.969  1.00 110.17 ? 255 ARG A O   1 
ATOM   1210 C CB  . ARG A 1 165 ? -24.062 -1.163  14.780  1.00 102.97 ? 255 ARG A CB  1 
ATOM   1211 C CG  . ARG A 1 165 ? -25.132 -0.232  15.332  1.00 100.75 ? 255 ARG A CG  1 
ATOM   1212 C CD  . ARG A 1 165 ? -25.315 1.007   14.471  1.00 97.50  ? 255 ARG A CD  1 
ATOM   1213 N NE  . ARG A 1 165 ? -25.818 0.685   13.139  1.00 97.97  ? 255 ARG A NE  1 
ATOM   1214 C CZ  . ARG A 1 165 ? -26.453 1.550   12.354  1.00 101.01 ? 255 ARG A CZ  1 
ATOM   1215 N NH1 . ARG A 1 165 ? -26.671 2.789   12.772  1.00 102.43 ? 255 ARG A NH1 1 
ATOM   1216 N NH2 . ARG A 1 165 ? -26.877 1.174   11.155  1.00 101.20 ? 255 ARG A NH2 1 
ATOM   1217 N N   . LYS A 1 166 ? -25.999 -3.646  14.870  1.00 101.14 ? 256 LYS A N   1 
ATOM   1218 C CA  . LYS A 1 166 ? -27.351 -4.163  15.045  1.00 102.10 ? 256 LYS A CA  1 
ATOM   1219 C C   . LYS A 1 166 ? -27.367 -5.388  15.954  1.00 104.03 ? 256 LYS A C   1 
ATOM   1220 O O   . LYS A 1 166 ? -27.495 -6.520  15.486  1.00 100.11 ? 256 LYS A O   1 
ATOM   1221 C CB  . LYS A 1 166 ? -27.970 -4.508  13.688  1.00 93.41  ? 256 LYS A CB  1 
ATOM   1222 N N   . GLU A 1 167 ? -27.236 -5.153  17.257  1.00 107.32 ? 257 GLU A N   1 
ATOM   1223 C CA  . GLU A 1 167 ? -27.245 -6.234  18.237  1.00 103.88 ? 257 GLU A CA  1 
ATOM   1224 C C   . GLU A 1 167 ? -27.584 -5.712  19.631  1.00 104.37 ? 257 GLU A C   1 
ATOM   1225 O O   . GLU A 1 167 ? -27.617 -4.500  19.859  1.00 101.03 ? 257 GLU A O   1 
ATOM   1226 C CB  . GLU A 1 167 ? -25.892 -6.958  18.255  1.00 106.37 ? 257 GLU A CB  1 
ATOM   1227 C CG  . GLU A 1 167 ? -25.058 -6.769  19.524  1.00 108.67 ? 257 GLU A CG  1 
ATOM   1228 C CD  . GLU A 1 167 ? -24.370 -5.414  19.608  1.00 106.95 ? 257 GLU A CD  1 
ATOM   1229 O OE1 . GLU A 1 167 ? -24.606 -4.560  18.731  1.00 110.44 ? 257 GLU A OE1 1 
ATOM   1230 O OE2 . GLU A 1 167 ? -23.584 -5.207  20.557  1.00 98.29  ? 257 GLU A OE2 1 
ATOM   1231 N N   . ILE A 1 187 ? -24.981 7.340   9.780   1.00 97.12  ? 277 ILE A N   1 
ATOM   1232 C CA  . ILE A 1 187 ? -25.101 6.346   10.840  1.00 94.51  ? 277 ILE A CA  1 
ATOM   1233 C C   . ILE A 1 187 ? -23.797 6.217   11.621  1.00 98.48  ? 277 ILE A C   1 
ATOM   1234 O O   . ILE A 1 187 ? -23.765 5.608   12.693  1.00 100.69 ? 277 ILE A O   1 
ATOM   1235 C CB  . ILE A 1 187 ? -25.494 4.968   10.278  1.00 94.79  ? 277 ILE A CB  1 
ATOM   1236 N N   . ASP A 1 188 ? -22.736 6.796   11.061  1.00 101.89 ? 278 ASP A N   1 
ATOM   1237 C CA  . ASP A 1 188 ? -21.391 6.804   11.645  1.00 94.29  ? 278 ASP A CA  1 
ATOM   1238 C C   . ASP A 1 188 ? -20.748 5.416   11.686  1.00 96.44  ? 278 ASP A C   1 
ATOM   1239 O O   . ASP A 1 188 ? -19.876 5.156   12.514  1.00 98.66  ? 278 ASP A O   1 
ATOM   1240 C CB  . ASP A 1 188 ? -21.412 7.410   13.054  1.00 93.30  ? 278 ASP A CB  1 
ATOM   1241 N N   . ASP A 1 189 ? -21.171 4.532   10.787  1.00 97.87  ? 279 ASP A N   1 
ATOM   1242 C CA  . ASP A 1 189 ? -20.525 3.229   10.646  1.00 98.22  ? 279 ASP A CA  1 
ATOM   1243 C C   . ASP A 1 189 ? -19.466 3.278   9.551   1.00 92.64  ? 279 ASP A C   1 
ATOM   1244 O O   . ASP A 1 189 ? -18.609 2.398   9.460   1.00 89.26  ? 279 ASP A O   1 
ATOM   1245 C CB  . ASP A 1 189 ? -21.548 2.134   10.341  1.00 100.66 ? 279 ASP A CB  1 
ATOM   1246 C CG  . ASP A 1 189 ? -22.423 1.805   11.536  1.00 102.86 ? 279 ASP A CG  1 
ATOM   1247 O OD1 . ASP A 1 189 ? -22.054 2.189   12.666  1.00 102.08 ? 279 ASP A OD1 1 
ATOM   1248 O OD2 . ASP A 1 189 ? -23.474 1.160   11.345  1.00 104.05 ? 279 ASP A OD2 1 
ATOM   1249 N N   . SER A 1 190 ? -19.536 4.313   8.719   1.00 92.38  ? 280 SER A N   1 
ATOM   1250 C CA  . SER A 1 190 ? -18.547 4.523   7.669   1.00 83.63  ? 280 SER A CA  1 
ATOM   1251 C C   . SER A 1 190 ? -17.203 4.908   8.274   1.00 82.90  ? 280 SER A C   1 
ATOM   1252 O O   . SER A 1 190 ? -17.143 5.621   9.277   1.00 79.45  ? 280 SER A O   1 
ATOM   1253 C CB  . SER A 1 190 ? -19.018 5.601   6.692   1.00 81.04  ? 280 SER A CB  1 
ATOM   1254 O OG  . SER A 1 190 ? -19.866 5.051   5.698   1.00 75.41  ? 280 SER A OG  1 
ATOM   1255 N N   . LEU A 1 191 ? -16.129 4.428   7.657   1.00 74.50  ? 281 LEU A N   1 
ATOM   1256 C CA  . LEU A 1 191 ? -14.782 4.664   8.157   1.00 67.52  ? 281 LEU A CA  1 
ATOM   1257 C C   . LEU A 1 191 ? -14.358 6.107   7.941   1.00 67.72  ? 281 LEU A C   1 
ATOM   1258 O O   . LEU A 1 191 ? -14.909 6.807   7.091   1.00 71.53  ? 281 LEU A O   1 
ATOM   1259 C CB  . LEU A 1 191 ? -13.787 3.723   7.475   1.00 65.47  ? 281 LEU A CB  1 
ATOM   1260 C CG  . LEU A 1 191 ? -13.845 2.244   7.860   1.00 64.37  ? 281 LEU A CG  1 
ATOM   1261 C CD1 . LEU A 1 191 ? -13.136 1.404   6.820   1.00 63.39  ? 281 LEU A CD1 1 
ATOM   1262 C CD2 . LEU A 1 191 ? -13.228 2.009   9.223   1.00 65.77  ? 281 LEU A CD2 1 
ATOM   1263 N N   . ARG A 1 192 ? -13.380 6.543   8.726   1.00 64.83  ? 282 ARG A N   1 
ATOM   1264 C CA  . ARG A 1 192 ? -12.750 7.844   8.538   1.00 62.12  ? 282 ARG A CA  1 
ATOM   1265 C C   . ARG A 1 192 ? -11.633 7.680   7.508   1.00 60.60  ? 282 ARG A C   1 
ATOM   1266 O O   . ARG A 1 192 ? -11.202 6.559   7.248   1.00 60.04  ? 282 ARG A O   1 
ATOM   1267 C CB  . ARG A 1 192 ? -12.226 8.384   9.879   1.00 72.21  ? 282 ARG A CB  1 
ATOM   1268 C CG  . ARG A 1 192 ? -11.139 7.511   10.516  1.00 81.06  ? 282 ARG A CG  1 
ATOM   1269 C CD  . ARG A 1 192 ? -10.673 8.015   11.882  1.00 84.05  ? 282 ARG A CD  1 
ATOM   1270 N NE  . ARG A 1 192 ? -11.634 7.784   12.966  1.00 81.87  ? 282 ARG A NE  1 
ATOM   1271 C CZ  . ARG A 1 192 ? -11.648 6.693   13.730  1.00 83.62  ? 282 ARG A CZ  1 
ATOM   1272 N NH1 . ARG A 1 192 ? -10.749 5.734   13.537  1.00 75.67  ? 282 ARG A NH1 1 
ATOM   1273 N NH2 . ARG A 1 192 ? -12.549 6.568   14.694  1.00 83.67  ? 282 ARG A NH2 1 
ATOM   1274 N N   . VAL A 1 193 ? -11.165 8.780   6.925   1.00 59.15  ? 283 VAL A N   1 
ATOM   1275 C CA  . VAL A 1 193 ? -10.231 8.697   5.807   1.00 54.88  ? 283 VAL A CA  1 
ATOM   1276 C C   . VAL A 1 193 ? -8.820  8.320   6.253   1.00 55.67  ? 283 VAL A C   1 
ATOM   1277 O O   . VAL A 1 193 ? -8.056  7.737   5.480   1.00 57.18  ? 283 VAL A O   1 
ATOM   1278 C CB  . VAL A 1 193 ? -10.168 10.029  5.018   1.00 52.68  ? 283 VAL A CB  1 
ATOM   1279 C CG1 . VAL A 1 193 ? -9.522  11.124  5.855   1.00 56.38  ? 283 VAL A CG1 1 
ATOM   1280 C CG2 . VAL A 1 193 ? -9.417  9.840   3.702   1.00 57.16  ? 283 VAL A CG2 1 
ATOM   1281 N N   . ASP A 1 194 ? -8.461  8.617   7.501   1.00 55.82  ? 284 ASP A N   1 
ATOM   1282 C CA  . ASP A 1 194 ? -7.101  8.290   7.936   1.00 56.36  ? 284 ASP A CA  1 
ATOM   1283 C C   . ASP A 1 194 ? -6.973  6.790   8.165   1.00 56.04  ? 284 ASP A C   1 
ATOM   1284 O O   . ASP A 1 194 ? -5.878  6.294   8.395   1.00 53.58  ? 284 ASP A O   1 
ATOM   1285 C CB  . ASP A 1 194 ? -6.676  9.087   9.190   1.00 59.13  ? 284 ASP A CB  1 
ATOM   1286 C CG  . ASP A 1 194 ? -7.485  8.762   10.436  1.00 63.33  ? 284 ASP A CG  1 
ATOM   1287 O OD1 . ASP A 1 194 ? -7.702  7.571   10.768  1.00 73.36  ? 284 ASP A OD1 1 
ATOM   1288 O OD2 . ASP A 1 194 ? -7.910  9.735   11.096  1.00 63.18  ? 284 ASP A OD2 1 
ATOM   1289 N N   . GLN A 1 195 ? -8.100  6.085   8.089   1.00 55.89  ? 285 GLN A N   1 
ATOM   1290 C CA  . GLN A 1 195 ? -8.123  4.630   8.134   1.00 51.59  ? 285 GLN A CA  1 
ATOM   1291 C C   . GLN A 1 195 ? -8.059  4.030   6.729   1.00 49.23  ? 285 GLN A C   1 
ATOM   1292 O O   . GLN A 1 195 ? -8.072  2.813   6.572   1.00 48.69  ? 285 GLN A O   1 
ATOM   1293 C CB  . GLN A 1 195 ? -9.386  4.123   8.837   1.00 58.44  ? 285 GLN A CB  1 
ATOM   1294 C CG  . GLN A 1 195 ? -9.449  4.339   10.340  1.00 66.11  ? 285 GLN A CG  1 
ATOM   1295 C CD  . GLN A 1 195 ? -10.778 3.882   10.927  1.00 67.82  ? 285 GLN A CD  1 
ATOM   1296 O OE1 . GLN A 1 195 ? -11.836 4.396   10.564  1.00 67.72  ? 285 GLN A OE1 1 
ATOM   1297 N NE2 . GLN A 1 195 ? -10.726 2.921   11.843  1.00 68.75  ? 285 GLN A NE2 1 
ATOM   1298 N N   . TYR A 1 196 ? -8.001  4.891   5.718   1.00 45.51  ? 286 TYR A N   1 
ATOM   1299 C CA  . TYR A 1 196 ? -8.024  4.471   4.314   1.00 46.72  ? 286 TYR A CA  1 
ATOM   1300 C C   . TYR A 1 196 ? -6.980  3.411   3.970   1.00 53.39  ? 286 TYR A C   1 
ATOM   1301 O O   . TYR A 1 196 ? -7.286  2.422   3.305   1.00 52.61  ? 286 TYR A O   1 
ATOM   1302 C CB  . TYR A 1 196 ? -7.824  5.694   3.416   1.00 47.48  ? 286 TYR A CB  1 
ATOM   1303 C CG  . TYR A 1 196 ? -7.868  5.442   1.932   1.00 44.00  ? 286 TYR A CG  1 
ATOM   1304 C CD1 . TYR A 1 196 ? -9.047  5.597   1.219   1.00 40.70  ? 286 TYR A CD1 1 
ATOM   1305 C CD2 . TYR A 1 196 ? -6.721  5.091   1.237   1.00 42.57  ? 286 TYR A CD2 1 
ATOM   1306 C CE1 . TYR A 1 196 ? -9.087  5.385   -0.143  1.00 42.07  ? 286 TYR A CE1 1 
ATOM   1307 C CE2 . TYR A 1 196 ? -6.751  4.874   -0.119  1.00 39.54  ? 286 TYR A CE2 1 
ATOM   1308 C CZ  . TYR A 1 196 ? -7.934  5.024   -0.807  1.00 43.31  ? 286 TYR A CZ  1 
ATOM   1309 O OH  . TYR A 1 196 ? -7.961  4.809   -2.165  1.00 42.82  ? 286 TYR A OH  1 
ATOM   1310 N N   . LEU A 1 197 ? -5.750  3.619   4.426   1.00 49.65  ? 287 LEU A N   1 
ATOM   1311 C CA  . LEU A 1 197 ? -4.631  2.775   4.015   1.00 49.92  ? 287 LEU A CA  1 
ATOM   1312 C C   . LEU A 1 197 ? -4.667  1.372   4.617   1.00 51.96  ? 287 LEU A C   1 
ATOM   1313 O O   . LEU A 1 197 ? -4.140  0.429   4.025   1.00 54.13  ? 287 LEU A O   1 
ATOM   1314 C CB  . LEU A 1 197 ? -3.305  3.454   4.364   1.00 45.40  ? 287 LEU A CB  1 
ATOM   1315 C CG  . LEU A 1 197 ? -2.882  4.551   3.386   1.00 49.02  ? 287 LEU A CG  1 
ATOM   1316 C CD1 . LEU A 1 197 ? -1.512  5.096   3.743   1.00 39.57  ? 287 LEU A CD1 1 
ATOM   1317 C CD2 . LEU A 1 197 ? -2.901  4.031   1.956   1.00 46.00  ? 287 LEU A CD2 1 
ATOM   1318 N N   . ILE A 1 198 ? -5.275  1.227   5.790   1.00 55.56  ? 288 ILE A N   1 
ATOM   1319 C CA  . ILE A 1 198 ? -5.410  -0.094  6.395   1.00 54.89  ? 288 ILE A CA  1 
ATOM   1320 C C   . ILE A 1 198 ? -6.320  -0.953  5.524   1.00 50.09  ? 288 ILE A C   1 
ATOM   1321 O O   . ILE A 1 198 ? -6.053  -2.136  5.304   1.00 50.13  ? 288 ILE A O   1 
ATOM   1322 C CB  . ILE A 1 198 ? -5.957  -0.016  7.834   1.00 57.63  ? 288 ILE A CB  1 
ATOM   1323 C CG1 . ILE A 1 198 ? -4.834  0.371   8.794   1.00 59.07  ? 288 ILE A CG1 1 
ATOM   1324 C CG2 . ILE A 1 198 ? -6.545  -1.348  8.267   1.00 54.41  ? 288 ILE A CG2 1 
ATOM   1325 C CD1 . ILE A 1 198 ? -4.865  1.812   9.213   1.00 59.68  ? 288 ILE A CD1 1 
ATOM   1326 N N   . VAL A 1 199 ? -7.382  -0.345  5.007   1.00 51.86  ? 289 VAL A N   1 
ATOM   1327 C CA  . VAL A 1 199 ? -8.273  -1.031  4.082   1.00 50.21  ? 289 VAL A CA  1 
ATOM   1328 C C   . VAL A 1 199 ? -7.533  -1.352  2.787   1.00 49.70  ? 289 VAL A C   1 
ATOM   1329 O O   . VAL A 1 199 ? -7.738  -2.409  2.189   1.00 50.26  ? 289 VAL A O   1 
ATOM   1330 C CB  . VAL A 1 199 ? -9.526  -0.191  3.777   1.00 50.86  ? 289 VAL A CB  1 
ATOM   1331 C CG1 . VAL A 1 199 ? -10.421 -0.904  2.770   1.00 48.72  ? 289 VAL A CG1 1 
ATOM   1332 C CG2 . VAL A 1 199 ? -10.284 0.097   5.060   1.00 46.41  ? 289 VAL A CG2 1 
ATOM   1333 N N   . PHE A 1 200 ? -6.660  -0.441  2.365   1.00 49.58  ? 290 PHE A N   1 
ATOM   1334 C CA  . PHE A 1 200 ? -5.854  -0.662  1.171   1.00 44.96  ? 290 PHE A CA  1 
ATOM   1335 C C   . PHE A 1 200 ? -4.897  -1.829  1.356   1.00 40.82  ? 290 PHE A C   1 
ATOM   1336 O O   . PHE A 1 200 ? -4.704  -2.634  0.446   1.00 47.95  ? 290 PHE A O   1 
ATOM   1337 C CB  . PHE A 1 200 ? -5.062  0.594   0.804   1.00 48.47  ? 290 PHE A CB  1 
ATOM   1338 C CG  . PHE A 1 200 ? -4.141  0.402   -0.367  1.00 41.58  ? 290 PHE A CG  1 
ATOM   1339 C CD1 . PHE A 1 200 ? -4.646  0.287   -1.651  1.00 37.55  ? 290 PHE A CD1 1 
ATOM   1340 C CD2 . PHE A 1 200 ? -2.769  0.330   -0.184  1.00 41.16  ? 290 PHE A CD2 1 
ATOM   1341 C CE1 . PHE A 1 200 ? -3.803  0.107   -2.732  1.00 42.50  ? 290 PHE A CE1 1 
ATOM   1342 C CE2 . PHE A 1 200 ? -1.917  0.151   -1.261  1.00 41.21  ? 290 PHE A CE2 1 
ATOM   1343 C CZ  . PHE A 1 200 ? -2.436  0.040   -2.536  1.00 39.45  ? 290 PHE A CZ  1 
ATOM   1344 N N   . LEU A 1 201 ? -4.295  -1.917  2.536   1.00 43.98  ? 291 LEU A N   1 
ATOM   1345 C CA  . LEU A 1 201 ? -3.333  -2.976  2.815   1.00 49.66  ? 291 LEU A CA  1 
ATOM   1346 C C   . LEU A 1 201 ? -4.010  -4.335  2.930   1.00 48.68  ? 291 LEU A C   1 
ATOM   1347 O O   . LEU A 1 201 ? -3.468  -5.340  2.474   1.00 47.31  ? 291 LEU A O   1 
ATOM   1348 C CB  . LEU A 1 201 ? -2.545  -2.663  4.087   1.00 50.80  ? 291 LEU A CB  1 
ATOM   1349 C CG  . LEU A 1 201 ? -1.446  -1.624  3.870   1.00 50.30  ? 291 LEU A CG  1 
ATOM   1350 C CD1 . LEU A 1 201 ? -0.652  -1.394  5.141   1.00 55.66  ? 291 LEU A CD1 1 
ATOM   1351 C CD2 . LEU A 1 201 ? -0.536  -2.072  2.738   1.00 52.77  ? 291 LEU A CD2 1 
ATOM   1352 N N   . LYS A 1 202 ? -5.195  -4.361  3.533   1.00 53.31  ? 292 LYS A N   1 
ATOM   1353 C CA  . LYS A 1 202 ? -5.983  -5.586  3.613   1.00 53.62  ? 292 LYS A CA  1 
ATOM   1354 C C   . LYS A 1 202 ? -6.285  -6.102  2.211   1.00 51.95  ? 292 LYS A C   1 
ATOM   1355 O O   . LYS A 1 202 ? -6.344  -7.308  1.977   1.00 54.53  ? 292 LYS A O   1 
ATOM   1356 C CB  . LYS A 1 202 ? -7.281  -5.350  4.385   1.00 49.10  ? 292 LYS A CB  1 
ATOM   1357 N N   . PHE A 1 203 ? -6.469  -5.168  1.283   1.00 50.83  ? 293 PHE A N   1 
ATOM   1358 C CA  . PHE A 1 203 ? -6.659  -5.498  -0.123  1.00 49.05  ? 293 PHE A CA  1 
ATOM   1359 C C   . PHE A 1 203 ? -5.383  -6.061  -0.737  1.00 56.25  ? 293 PHE A C   1 
ATOM   1360 O O   . PHE A 1 203 ? -5.424  -7.049  -1.469  1.00 56.91  ? 293 PHE A O   1 
ATOM   1361 C CB  . PHE A 1 203 ? -7.115  -4.263  -0.901  1.00 49.72  ? 293 PHE A CB  1 
ATOM   1362 C CG  . PHE A 1 203 ? -6.963  -4.389  -2.391  1.00 45.05  ? 293 PHE A CG  1 
ATOM   1363 C CD1 . PHE A 1 203 ? -7.603  -5.403  -3.088  1.00 48.03  ? 293 PHE A CD1 1 
ATOM   1364 C CD2 . PHE A 1 203 ? -6.193  -3.480  -3.097  1.00 50.39  ? 293 PHE A CD2 1 
ATOM   1365 C CE1 . PHE A 1 203 ? -7.463  -5.516  -4.458  1.00 45.19  ? 293 PHE A CE1 1 
ATOM   1366 C CE2 . PHE A 1 203 ? -6.050  -3.587  -4.468  1.00 50.12  ? 293 PHE A CE2 1 
ATOM   1367 C CZ  . PHE A 1 203 ? -6.687  -4.606  -5.149  1.00 51.83  ? 293 PHE A CZ  1 
ATOM   1368 N N   . ILE A 1 204 ? -4.253  -5.427  -0.434  1.00 54.14  ? 294 ILE A N   1 
ATOM   1369 C CA  . ILE A 1 204 ? -2.965  -5.842  -0.981  1.00 54.22  ? 294 ILE A CA  1 
ATOM   1370 C C   . ILE A 1 204 ? -2.559  -7.226  -0.478  1.00 56.94  ? 294 ILE A C   1 
ATOM   1371 O O   . ILE A 1 204 ? -2.049  -8.046  -1.242  1.00 61.16  ? 294 ILE A O   1 
ATOM   1372 C CB  . ILE A 1 204 ? -1.857  -4.830  -0.635  1.00 46.92  ? 294 ILE A CB  1 
ATOM   1373 C CG1 . ILE A 1 204 ? -2.062  -3.530  -1.422  1.00 48.47  ? 294 ILE A CG1 1 
ATOM   1374 C CG2 . ILE A 1 204 ? -0.489  -5.421  -0.929  1.00 56.62  ? 294 ILE A CG2 1 
ATOM   1375 C CD1 . ILE A 1 204 ? -1.977  -3.707  -2.924  1.00 49.36  ? 294 ILE A CD1 1 
ATOM   1376 N N   . THR A 1 205 ? -2.797  -7.481  0.806   1.00 56.98  ? 295 THR A N   1 
ATOM   1377 C CA  . THR A 1 205 ? -2.446  -8.761  1.414   1.00 59.82  ? 295 THR A CA  1 
ATOM   1378 C C   . THR A 1 205 ? -3.121  -9.921  0.694   1.00 64.85  ? 295 THR A C   1 
ATOM   1379 O O   . THR A 1 205 ? -2.530  -10.986 0.525   1.00 68.07  ? 295 THR A O   1 
ATOM   1380 C CB  . THR A 1 205 ? -2.835  -8.812  2.901   1.00 61.17  ? 295 THR A CB  1 
ATOM   1381 O OG1 . THR A 1 205 ? -4.231  -8.522  3.037   1.00 66.76  ? 295 THR A OG1 1 
ATOM   1382 C CG2 . THR A 1 205 ? -2.032  -7.802  3.702   1.00 61.22  ? 295 THR A CG2 1 
ATOM   1383 N N   . SER A 1 206 ? -4.362  -9.704  0.269   1.00 67.93  ? 296 SER A N   1 
ATOM   1384 C CA  . SER A 1 206 ? -5.116  -10.723 -0.452  1.00 67.27  ? 296 SER A CA  1 
ATOM   1385 C C   . SER A 1 206 ? -4.454  -11.052 -1.784  1.00 67.53  ? 296 SER A C   1 
ATOM   1386 O O   . SER A 1 206 ? -4.484  -12.194 -2.243  1.00 75.05  ? 296 SER A O   1 
ATOM   1387 C CB  . SER A 1 206 ? -6.555  -10.262 -0.685  1.00 74.08  ? 296 SER A CB  1 
ATOM   1388 O OG  . SER A 1 206 ? -6.591  -9.072  -1.454  1.00 62.84  ? 296 SER A OG  1 
ATOM   1389 N N   . VAL A 1 207 ? -3.854  -10.037 -2.393  1.00 59.00  ? 297 VAL A N   1 
ATOM   1390 C CA  . VAL A 1 207 ? -3.213  -10.168 -3.695  1.00 56.80  ? 297 VAL A CA  1 
ATOM   1391 C C   . VAL A 1 207 ? -1.796  -10.733 -3.529  1.00 65.18  ? 297 VAL A C   1 
ATOM   1392 O O   . VAL A 1 207 ? -1.236  -11.340 -4.447  1.00 62.72  ? 297 VAL A O   1 
ATOM   1393 C CB  . VAL A 1 207 ? -3.213  -8.795  -4.425  1.00 60.54  ? 297 VAL A CB  1 
ATOM   1394 C CG1 . VAL A 1 207 ? -1.985  -8.600  -5.304  1.00 65.81  ? 297 VAL A CG1 1 
ATOM   1395 C CG2 . VAL A 1 207 ? -4.502  -8.622  -5.224  1.00 66.07  ? 297 VAL A CG2 1 
ATOM   1396 N N   . THR A 1 208 ? -1.236  -10.568 -2.334  1.00 66.43  ? 298 THR A N   1 
ATOM   1397 C CA  . THR A 1 208 ? 0.062   -11.152 -2.004  1.00 63.32  ? 298 THR A CA  1 
ATOM   1398 C C   . THR A 1 208 ? -0.054  -12.075 -0.792  1.00 63.67  ? 298 THR A C   1 
ATOM   1399 O O   . THR A 1 208 ? 0.418   -11.741 0.294   1.00 63.20  ? 298 THR A O   1 
ATOM   1400 C CB  . THR A 1 208 ? 1.112   -10.063 -1.719  1.00 63.17  ? 298 THR A CB  1 
ATOM   1401 O OG1 . THR A 1 208 ? 0.687   -9.263  -0.609  1.00 60.42  ? 298 THR A OG1 1 
ATOM   1402 C CG2 . THR A 1 208 ? 1.291   -9.172  -2.934  1.00 59.79  ? 298 THR A CG2 1 
ATOM   1403 N N   . PRO A 1 209 ? -0.677  -13.250 -0.982  1.00 64.19  ? 299 PRO A N   1 
ATOM   1404 C CA  . PRO A 1 209 ? -1.027  -14.161 0.115   1.00 63.15  ? 299 PRO A CA  1 
ATOM   1405 C C   . PRO A 1 209 ? 0.184   -14.723 0.847   1.00 64.00  ? 299 PRO A C   1 
ATOM   1406 O O   . PRO A 1 209 ? 0.173   -14.800 2.075   1.00 69.18  ? 299 PRO A O   1 
ATOM   1407 C CB  . PRO A 1 209 ? -1.787  -15.293 -0.592  1.00 56.78  ? 299 PRO A CB  1 
ATOM   1408 C CG  . PRO A 1 209 ? -2.144  -14.755 -1.939  1.00 56.75  ? 299 PRO A CG  1 
ATOM   1409 C CD  . PRO A 1 209 ? -1.037  -13.821 -2.290  1.00 61.27  ? 299 PRO A CD  1 
ATOM   1410 N N   . SER A 1 210 ? 1.210   -15.113 0.098   1.00 60.06  ? 300 SER A N   1 
ATOM   1411 C CA  . SER A 1 210 ? 2.391   -15.746 0.675   1.00 59.42  ? 300 SER A CA  1 
ATOM   1412 C C   . SER A 1 210 ? 3.199   -14.787 1.546   1.00 64.92  ? 300 SER A C   1 
ATOM   1413 O O   . SER A 1 210 ? 3.975   -15.222 2.397   1.00 71.59  ? 300 SER A O   1 
ATOM   1414 C CB  . SER A 1 210 ? 3.276   -16.319 -0.432  1.00 62.73  ? 300 SER A CB  1 
ATOM   1415 O OG  . SER A 1 210 ? 3.363   -15.426 -1.526  1.00 62.96  ? 300 SER A OG  1 
ATOM   1416 N N   . ILE A 1 211 ? 3.020   -13.487 1.337   1.00 63.54  ? 301 ILE A N   1 
ATOM   1417 C CA  . ILE A 1 211 ? 3.707   -12.493 2.154   1.00 66.37  ? 301 ILE A CA  1 
ATOM   1418 C C   . ILE A 1 211 ? 2.979   -12.326 3.485   1.00 68.07  ? 301 ILE A C   1 
ATOM   1419 O O   . ILE A 1 211 ? 1.843   -11.857 3.532   1.00 68.47  ? 301 ILE A O   1 
ATOM   1420 C CB  . ILE A 1 211 ? 3.810   -11.135 1.440   1.00 63.10  ? 301 ILE A CB  1 
ATOM   1421 C CG1 . ILE A 1 211 ? 4.424   -11.311 0.050   1.00 51.27  ? 301 ILE A CG1 1 
ATOM   1422 C CG2 . ILE A 1 211 ? 4.645   -10.168 2.263   1.00 56.25  ? 301 ILE A CG2 1 
ATOM   1423 C CD1 . ILE A 1 211 ? 4.649   -10.009 -0.685  1.00 49.03  ? 301 ILE A CD1 1 
ATOM   1424 N N   . GLN A 1 212 ? 3.650   -12.712 4.565   1.00 70.40  ? 302 GLN A N   1 
ATOM   1425 C CA  . GLN A 1 212 ? 3.011   -12.838 5.869   1.00 70.15  ? 302 GLN A CA  1 
ATOM   1426 C C   . GLN A 1 212 ? 2.860   -11.521 6.618   1.00 70.98  ? 302 GLN A C   1 
ATOM   1427 O O   . GLN A 1 212 ? 3.634   -11.219 7.526   1.00 70.21  ? 302 GLN A O   1 
ATOM   1428 C CB  . GLN A 1 212 ? 3.789   -13.830 6.734   1.00 73.19  ? 302 GLN A CB  1 
ATOM   1429 C CG  . GLN A 1 212 ? 3.611   -15.278 6.311   1.00 79.06  ? 302 GLN A CG  1 
ATOM   1430 C CD  . GLN A 1 212 ? 4.892   -16.078 6.414   1.00 76.68  ? 302 GLN A CD  1 
ATOM   1431 O OE1 . GLN A 1 212 ? 5.619   -15.985 7.403   1.00 85.41  ? 302 GLN A OE1 1 
ATOM   1432 N NE2 . GLN A 1 212 ? 5.176   -16.872 5.388   1.00 75.46  ? 302 GLN A NE2 1 
ATOM   1433 N N   . HIS A 1 213 ? 1.857   -10.742 6.234   1.00 71.67  ? 303 HIS A N   1 
ATOM   1434 C CA  . HIS A 1 213 ? 1.439   -9.598  7.030   1.00 78.53  ? 303 HIS A CA  1 
ATOM   1435 C C   . HIS A 1 213 ? -0.075  -9.466  6.936   1.00 81.15  ? 303 HIS A C   1 
ATOM   1436 O O   . HIS A 1 213 ? -0.664  -9.675  5.876   1.00 80.53  ? 303 HIS A O   1 
ATOM   1437 C CB  . HIS A 1 213 ? 2.142   -8.311  6.579   1.00 82.44  ? 303 HIS A CB  1 
ATOM   1438 C CG  . HIS A 1 213 ? 1.867   -7.925  5.160   1.00 78.93  ? 303 HIS A CG  1 
ATOM   1439 N ND1 . HIS A 1 213 ? 2.411   -8.596  4.086   1.00 83.08  ? 303 HIS A ND1 1 
ATOM   1440 C CD2 . HIS A 1 213 ? 1.128   -6.919  4.636   1.00 75.99  ? 303 HIS A CD2 1 
ATOM   1441 C CE1 . HIS A 1 213 ? 2.003   -8.033  2.964   1.00 73.78  ? 303 HIS A CE1 1 
ATOM   1442 N NE2 . HIS A 1 213 ? 1.224   -7.010  3.270   1.00 78.71  ? 303 HIS A NE2 1 
ATOM   1443 N N   . ASP A 1 214 ? -0.699  -9.152  8.063   1.00 85.82  ? 304 ASP A N   1 
ATOM   1444 C CA  . ASP A 1 214 ? -2.148  -9.023  8.134   1.00 87.83  ? 304 ASP A CA  1 
ATOM   1445 C C   . ASP A 1 214 ? -2.515  -7.853  9.033   1.00 86.87  ? 304 ASP A C   1 
ATOM   1446 O O   . ASP A 1 214 ? -1.754  -7.488  9.928   1.00 88.92  ? 304 ASP A O   1 
ATOM   1447 C CB  . ASP A 1 214 ? -2.778  -10.317 8.648   1.00 93.58  ? 304 ASP A CB  1 
ATOM   1448 C CG  . ASP A 1 214 ? -2.293  -10.684 10.032  1.00 99.90  ? 304 ASP A CG  1 
ATOM   1449 O OD1 . ASP A 1 214 ? -1.063  -10.661 10.250  1.00 104.72 ? 304 ASP A OD1 1 
ATOM   1450 O OD2 . ASP A 1 214 ? -3.136  -10.993 10.900  1.00 107.19 ? 304 ASP A OD2 1 
ATOM   1451 N N   . TYR A 1 215 ? -3.683  -7.269  8.796   1.00 80.22  ? 305 TYR A N   1 
ATOM   1452 C CA  . TYR A 1 215 ? -4.083  -6.068  9.515   1.00 83.89  ? 305 TYR A CA  1 
ATOM   1453 C C   . TYR A 1 215 ? -5.469  -6.221  10.127  1.00 88.35  ? 305 TYR A C   1 
ATOM   1454 O O   . TYR A 1 215 ? -6.472  -6.304  9.423   1.00 93.64  ? 305 TYR A O   1 
ATOM   1455 C CB  . TYR A 1 215 ? -4.025  -4.859  8.580   1.00 82.43  ? 305 TYR A CB  1 
ATOM   1456 C CG  . TYR A 1 215 ? -2.649  -4.654  7.994   1.00 71.66  ? 305 TYR A CG  1 
ATOM   1457 C CD1 . TYR A 1 215 ? -1.713  -3.854  8.634   1.00 66.66  ? 305 TYR A CD1 1 
ATOM   1458 C CD2 . TYR A 1 215 ? -2.276  -5.285  6.815   1.00 68.55  ? 305 TYR A CD2 1 
ATOM   1459 C CE1 . TYR A 1 215 ? -0.448  -3.674  8.105   1.00 69.12  ? 305 TYR A CE1 1 
ATOM   1460 C CE2 . TYR A 1 215 ? -1.017  -5.113  6.282   1.00 66.30  ? 305 TYR A CE2 1 
ATOM   1461 C CZ  . TYR A 1 215 ? -0.105  -4.308  6.930   1.00 65.54  ? 305 TYR A CZ  1 
ATOM   1462 O OH  . TYR A 1 215 ? 1.153   -4.131  6.403   1.00 65.21  ? 305 TYR A OH  1 
ATOM   1463 N N   . THR A 1 216 ? -5.509  -6.263  11.454  1.00 91.39  ? 306 THR A N   1 
ATOM   1464 C CA  . THR A 1 216 ? -6.745  -6.537  12.173  1.00 95.98  ? 306 THR A CA  1 
ATOM   1465 C C   . THR A 1 216 ? -7.165  -5.361  13.053  1.00 97.20  ? 306 THR A C   1 
ATOM   1466 O O   . THR A 1 216 ? -6.357  -4.809  13.798  1.00 96.44  ? 306 THR A O   1 
ATOM   1467 C CB  . THR A 1 216 ? -6.609  -7.807  13.030  1.00 96.68  ? 306 THR A CB  1 
ATOM   1468 O OG1 . THR A 1 216 ? -5.353  -7.786  13.715  1.00 98.14  ? 306 THR A OG1 1 
ATOM   1469 C CG2 . THR A 1 216 ? -6.675  -9.051  12.153  1.00 95.38  ? 306 THR A CG2 1 
ATOM   1470 N N   . MET A 1 217 ? -8.439  -4.994  12.959  1.00 99.60  ? 307 MET A N   1 
ATOM   1471 C CA  . MET A 1 217 ? -8.966  -3.822  13.650  1.00 100.86 ? 307 MET A CA  1 
ATOM   1472 C C   . MET A 1 217 ? -9.967  -4.205  14.737  1.00 108.93 ? 307 MET A C   1 
ATOM   1473 O O   . MET A 1 217 ? -9.906  -5.306  15.287  1.00 106.53 ? 307 MET A O   1 
ATOM   1474 C CB  . MET A 1 217 ? -9.629  -2.875  12.648  1.00 98.91  ? 307 MET A CB  1 
ATOM   1475 C CG  . MET A 1 217 ? -8.761  -2.553  11.446  1.00 90.83  ? 307 MET A CG  1 
ATOM   1476 S SD  . MET A 1 217 ? -7.215  -1.762  11.919  1.00 87.75  ? 307 MET A SD  1 
ATOM   1477 C CE  . MET A 1 217 ? -7.838  -0.245  12.637  1.00 82.26  ? 307 MET A CE  1 
ATOM   1478 N N   . GLU A 1 218 ? -10.889 -3.288  15.028  1.00 114.14 ? 308 GLU A N   1 
ATOM   1479 C CA  . GLU A 1 218 ? -11.924 -3.492  16.042  1.00 113.27 ? 308 GLU A CA  1 
ATOM   1480 C C   . GLU A 1 218 ? -11.339 -3.910  17.388  1.00 110.11 ? 308 GLU A C   1 
ATOM   1481 O O   . GLU A 1 218 ? -11.728 -3.389  18.433  1.00 106.47 ? 308 GLU A O   1 
ATOM   1482 C CB  . GLU A 1 218 ? -12.942 -4.534  15.568  1.00 111.49 ? 308 GLU A CB  1 
ATOM   1483 C CG  . GLU A 1 218 ? -14.155 -3.944  14.864  1.00 110.28 ? 308 GLU A CG  1 
ATOM   1484 C CD  . GLU A 1 218 ? -13.791 -3.181  13.607  1.00 117.49 ? 308 GLU A CD  1 
ATOM   1485 O OE1 . GLU A 1 218 ? -13.000 -3.709  12.795  1.00 116.04 ? 308 GLU A OE1 1 
ATOM   1486 O OE2 . GLU A 1 218 ? -14.293 -2.051  13.429  1.00 127.87 ? 308 GLU A OE2 1 
HETATM 1487 C C1  . GOL B 2 .   ? 8.205   10.127  -3.127  1.00 49.56  ? 401 GOL A C1  1 
HETATM 1488 O O1  . GOL B 2 .   ? 9.322   10.851  -3.601  1.00 39.39  ? 401 GOL A O1  1 
HETATM 1489 C C2  . GOL B 2 .   ? 7.127   10.009  -4.194  1.00 36.10  ? 401 GOL A C2  1 
HETATM 1490 O O2  . GOL B 2 .   ? 7.501   9.041   -5.149  1.00 48.66  ? 401 GOL A O2  1 
HETATM 1491 C C3  . GOL B 2 .   ? 5.799   9.634   -3.543  1.00 47.48  ? 401 GOL A C3  1 
HETATM 1492 O O3  . GOL B 2 .   ? 4.729   9.905   -4.425  1.00 37.54  ? 401 GOL A O3  1 
HETATM 1493 C C1  . GOL C 2 .   ? 2.276   9.066   -10.355 1.00 58.23  ? 402 GOL A C1  1 
HETATM 1494 O O1  . GOL C 2 .   ? 1.155   9.620   -11.011 1.00 54.72  ? 402 GOL A O1  1 
HETATM 1495 C C2  . GOL C 2 .   ? 2.751   10.005  -9.253  1.00 51.61  ? 402 GOL A C2  1 
HETATM 1496 O O2  . GOL C 2 .   ? 2.516   9.417   -7.994  1.00 62.89  ? 402 GOL A O2  1 
HETATM 1497 C C3  . GOL C 2 .   ? 4.232   10.328  -9.417  1.00 63.25  ? 402 GOL A C3  1 
HETATM 1498 O O3  . GOL C 2 .   ? 4.517   11.573  -8.814  1.00 50.58  ? 402 GOL A O3  1 
HETATM 1499 O O   . HOH D 3 .   ? 18.098  3.822   -1.878  1.00 57.45  ? 501 HOH A O   1 
HETATM 1500 O O   . HOH D 3 .   ? 10.034  7.563   9.365   1.00 42.11  ? 502 HOH A O   1 
HETATM 1501 O O   . HOH D 3 .   ? 13.985  -2.446  -0.438  1.00 37.16  ? 503 HOH A O   1 
HETATM 1502 O O   . HOH D 3 .   ? -4.729  4.425   7.086   1.00 51.61  ? 504 HOH A O   1 
HETATM 1503 O O   . HOH D 3 .   ? 15.139  3.232   -7.670  1.00 32.67  ? 505 HOH A O   1 
HETATM 1504 O O   . HOH D 3 .   ? 15.711  -5.284  -6.366  1.00 49.13  ? 506 HOH A O   1 
HETATM 1505 O O   . HOH D 3 .   ? 7.375   23.912  -7.077  1.00 36.99  ? 507 HOH A O   1 
HETATM 1506 O O   . HOH D 3 .   ? -22.062 6.195   8.413   1.00 92.61  ? 508 HOH A O   1 
HETATM 1507 O O   . HOH D 3 .   ? 2.396   -8.990  -15.399 1.00 45.21  ? 509 HOH A O   1 
HETATM 1508 O O   . HOH D 3 .   ? -10.702 2.697   -10.148 1.00 45.23  ? 510 HOH A O   1 
HETATM 1509 O O   . HOH D 3 .   ? 2.652   -11.825 10.134  1.00 71.94  ? 511 HOH A O   1 
HETATM 1510 O O   . HOH D 3 .   ? 2.840   0.226   -12.583 1.00 45.12  ? 512 HOH A O   1 
HETATM 1511 O O   . HOH D 3 .   ? 17.377  15.464  1.807   1.00 42.81  ? 513 HOH A O   1 
HETATM 1512 O O   . HOH D 3 .   ? 5.571   0.519   -15.044 1.00 54.13  ? 514 HOH A O   1 
HETATM 1513 O O   . HOH D 3 .   ? 9.477   -4.916  9.808   1.00 59.53  ? 515 HOH A O   1 
HETATM 1514 O O   . HOH D 3 .   ? 9.880   -2.515  9.413   1.00 50.94  ? 516 HOH A O   1 
HETATM 1515 O O   . HOH D 3 .   ? 14.586  -7.638  -6.058  1.00 48.42  ? 517 HOH A O   1 
HETATM 1516 O O   . HOH D 3 .   ? 9.920   10.111  8.947   1.00 45.70  ? 518 HOH A O   1 
HETATM 1517 O O   . HOH D 3 .   ? 2.414   16.490  8.184   1.00 54.16  ? 519 HOH A O   1 
HETATM 1518 O O   . HOH D 3 .   ? -3.971  -15.486 -15.020 1.00 61.38  ? 520 HOH A O   1 
HETATM 1519 O O   . HOH D 3 .   ? 14.498  6.068   2.949   1.00 47.76  ? 521 HOH A O   1 
HETATM 1520 O O   . HOH D 3 .   ? 11.796  1.858   -14.594 1.00 49.15  ? 522 HOH A O   1 
HETATM 1521 O O   . HOH D 3 .   ? -27.932 5.857   13.375  1.00 69.44  ? 523 HOH A O   1 
# 
loop_
_pdbx_poly_seq_scheme.asym_id 
_pdbx_poly_seq_scheme.entity_id 
_pdbx_poly_seq_scheme.seq_id 
_pdbx_poly_seq_scheme.mon_id 
_pdbx_poly_seq_scheme.ndb_seq_num 
_pdbx_poly_seq_scheme.pdb_seq_num 
_pdbx_poly_seq_scheme.auth_seq_num 
_pdbx_poly_seq_scheme.pdb_mon_id 
_pdbx_poly_seq_scheme.auth_mon_id 
_pdbx_poly_seq_scheme.pdb_strand_id 
_pdbx_poly_seq_scheme.pdb_ins_code 
_pdbx_poly_seq_scheme.hetero 
A 1 1   GLY 1   17  ?   ?   ?   A . n 
A 1 2   SER 2   18  ?   ?   ?   A . n 
A 1 3   LYS 3   19  19  LYS LYS A . n 
A 1 4   SER 4   20  20  SER SER A . n 
A 1 5   THR 5   21  21  THR THR A . n 
A 1 6   PHE 6   22  22  PHE PHE A . n 
A 1 7   LEU 7   23  23  LEU LEU A . n 
A 1 8   THR 8   24  24  THR THR A . n 
A 1 9   THR 9   25  25  THR THR A . n 
A 1 10  GLY 10  26  26  GLY GLY A . n 
A 1 11  GLN 11  27  27  GLN GLN A . n 
A 1 12  ILE 12  28  28  ILE ILE A . n 
A 1 13  THR 13  29  29  THR THR A . n 
A 1 14  PRO 14  30  30  PRO PRO A . n 
A 1 15  GLU 15  31  31  GLU GLU A . n 
A 1 16  GLU 16  32  32  GLU GLU A . n 
A 1 17  PHE 17  33  33  PHE PHE A . n 
A 1 18  VAL 18  34  34  VAL VAL A . n 
A 1 19  GLN 19  35  35  GLN GLN A . n 
A 1 20  ALA 20  36  36  ALA ALA A . n 
A 1 21  GLY 21  37  37  GLY GLY A . n 
A 1 22  ASP 22  38  38  ASP ASP A . n 
A 1 23  TYR 23  39  39  TYR TYR A . n 
A 1 24  LEU 24  40  40  LEU LEU A . n 
A 1 25  ALA 25  41  41  ALA ALA A . n 
A 1 26  HIS 26  42  42  HIS HIS A . n 
A 1 27  MET 27  43  43  MET MET A . n 
A 1 28  PHE 28  44  44  PHE PHE A . n 
A 1 29  PRO 29  45  45  PRO PRO A . n 
A 1 30  THR 30  46  46  THR THR A . n 
A 1 31  TRP 31  47  47  TRP TRP A . n 
A 1 32  LYS 32  48  48  LYS LYS A . n 
A 1 33  TRP 33  49  49  TRP TRP A . n 
A 1 34  ASN 34  50  50  ASN ASN A . n 
A 1 35  GLU 35  51  51  GLU GLU A . n 
A 1 36  GLU 36  52  52  GLU GLU A . n 
A 1 37  SER 37  53  53  SER SER A . n 
A 1 38  SER 38  54  54  SER SER A . n 
A 1 39  ASP 39  55  55  ASP ASP A . n 
A 1 40  ILE 40  56  56  ILE ILE A . n 
A 1 41  SER 41  57  57  SER SER A . n 
A 1 42  TYR 42  58  58  TYR TYR A . n 
A 1 43  ARG 43  59  59  ARG ARG A . n 
A 1 44  ASP 44  60  60  ASP ASP A . n 
A 1 45  PHE 45  61  61  PHE PHE A . n 
A 1 46  LEU 46  62  62  LEU LEU A . n 
A 1 47  PRO 47  63  63  PRO PRO A . n 
A 1 48  LYS 48  64  64  LYS LYS A . n 
A 1 49  ASN 49  65  65  ASN ASN A . n 
A 1 50  LYS 50  66  66  LYS LYS A . n 
A 1 51  GLN 51  67  67  GLN GLN A . n 
A 1 52  PHE 52  68  68  PHE PHE A . n 
A 1 53  LEU 53  69  69  LEU LEU A . n 
A 1 54  ILE 54  70  70  ILE ILE A . n 
A 1 55  ILE 55  71  71  ILE ILE A . n 
A 1 56  ARG 56  72  72  ARG ARG A . n 
A 1 57  LYS 57  73  73  LYS LYS A . n 
A 1 58  VAL 58  74  74  VAL VAL A . n 
A 1 59  PRO 59  75  75  PRO PRO A . n 
A 1 60  ALA 60  76  76  ALA ALA A . n 
A 1 61  ASP 61  77  77  ASP ASP A . n 
A 1 62  LYS 62  78  ?   ?   ?   A . n 
A 1 63  ARG 63  79  ?   ?   ?   A . n 
A 1 64  ALA 64  80  ?   ?   ?   A . n 
A 1 65  GLU 65  81  ?   ?   ?   A . n 
A 1 66  GLN 66  82  ?   ?   ?   A . n 
A 1 67  ALA 67  83  ?   ?   ?   A . n 
A 1 68  VAL 68  84  ?   ?   ?   A . n 
A 1 69  GLU 69  85  ?   ?   ?   A . n 
A 1 70  ALA 70  160 ?   ?   ?   A . n 
A 1 71  LYS 71  161 ?   ?   ?   A . n 
A 1 72  ASP 72  162 ?   ?   ?   A . n 
A 1 73  MET 73  163 ?   ?   ?   A . n 
A 1 74  ALA 74  164 ?   ?   ?   A . n 
A 1 75  GLN 75  165 ?   ?   ?   A . n 
A 1 76  GLU 76  166 166 GLU GLU A . n 
A 1 77  ARG 77  167 167 ARG ARG A . n 
A 1 78  TYR 78  168 168 TYR TYR A . n 
A 1 79  TYR 79  169 169 TYR TYR A . n 
A 1 80  ASP 80  170 170 ASP ASP A . n 
A 1 81  LEU 81  171 171 LEU LEU A . n 
A 1 82  TYR 82  172 172 TYR TYR A . n 
A 1 83  ILE 83  173 173 ILE ILE A . n 
A 1 84  ALA 84  174 174 ALA ALA A . n 
A 1 85  TYR 85  175 175 TYR TYR A . n 
A 1 86  SER 86  176 176 SER SER A . n 
A 1 87  THR 87  177 177 THR THR A . n 
A 1 88  SER 88  178 178 SER SER A . n 
A 1 89  TYR 89  179 179 TYR TYR A . n 
A 1 90  ARG 90  180 180 ARG ARG A . n 
A 1 91  VAL 91  181 181 VAL VAL A . n 
A 1 92  PRO 92  182 182 PRO PRO A . n 
A 1 93  LYS 93  183 183 LYS LYS A . n 
A 1 94  MET 94  184 184 MET MET A . n 
A 1 95  TYR 95  185 185 TYR TYR A . n 
A 1 96  ILE 96  186 186 ILE ILE A . n 
A 1 97  VAL 97  187 187 VAL VAL A . n 
A 1 98  GLY 98  188 188 GLY GLY A . n 
A 1 99  PHE 99  189 189 PHE PHE A . n 
A 1 100 ASN 100 190 190 ASN ASN A . n 
A 1 101 SER 101 191 191 SER SER A . n 
A 1 102 ASN 102 192 192 ASN ASN A . n 
A 1 103 GLY 103 193 193 GLY GLY A . n 
A 1 104 SER 104 194 194 SER SER A . n 
A 1 105 PRO 105 195 195 PRO PRO A . n 
A 1 106 LEU 106 196 196 LEU LEU A . n 
A 1 107 SER 107 197 197 SER SER A . n 
A 1 108 PRO 108 198 198 PRO PRO A . n 
A 1 109 GLU 109 199 199 GLU GLU A . n 
A 1 110 GLN 110 200 200 GLN GLN A . n 
A 1 111 MET 111 201 201 MET MET A . n 
A 1 112 PHE 112 202 202 PHE PHE A . n 
A 1 113 GLU 113 203 203 GLU GLU A . n 
A 1 114 ASP 114 204 204 ASP ASP A . n 
A 1 115 ILE 115 205 205 ILE ILE A . n 
A 1 116 SER 116 206 206 SER SER A . n 
A 1 117 ALA 117 207 207 ALA ALA A . n 
A 1 118 ASP 118 208 208 ASP ASP A . n 
A 1 119 TYR 119 209 209 TYR TYR A . n 
A 1 120 ARG 120 210 210 ARG ARG A . n 
A 1 121 THR 121 211 211 THR THR A . n 
A 1 122 LYS 122 212 212 LYS LYS A . n 
A 1 123 THR 123 213 213 THR THR A . n 
A 1 124 ALA 124 214 214 ALA ALA A . n 
A 1 125 THR 125 215 215 THR THR A . n 
A 1 126 ILE 126 216 216 ILE ILE A . n 
A 1 127 GLU 127 217 217 GLU GLU A . n 
A 1 128 LYS 128 218 218 LYS LYS A . n 
A 1 129 LEU 129 219 219 LEU LEU A . n 
A 1 130 PRO 130 220 220 PRO PRO A . n 
A 1 131 PHE 131 221 221 PHE PHE A . n 
A 1 132 TYR 132 222 222 TYR TYR A . n 
A 1 133 LYS 133 223 223 LYS LYS A . n 
A 1 134 ASN 134 224 224 ASN ASN A . n 
A 1 135 SER 135 225 225 SER SER A . n 
A 1 136 VAL 136 226 226 VAL VAL A . n 
A 1 137 LEU 137 227 227 LEU LEU A . n 
A 1 138 SER 138 228 228 SER SER A . n 
A 1 139 VAL 139 229 229 VAL VAL A . n 
A 1 140 SER 140 230 230 SER SER A . n 
A 1 141 ILE 141 231 231 ILE ILE A . n 
A 1 142 HIS 142 232 232 HIS HIS A . n 
A 1 143 PRO 143 233 233 PRO PRO A . n 
A 1 144 CYS 144 234 234 CYS CYS A . n 
A 1 145 LYS 145 235 235 LYS LYS A . n 
A 1 146 HIS 146 236 236 HIS HIS A . n 
A 1 147 ALA 147 237 237 ALA ALA A . n 
A 1 148 ASN 148 238 238 ASN ASN A . n 
A 1 149 VAL 149 239 239 VAL VAL A . n 
A 1 150 MET 150 240 240 MET MET A . n 
A 1 151 LYS 151 241 241 LYS LYS A . n 
A 1 152 ILE 152 242 242 ILE ILE A . n 
A 1 153 LEU 153 243 243 LEU LEU A . n 
A 1 154 LEU 154 244 244 LEU LEU A . n 
A 1 155 ASP 155 245 245 ASP ASP A . n 
A 1 156 LYS 156 246 246 LYS LYS A . n 
A 1 157 VAL 157 247 247 VAL VAL A . n 
A 1 158 ARG 158 248 248 ARG ARG A . n 
A 1 159 VAL 159 249 249 VAL VAL A . n 
A 1 160 VAL 160 250 250 VAL VAL A . n 
A 1 161 ARG 161 251 251 ARG ARG A . n 
A 1 162 GLN 162 252 252 GLN GLN A . n 
A 1 163 ARG 163 253 253 ARG ARG A . n 
A 1 164 ARG 164 254 254 ARG ARG A . n 
A 1 165 ARG 165 255 255 ARG ARG A . n 
A 1 166 LYS 166 256 256 LYS LYS A . n 
A 1 167 GLU 167 257 257 GLU GLU A . n 
A 1 168 LEU 168 258 ?   ?   ?   A . n 
A 1 169 GLN 169 259 ?   ?   ?   A . n 
A 1 170 GLU 170 260 ?   ?   ?   A . n 
A 1 171 GLU 171 261 ?   ?   ?   A . n 
A 1 172 GLN 172 262 ?   ?   ?   A . n 
A 1 173 GLU 173 263 ?   ?   ?   A . n 
A 1 174 LEU 174 264 ?   ?   ?   A . n 
A 1 175 ASP 175 265 ?   ?   ?   A . n 
A 1 176 GLY 176 266 ?   ?   ?   A . n 
A 1 177 VAL 177 267 ?   ?   ?   A . n 
A 1 178 GLY 178 268 ?   ?   ?   A . n 
A 1 179 ASP 179 269 ?   ?   ?   A . n 
A 1 180 TRP 180 270 ?   ?   ?   A . n 
A 1 181 GLU 181 271 ?   ?   ?   A . n 
A 1 182 ASP 182 272 ?   ?   ?   A . n 
A 1 183 LEU 183 273 ?   ?   ?   A . n 
A 1 184 GLN 184 274 ?   ?   ?   A . n 
A 1 185 ASP 185 275 ?   ?   ?   A . n 
A 1 186 ASP 186 276 ?   ?   ?   A . n 
A 1 187 ILE 187 277 277 ILE ILE A . n 
A 1 188 ASP 188 278 278 ASP ASP A . n 
A 1 189 ASP 189 279 279 ASP ASP A . n 
A 1 190 SER 190 280 280 SER SER A . n 
A 1 191 LEU 191 281 281 LEU LEU A . n 
A 1 192 ARG 192 282 282 ARG ARG A . n 
A 1 193 VAL 193 283 283 VAL VAL A . n 
A 1 194 ASP 194 284 284 ASP ASP A . n 
A 1 195 GLN 195 285 285 GLN GLN A . n 
A 1 196 TYR 196 286 286 TYR TYR A . n 
A 1 197 LEU 197 287 287 LEU LEU A . n 
A 1 198 ILE 198 288 288 ILE ILE A . n 
A 1 199 VAL 199 289 289 VAL VAL A . n 
A 1 200 PHE 200 290 290 PHE PHE A . n 
A 1 201 LEU 201 291 291 LEU LEU A . n 
A 1 202 LYS 202 292 292 LYS LYS A . n 
A 1 203 PHE 203 293 293 PHE PHE A . n 
A 1 204 ILE 204 294 294 ILE ILE A . n 
A 1 205 THR 205 295 295 THR THR A . n 
A 1 206 SER 206 296 296 SER SER A . n 
A 1 207 VAL 207 297 297 VAL VAL A . n 
A 1 208 THR 208 298 298 THR THR A . n 
A 1 209 PRO 209 299 299 PRO PRO A . n 
A 1 210 SER 210 300 300 SER SER A . n 
A 1 211 ILE 211 301 301 ILE ILE A . n 
A 1 212 GLN 212 302 302 GLN GLN A . n 
A 1 213 HIS 213 303 303 HIS HIS A . n 
A 1 214 ASP 214 304 304 ASP ASP A . n 
A 1 215 TYR 215 305 305 TYR TYR A . n 
A 1 216 THR 216 306 306 THR THR A . n 
A 1 217 MET 217 307 307 MET MET A . n 
A 1 218 GLU 218 308 308 GLU GLU A . n 
A 1 219 GLY 219 309 ?   ?   ?   A . n 
A 1 220 TRP 220 310 ?   ?   ?   A . n 
# 
loop_
_pdbx_nonpoly_scheme.asym_id 
_pdbx_nonpoly_scheme.entity_id 
_pdbx_nonpoly_scheme.mon_id 
_pdbx_nonpoly_scheme.ndb_seq_num 
_pdbx_nonpoly_scheme.pdb_seq_num 
_pdbx_nonpoly_scheme.auth_seq_num 
_pdbx_nonpoly_scheme.pdb_mon_id 
_pdbx_nonpoly_scheme.auth_mon_id 
_pdbx_nonpoly_scheme.pdb_strand_id 
_pdbx_nonpoly_scheme.pdb_ins_code 
B 2 GOL 1  401 401 GOL GOL A . 
C 2 GOL 1  402 501 GOL GOL A . 
D 3 HOH 1  501 19  HOH HOH A . 
D 3 HOH 2  502 22  HOH HOH A . 
D 3 HOH 3  503 6   HOH HOH A . 
D 3 HOH 4  504 59  HOH HOH A . 
D 3 HOH 5  505 1   HOH HOH A . 
D 3 HOH 6  506 16  HOH HOH A . 
D 3 HOH 7  507 2   HOH HOH A . 
D 3 HOH 8  508 20  HOH HOH A . 
D 3 HOH 9  509 54  HOH HOH A . 
D 3 HOH 10 510 9   HOH HOH A . 
D 3 HOH 11 511 50  HOH HOH A . 
D 3 HOH 12 512 39  HOH HOH A . 
D 3 HOH 13 513 10  HOH HOH A . 
D 3 HOH 14 514 31  HOH HOH A . 
D 3 HOH 15 515 34  HOH HOH A . 
D 3 HOH 16 516 25  HOH HOH A . 
D 3 HOH 17 517 8   HOH HOH A . 
D 3 HOH 18 518 14  HOH HOH A . 
D 3 HOH 19 519 36  HOH HOH A . 
D 3 HOH 20 520 24  HOH HOH A . 
D 3 HOH 21 521 58  HOH HOH A . 
D 3 HOH 22 522 55  HOH HOH A . 
D 3 HOH 23 523 48  HOH HOH A . 
# 
_pdbx_struct_assembly.id                   1 
_pdbx_struct_assembly.details              author_and_software_defined_assembly 
_pdbx_struct_assembly.method_details       PISA 
_pdbx_struct_assembly.oligomeric_details   monomeric 
_pdbx_struct_assembly.oligomeric_count     1 
# 
_pdbx_struct_assembly_gen.assembly_id       1 
_pdbx_struct_assembly_gen.oper_expression   1 
_pdbx_struct_assembly_gen.asym_id_list      A,B,C,D 
# 
_pdbx_struct_oper_list.id                   1 
_pdbx_struct_oper_list.type                 'identity operation' 
_pdbx_struct_oper_list.name                 1_555 
_pdbx_struct_oper_list.symmetry_operation   x,y,z 
_pdbx_struct_oper_list.matrix[1][1]         1.0000000000 
_pdbx_struct_oper_list.matrix[1][2]         0.0000000000 
_pdbx_struct_oper_list.matrix[1][3]         0.0000000000 
_pdbx_struct_oper_list.vector[1]            0.0000000000 
_pdbx_struct_oper_list.matrix[2][1]         0.0000000000 
_pdbx_struct_oper_list.matrix[2][2]         1.0000000000 
_pdbx_struct_oper_list.matrix[2][3]         0.0000000000 
_pdbx_struct_oper_list.vector[2]            0.0000000000 
_pdbx_struct_oper_list.matrix[3][1]         0.0000000000 
_pdbx_struct_oper_list.matrix[3][2]         0.0000000000 
_pdbx_struct_oper_list.matrix[3][3]         1.0000000000 
_pdbx_struct_oper_list.vector[3]            0.0000000000 
# 
loop_
_pdbx_audit_revision_history.ordinal 
_pdbx_audit_revision_history.data_content_type 
_pdbx_audit_revision_history.major_revision 
_pdbx_audit_revision_history.minor_revision 
_pdbx_audit_revision_history.revision_date 
1 'Structure model' 1 0 2019-08-21 
2 'Structure model' 1 1 2019-12-04 
3 'Structure model' 1 2 2023-10-11 
# 
_pdbx_audit_revision_details.ordinal             1 
_pdbx_audit_revision_details.revision_ordinal    1 
_pdbx_audit_revision_details.data_content_type   'Structure model' 
_pdbx_audit_revision_details.provider            repository 
_pdbx_audit_revision_details.type                'Initial release' 
_pdbx_audit_revision_details.description         ? 
_pdbx_audit_revision_details.details             ? 
# 
loop_
_pdbx_audit_revision_group.ordinal 
_pdbx_audit_revision_group.revision_ordinal 
_pdbx_audit_revision_group.data_content_type 
_pdbx_audit_revision_group.group 
1 2 'Structure model' 'Author supporting evidence' 
2 3 'Structure model' 'Data collection'            
3 3 'Structure model' 'Database references'        
4 3 'Structure model' 'Refinement description'     
# 
loop_
_pdbx_audit_revision_category.ordinal 
_pdbx_audit_revision_category.revision_ordinal 
_pdbx_audit_revision_category.data_content_type 
_pdbx_audit_revision_category.category 
1 2 'Structure model' pdbx_audit_support            
2 3 'Structure model' chem_comp_atom                
3 3 'Structure model' chem_comp_bond                
4 3 'Structure model' database_2                    
5 3 'Structure model' pdbx_initial_refinement_model 
# 
loop_
_pdbx_audit_revision_item.ordinal 
_pdbx_audit_revision_item.revision_ordinal 
_pdbx_audit_revision_item.data_content_type 
_pdbx_audit_revision_item.item 
1 2 'Structure model' '_pdbx_audit_support.funding_organization' 
2 3 'Structure model' '_database_2.pdbx_DOI'                     
3 3 'Structure model' '_database_2.pdbx_database_accession'      
# 
loop_
_software.citation_id 
_software.classification 
_software.compiler_name 
_software.compiler_version 
_software.contact_author 
_software.contact_author_email 
_software.date 
_software.description 
_software.dependencies 
_software.hardware 
_software.language 
_software.location 
_software.mods 
_software.name 
_software.os 
_software.os_version 
_software.type 
_software.version 
_software.pdbx_ordinal 
? refinement       ? ? ? ? ? ? ? ? ? ? ? PHENIX   ? ? ? 1.8.4_1496 1 
? 'data reduction' ? ? ? ? ? ? ? ? ? ? ? HKL-2000 ? ? ? .          2 
? 'data scaling'   ? ? ? ? ? ? ? ? ? ? ? HKL-2000 ? ? ? .          3 
? phasing          ? ? ? ? ? ? ? ? ? ? ? PHASER   ? ? ? .          4 
# 
loop_
_pdbx_validate_torsion.id 
_pdbx_validate_torsion.PDB_model_num 
_pdbx_validate_torsion.auth_comp_id 
_pdbx_validate_torsion.auth_asym_id 
_pdbx_validate_torsion.auth_seq_id 
_pdbx_validate_torsion.PDB_ins_code 
_pdbx_validate_torsion.label_alt_id 
_pdbx_validate_torsion.phi 
_pdbx_validate_torsion.psi 
1 1 ALA A 76  ? ? -112.61 -148.36 
2 1 MET A 307 ? ? -113.32 -152.97 
# 
loop_
_pdbx_unobs_or_zero_occ_atoms.id 
_pdbx_unobs_or_zero_occ_atoms.PDB_model_num 
_pdbx_unobs_or_zero_occ_atoms.polymer_flag 
_pdbx_unobs_or_zero_occ_atoms.occupancy_flag 
_pdbx_unobs_or_zero_occ_atoms.auth_asym_id 
_pdbx_unobs_or_zero_occ_atoms.auth_comp_id 
_pdbx_unobs_or_zero_occ_atoms.auth_seq_id 
_pdbx_unobs_or_zero_occ_atoms.PDB_ins_code 
_pdbx_unobs_or_zero_occ_atoms.auth_atom_id 
_pdbx_unobs_or_zero_occ_atoms.label_alt_id 
_pdbx_unobs_or_zero_occ_atoms.label_asym_id 
_pdbx_unobs_or_zero_occ_atoms.label_comp_id 
_pdbx_unobs_or_zero_occ_atoms.label_seq_id 
_pdbx_unobs_or_zero_occ_atoms.label_atom_id 
1  1 Y 1 A GLU 166 ? CG  ? A GLU 76  CG  
2  1 Y 1 A GLU 166 ? CD  ? A GLU 76  CD  
3  1 Y 1 A GLU 166 ? OE1 ? A GLU 76  OE1 
4  1 Y 1 A GLU 166 ? OE2 ? A GLU 76  OE2 
5  1 Y 1 A LYS 246 ? CG  ? A LYS 156 CG  
6  1 Y 1 A LYS 246 ? CD  ? A LYS 156 CD  
7  1 Y 1 A LYS 246 ? CE  ? A LYS 156 CE  
8  1 Y 1 A LYS 246 ? NZ  ? A LYS 156 NZ  
9  1 Y 1 A ARG 253 ? CG  ? A ARG 163 CG  
10 1 Y 1 A ARG 253 ? CD  ? A ARG 163 CD  
11 1 Y 1 A ARG 253 ? NE  ? A ARG 163 NE  
12 1 Y 1 A ARG 253 ? CZ  ? A ARG 163 CZ  
13 1 Y 1 A ARG 253 ? NH1 ? A ARG 163 NH1 
14 1 Y 1 A ARG 253 ? NH2 ? A ARG 163 NH2 
15 1 Y 1 A ARG 254 ? CG  ? A ARG 164 CG  
16 1 Y 1 A ARG 254 ? CD  ? A ARG 164 CD  
17 1 Y 1 A ARG 254 ? NE  ? A ARG 164 NE  
18 1 Y 1 A ARG 254 ? CZ  ? A ARG 164 CZ  
19 1 Y 1 A ARG 254 ? NH1 ? A ARG 164 NH1 
20 1 Y 1 A ARG 254 ? NH2 ? A ARG 164 NH2 
21 1 Y 1 A LYS 256 ? CG  ? A LYS 166 CG  
22 1 Y 1 A LYS 256 ? CD  ? A LYS 166 CD  
23 1 Y 1 A LYS 256 ? CE  ? A LYS 166 CE  
24 1 Y 1 A LYS 256 ? NZ  ? A LYS 166 NZ  
25 1 Y 1 A ILE 277 ? CG1 ? A ILE 187 CG1 
26 1 Y 1 A ILE 277 ? CG2 ? A ILE 187 CG2 
27 1 Y 1 A ILE 277 ? CD1 ? A ILE 187 CD1 
28 1 Y 1 A ASP 278 ? CG  ? A ASP 188 CG  
29 1 Y 1 A ASP 278 ? OD1 ? A ASP 188 OD1 
30 1 Y 1 A ASP 278 ? OD2 ? A ASP 188 OD2 
31 1 Y 1 A LYS 292 ? CG  ? A LYS 202 CG  
32 1 Y 1 A LYS 292 ? CD  ? A LYS 202 CD  
33 1 Y 1 A LYS 292 ? CE  ? A LYS 202 CE  
34 1 Y 1 A LYS 292 ? NZ  ? A LYS 202 NZ  
# 
loop_
_pdbx_unobs_or_zero_occ_residues.id 
_pdbx_unobs_or_zero_occ_residues.PDB_model_num 
_pdbx_unobs_or_zero_occ_residues.polymer_flag 
_pdbx_unobs_or_zero_occ_residues.occupancy_flag 
_pdbx_unobs_or_zero_occ_residues.auth_asym_id 
_pdbx_unobs_or_zero_occ_residues.auth_comp_id 
_pdbx_unobs_or_zero_occ_residues.auth_seq_id 
_pdbx_unobs_or_zero_occ_residues.PDB_ins_code 
_pdbx_unobs_or_zero_occ_residues.label_asym_id 
_pdbx_unobs_or_zero_occ_residues.label_comp_id 
_pdbx_unobs_or_zero_occ_residues.label_seq_id 
1  1 Y 1 A GLY 17  ? A GLY 1   
2  1 Y 1 A SER 18  ? A SER 2   
3  1 Y 1 A LYS 78  ? A LYS 62  
4  1 Y 1 A ARG 79  ? A ARG 63  
5  1 Y 1 A ALA 80  ? A ALA 64  
6  1 Y 1 A GLU 81  ? A GLU 65  
7  1 Y 1 A GLN 82  ? A GLN 66  
8  1 Y 1 A ALA 83  ? A ALA 67  
9  1 Y 1 A VAL 84  ? A VAL 68  
10 1 Y 1 A GLU 85  ? A GLU 69  
11 1 Y 1 A ALA 160 ? A ALA 70  
12 1 Y 1 A LYS 161 ? A LYS 71  
13 1 Y 1 A ASP 162 ? A ASP 72  
14 1 Y 1 A MET 163 ? A MET 73  
15 1 Y 1 A ALA 164 ? A ALA 74  
16 1 Y 1 A GLN 165 ? A GLN 75  
17 1 Y 1 A LEU 258 ? A LEU 168 
18 1 Y 1 A GLN 259 ? A GLN 169 
19 1 Y 1 A GLU 260 ? A GLU 170 
20 1 Y 1 A GLU 261 ? A GLU 171 
21 1 Y 1 A GLN 262 ? A GLN 172 
22 1 Y 1 A GLU 263 ? A GLU 173 
23 1 Y 1 A LEU 264 ? A LEU 174 
24 1 Y 1 A ASP 265 ? A ASP 175 
25 1 Y 1 A GLY 266 ? A GLY 176 
26 1 Y 1 A VAL 267 ? A VAL 177 
27 1 Y 1 A GLY 268 ? A GLY 178 
28 1 Y 1 A ASP 269 ? A ASP 179 
29 1 Y 1 A TRP 270 ? A TRP 180 
30 1 Y 1 A GLU 271 ? A GLU 181 
31 1 Y 1 A ASP 272 ? A ASP 182 
32 1 Y 1 A LEU 273 ? A LEU 183 
33 1 Y 1 A GLN 274 ? A GLN 184 
34 1 Y 1 A ASP 275 ? A ASP 185 
35 1 Y 1 A ASP 276 ? A ASP 186 
36 1 Y 1 A GLY 309 ? A GLY 219 
37 1 Y 1 A TRP 310 ? A TRP 220 
# 
loop_
_chem_comp_atom.comp_id 
_chem_comp_atom.atom_id 
_chem_comp_atom.type_symbol 
_chem_comp_atom.pdbx_aromatic_flag 
_chem_comp_atom.pdbx_stereo_config 
_chem_comp_atom.pdbx_ordinal 
ALA N    N N N 1   
ALA CA   C N S 2   
ALA C    C N N 3   
ALA O    O N N 4   
ALA CB   C N N 5   
ALA OXT  O N N 6   
ALA H    H N N 7   
ALA H2   H N N 8   
ALA HA   H N N 9   
ALA HB1  H N N 10  
ALA HB2  H N N 11  
ALA HB3  H N N 12  
ALA HXT  H N N 13  
ARG N    N N N 14  
ARG CA   C N S 15  
ARG C    C N N 16  
ARG O    O N N 17  
ARG CB   C N N 18  
ARG CG   C N N 19  
ARG CD   C N N 20  
ARG NE   N N N 21  
ARG CZ   C N N 22  
ARG NH1  N N N 23  
ARG NH2  N N N 24  
ARG OXT  O N N 25  
ARG H    H N N 26  
ARG H2   H N N 27  
ARG HA   H N N 28  
ARG HB2  H N N 29  
ARG HB3  H N N 30  
ARG HG2  H N N 31  
ARG HG3  H N N 32  
ARG HD2  H N N 33  
ARG HD3  H N N 34  
ARG HE   H N N 35  
ARG HH11 H N N 36  
ARG HH12 H N N 37  
ARG HH21 H N N 38  
ARG HH22 H N N 39  
ARG HXT  H N N 40  
ASN N    N N N 41  
ASN CA   C N S 42  
ASN C    C N N 43  
ASN O    O N N 44  
ASN CB   C N N 45  
ASN CG   C N N 46  
ASN OD1  O N N 47  
ASN ND2  N N N 48  
ASN OXT  O N N 49  
ASN H    H N N 50  
ASN H2   H N N 51  
ASN HA   H N N 52  
ASN HB2  H N N 53  
ASN HB3  H N N 54  
ASN HD21 H N N 55  
ASN HD22 H N N 56  
ASN HXT  H N N 57  
ASP N    N N N 58  
ASP CA   C N S 59  
ASP C    C N N 60  
ASP O    O N N 61  
ASP CB   C N N 62  
ASP CG   C N N 63  
ASP OD1  O N N 64  
ASP OD2  O N N 65  
ASP OXT  O N N 66  
ASP H    H N N 67  
ASP H2   H N N 68  
ASP HA   H N N 69  
ASP HB2  H N N 70  
ASP HB3  H N N 71  
ASP HD2  H N N 72  
ASP HXT  H N N 73  
CYS N    N N N 74  
CYS CA   C N R 75  
CYS C    C N N 76  
CYS O    O N N 77  
CYS CB   C N N 78  
CYS SG   S N N 79  
CYS OXT  O N N 80  
CYS H    H N N 81  
CYS H2   H N N 82  
CYS HA   H N N 83  
CYS HB2  H N N 84  
CYS HB3  H N N 85  
CYS HG   H N N 86  
CYS HXT  H N N 87  
GLN N    N N N 88  
GLN CA   C N S 89  
GLN C    C N N 90  
GLN O    O N N 91  
GLN CB   C N N 92  
GLN CG   C N N 93  
GLN CD   C N N 94  
GLN OE1  O N N 95  
GLN NE2  N N N 96  
GLN OXT  O N N 97  
GLN H    H N N 98  
GLN H2   H N N 99  
GLN HA   H N N 100 
GLN HB2  H N N 101 
GLN HB3  H N N 102 
GLN HG2  H N N 103 
GLN HG3  H N N 104 
GLN HE21 H N N 105 
GLN HE22 H N N 106 
GLN HXT  H N N 107 
GLU N    N N N 108 
GLU CA   C N S 109 
GLU C    C N N 110 
GLU O    O N N 111 
GLU CB   C N N 112 
GLU CG   C N N 113 
GLU CD   C N N 114 
GLU OE1  O N N 115 
GLU OE2  O N N 116 
GLU OXT  O N N 117 
GLU H    H N N 118 
GLU H2   H N N 119 
GLU HA   H N N 120 
GLU HB2  H N N 121 
GLU HB3  H N N 122 
GLU HG2  H N N 123 
GLU HG3  H N N 124 
GLU HE2  H N N 125 
GLU HXT  H N N 126 
GLY N    N N N 127 
GLY CA   C N N 128 
GLY C    C N N 129 
GLY O    O N N 130 
GLY OXT  O N N 131 
GLY H    H N N 132 
GLY H2   H N N 133 
GLY HA2  H N N 134 
GLY HA3  H N N 135 
GLY HXT  H N N 136 
GOL C1   C N N 137 
GOL O1   O N N 138 
GOL C2   C N N 139 
GOL O2   O N N 140 
GOL C3   C N N 141 
GOL O3   O N N 142 
GOL H11  H N N 143 
GOL H12  H N N 144 
GOL HO1  H N N 145 
GOL H2   H N N 146 
GOL HO2  H N N 147 
GOL H31  H N N 148 
GOL H32  H N N 149 
GOL HO3  H N N 150 
HIS N    N N N 151 
HIS CA   C N S 152 
HIS C    C N N 153 
HIS O    O N N 154 
HIS CB   C N N 155 
HIS CG   C Y N 156 
HIS ND1  N Y N 157 
HIS CD2  C Y N 158 
HIS CE1  C Y N 159 
HIS NE2  N Y N 160 
HIS OXT  O N N 161 
HIS H    H N N 162 
HIS H2   H N N 163 
HIS HA   H N N 164 
HIS HB2  H N N 165 
HIS HB3  H N N 166 
HIS HD1  H N N 167 
HIS HD2  H N N 168 
HIS HE1  H N N 169 
HIS HE2  H N N 170 
HIS HXT  H N N 171 
HOH O    O N N 172 
HOH H1   H N N 173 
HOH H2   H N N 174 
ILE N    N N N 175 
ILE CA   C N S 176 
ILE C    C N N 177 
ILE O    O N N 178 
ILE CB   C N S 179 
ILE CG1  C N N 180 
ILE CG2  C N N 181 
ILE CD1  C N N 182 
ILE OXT  O N N 183 
ILE H    H N N 184 
ILE H2   H N N 185 
ILE HA   H N N 186 
ILE HB   H N N 187 
ILE HG12 H N N 188 
ILE HG13 H N N 189 
ILE HG21 H N N 190 
ILE HG22 H N N 191 
ILE HG23 H N N 192 
ILE HD11 H N N 193 
ILE HD12 H N N 194 
ILE HD13 H N N 195 
ILE HXT  H N N 196 
LEU N    N N N 197 
LEU CA   C N S 198 
LEU C    C N N 199 
LEU O    O N N 200 
LEU CB   C N N 201 
LEU CG   C N N 202 
LEU CD1  C N N 203 
LEU CD2  C N N 204 
LEU OXT  O N N 205 
LEU H    H N N 206 
LEU H2   H N N 207 
LEU HA   H N N 208 
LEU HB2  H N N 209 
LEU HB3  H N N 210 
LEU HG   H N N 211 
LEU HD11 H N N 212 
LEU HD12 H N N 213 
LEU HD13 H N N 214 
LEU HD21 H N N 215 
LEU HD22 H N N 216 
LEU HD23 H N N 217 
LEU HXT  H N N 218 
LYS N    N N N 219 
LYS CA   C N S 220 
LYS C    C N N 221 
LYS O    O N N 222 
LYS CB   C N N 223 
LYS CG   C N N 224 
LYS CD   C N N 225 
LYS CE   C N N 226 
LYS NZ   N N N 227 
LYS OXT  O N N 228 
LYS H    H N N 229 
LYS H2   H N N 230 
LYS HA   H N N 231 
LYS HB2  H N N 232 
LYS HB3  H N N 233 
LYS HG2  H N N 234 
LYS HG3  H N N 235 
LYS HD2  H N N 236 
LYS HD3  H N N 237 
LYS HE2  H N N 238 
LYS HE3  H N N 239 
LYS HZ1  H N N 240 
LYS HZ2  H N N 241 
LYS HZ3  H N N 242 
LYS HXT  H N N 243 
MET N    N N N 244 
MET CA   C N S 245 
MET C    C N N 246 
MET O    O N N 247 
MET CB   C N N 248 
MET CG   C N N 249 
MET SD   S N N 250 
MET CE   C N N 251 
MET OXT  O N N 252 
MET H    H N N 253 
MET H2   H N N 254 
MET HA   H N N 255 
MET HB2  H N N 256 
MET HB3  H N N 257 
MET HG2  H N N 258 
MET HG3  H N N 259 
MET HE1  H N N 260 
MET HE2  H N N 261 
MET HE3  H N N 262 
MET HXT  H N N 263 
PHE N    N N N 264 
PHE CA   C N S 265 
PHE C    C N N 266 
PHE O    O N N 267 
PHE CB   C N N 268 
PHE CG   C Y N 269 
PHE CD1  C Y N 270 
PHE CD2  C Y N 271 
PHE CE1  C Y N 272 
PHE CE2  C Y N 273 
PHE CZ   C Y N 274 
PHE OXT  O N N 275 
PHE H    H N N 276 
PHE H2   H N N 277 
PHE HA   H N N 278 
PHE HB2  H N N 279 
PHE HB3  H N N 280 
PHE HD1  H N N 281 
PHE HD2  H N N 282 
PHE HE1  H N N 283 
PHE HE2  H N N 284 
PHE HZ   H N N 285 
PHE HXT  H N N 286 
PRO N    N N N 287 
PRO CA   C N S 288 
PRO C    C N N 289 
PRO O    O N N 290 
PRO CB   C N N 291 
PRO CG   C N N 292 
PRO CD   C N N 293 
PRO OXT  O N N 294 
PRO H    H N N 295 
PRO HA   H N N 296 
PRO HB2  H N N 297 
PRO HB3  H N N 298 
PRO HG2  H N N 299 
PRO HG3  H N N 300 
PRO HD2  H N N 301 
PRO HD3  H N N 302 
PRO HXT  H N N 303 
SER N    N N N 304 
SER CA   C N S 305 
SER C    C N N 306 
SER O    O N N 307 
SER CB   C N N 308 
SER OG   O N N 309 
SER OXT  O N N 310 
SER H    H N N 311 
SER H2   H N N 312 
SER HA   H N N 313 
SER HB2  H N N 314 
SER HB3  H N N 315 
SER HG   H N N 316 
SER HXT  H N N 317 
THR N    N N N 318 
THR CA   C N S 319 
THR C    C N N 320 
THR O    O N N 321 
THR CB   C N R 322 
THR OG1  O N N 323 
THR CG2  C N N 324 
THR OXT  O N N 325 
THR H    H N N 326 
THR H2   H N N 327 
THR HA   H N N 328 
THR HB   H N N 329 
THR HG1  H N N 330 
THR HG21 H N N 331 
THR HG22 H N N 332 
THR HG23 H N N 333 
THR HXT  H N N 334 
TRP N    N N N 335 
TRP CA   C N S 336 
TRP C    C N N 337 
TRP O    O N N 338 
TRP CB   C N N 339 
TRP CG   C Y N 340 
TRP CD1  C Y N 341 
TRP CD2  C Y N 342 
TRP NE1  N Y N 343 
TRP CE2  C Y N 344 
TRP CE3  C Y N 345 
TRP CZ2  C Y N 346 
TRP CZ3  C Y N 347 
TRP CH2  C Y N 348 
TRP OXT  O N N 349 
TRP H    H N N 350 
TRP H2   H N N 351 
TRP HA   H N N 352 
TRP HB2  H N N 353 
TRP HB3  H N N 354 
TRP HD1  H N N 355 
TRP HE1  H N N 356 
TRP HE3  H N N 357 
TRP HZ2  H N N 358 
TRP HZ3  H N N 359 
TRP HH2  H N N 360 
TRP HXT  H N N 361 
TYR N    N N N 362 
TYR CA   C N S 363 
TYR C    C N N 364 
TYR O    O N N 365 
TYR CB   C N N 366 
TYR CG   C Y N 367 
TYR CD1  C Y N 368 
TYR CD2  C Y N 369 
TYR CE1  C Y N 370 
TYR CE2  C Y N 371 
TYR CZ   C Y N 372 
TYR OH   O N N 373 
TYR OXT  O N N 374 
TYR H    H N N 375 
TYR H2   H N N 376 
TYR HA   H N N 377 
TYR HB2  H N N 378 
TYR HB3  H N N 379 
TYR HD1  H N N 380 
TYR HD2  H N N 381 
TYR HE1  H N N 382 
TYR HE2  H N N 383 
TYR HH   H N N 384 
TYR HXT  H N N 385 
VAL N    N N N 386 
VAL CA   C N S 387 
VAL C    C N N 388 
VAL O    O N N 389 
VAL CB   C N N 390 
VAL CG1  C N N 391 
VAL CG2  C N N 392 
VAL OXT  O N N 393 
VAL H    H N N 394 
VAL H2   H N N 395 
VAL HA   H N N 396 
VAL HB   H N N 397 
VAL HG11 H N N 398 
VAL HG12 H N N 399 
VAL HG13 H N N 400 
VAL HG21 H N N 401 
VAL HG22 H N N 402 
VAL HG23 H N N 403 
VAL HXT  H N N 404 
# 
loop_
_chem_comp_bond.comp_id 
_chem_comp_bond.atom_id_1 
_chem_comp_bond.atom_id_2 
_chem_comp_bond.value_order 
_chem_comp_bond.pdbx_aromatic_flag 
_chem_comp_bond.pdbx_stereo_config 
_chem_comp_bond.pdbx_ordinal 
ALA N   CA   sing N N 1   
ALA N   H    sing N N 2   
ALA N   H2   sing N N 3   
ALA CA  C    sing N N 4   
ALA CA  CB   sing N N 5   
ALA CA  HA   sing N N 6   
ALA C   O    doub N N 7   
ALA C   OXT  sing N N 8   
ALA CB  HB1  sing N N 9   
ALA CB  HB2  sing N N 10  
ALA CB  HB3  sing N N 11  
ALA OXT HXT  sing N N 12  
ARG N   CA   sing N N 13  
ARG N   H    sing N N 14  
ARG N   H2   sing N N 15  
ARG CA  C    sing N N 16  
ARG CA  CB   sing N N 17  
ARG CA  HA   sing N N 18  
ARG C   O    doub N N 19  
ARG C   OXT  sing N N 20  
ARG CB  CG   sing N N 21  
ARG CB  HB2  sing N N 22  
ARG CB  HB3  sing N N 23  
ARG CG  CD   sing N N 24  
ARG CG  HG2  sing N N 25  
ARG CG  HG3  sing N N 26  
ARG CD  NE   sing N N 27  
ARG CD  HD2  sing N N 28  
ARG CD  HD3  sing N N 29  
ARG NE  CZ   sing N N 30  
ARG NE  HE   sing N N 31  
ARG CZ  NH1  sing N N 32  
ARG CZ  NH2  doub N N 33  
ARG NH1 HH11 sing N N 34  
ARG NH1 HH12 sing N N 35  
ARG NH2 HH21 sing N N 36  
ARG NH2 HH22 sing N N 37  
ARG OXT HXT  sing N N 38  
ASN N   CA   sing N N 39  
ASN N   H    sing N N 40  
ASN N   H2   sing N N 41  
ASN CA  C    sing N N 42  
ASN CA  CB   sing N N 43  
ASN CA  HA   sing N N 44  
ASN C   O    doub N N 45  
ASN C   OXT  sing N N 46  
ASN CB  CG   sing N N 47  
ASN CB  HB2  sing N N 48  
ASN CB  HB3  sing N N 49  
ASN CG  OD1  doub N N 50  
ASN CG  ND2  sing N N 51  
ASN ND2 HD21 sing N N 52  
ASN ND2 HD22 sing N N 53  
ASN OXT HXT  sing N N 54  
ASP N   CA   sing N N 55  
ASP N   H    sing N N 56  
ASP N   H2   sing N N 57  
ASP CA  C    sing N N 58  
ASP CA  CB   sing N N 59  
ASP CA  HA   sing N N 60  
ASP C   O    doub N N 61  
ASP C   OXT  sing N N 62  
ASP CB  CG   sing N N 63  
ASP CB  HB2  sing N N 64  
ASP CB  HB3  sing N N 65  
ASP CG  OD1  doub N N 66  
ASP CG  OD2  sing N N 67  
ASP OD2 HD2  sing N N 68  
ASP OXT HXT  sing N N 69  
CYS N   CA   sing N N 70  
CYS N   H    sing N N 71  
CYS N   H2   sing N N 72  
CYS CA  C    sing N N 73  
CYS CA  CB   sing N N 74  
CYS CA  HA   sing N N 75  
CYS C   O    doub N N 76  
CYS C   OXT  sing N N 77  
CYS CB  SG   sing N N 78  
CYS CB  HB2  sing N N 79  
CYS CB  HB3  sing N N 80  
CYS SG  HG   sing N N 81  
CYS OXT HXT  sing N N 82  
GLN N   CA   sing N N 83  
GLN N   H    sing N N 84  
GLN N   H2   sing N N 85  
GLN CA  C    sing N N 86  
GLN CA  CB   sing N N 87  
GLN CA  HA   sing N N 88  
GLN C   O    doub N N 89  
GLN C   OXT  sing N N 90  
GLN CB  CG   sing N N 91  
GLN CB  HB2  sing N N 92  
GLN CB  HB3  sing N N 93  
GLN CG  CD   sing N N 94  
GLN CG  HG2  sing N N 95  
GLN CG  HG3  sing N N 96  
GLN CD  OE1  doub N N 97  
GLN CD  NE2  sing N N 98  
GLN NE2 HE21 sing N N 99  
GLN NE2 HE22 sing N N 100 
GLN OXT HXT  sing N N 101 
GLU N   CA   sing N N 102 
GLU N   H    sing N N 103 
GLU N   H2   sing N N 104 
GLU CA  C    sing N N 105 
GLU CA  CB   sing N N 106 
GLU CA  HA   sing N N 107 
GLU C   O    doub N N 108 
GLU C   OXT  sing N N 109 
GLU CB  CG   sing N N 110 
GLU CB  HB2  sing N N 111 
GLU CB  HB3  sing N N 112 
GLU CG  CD   sing N N 113 
GLU CG  HG2  sing N N 114 
GLU CG  HG3  sing N N 115 
GLU CD  OE1  doub N N 116 
GLU CD  OE2  sing N N 117 
GLU OE2 HE2  sing N N 118 
GLU OXT HXT  sing N N 119 
GLY N   CA   sing N N 120 
GLY N   H    sing N N 121 
GLY N   H2   sing N N 122 
GLY CA  C    sing N N 123 
GLY CA  HA2  sing N N 124 
GLY CA  HA3  sing N N 125 
GLY C   O    doub N N 126 
GLY C   OXT  sing N N 127 
GLY OXT HXT  sing N N 128 
GOL C1  O1   sing N N 129 
GOL C1  C2   sing N N 130 
GOL C1  H11  sing N N 131 
GOL C1  H12  sing N N 132 
GOL O1  HO1  sing N N 133 
GOL C2  O2   sing N N 134 
GOL C2  C3   sing N N 135 
GOL C2  H2   sing N N 136 
GOL O2  HO2  sing N N 137 
GOL C3  O3   sing N N 138 
GOL C3  H31  sing N N 139 
GOL C3  H32  sing N N 140 
GOL O3  HO3  sing N N 141 
HIS N   CA   sing N N 142 
HIS N   H    sing N N 143 
HIS N   H2   sing N N 144 
HIS CA  C    sing N N 145 
HIS CA  CB   sing N N 146 
HIS CA  HA   sing N N 147 
HIS C   O    doub N N 148 
HIS C   OXT  sing N N 149 
HIS CB  CG   sing N N 150 
HIS CB  HB2  sing N N 151 
HIS CB  HB3  sing N N 152 
HIS CG  ND1  sing Y N 153 
HIS CG  CD2  doub Y N 154 
HIS ND1 CE1  doub Y N 155 
HIS ND1 HD1  sing N N 156 
HIS CD2 NE2  sing Y N 157 
HIS CD2 HD2  sing N N 158 
HIS CE1 NE2  sing Y N 159 
HIS CE1 HE1  sing N N 160 
HIS NE2 HE2  sing N N 161 
HIS OXT HXT  sing N N 162 
HOH O   H1   sing N N 163 
HOH O   H2   sing N N 164 
ILE N   CA   sing N N 165 
ILE N   H    sing N N 166 
ILE N   H2   sing N N 167 
ILE CA  C    sing N N 168 
ILE CA  CB   sing N N 169 
ILE CA  HA   sing N N 170 
ILE C   O    doub N N 171 
ILE C   OXT  sing N N 172 
ILE CB  CG1  sing N N 173 
ILE CB  CG2  sing N N 174 
ILE CB  HB   sing N N 175 
ILE CG1 CD1  sing N N 176 
ILE CG1 HG12 sing N N 177 
ILE CG1 HG13 sing N N 178 
ILE CG2 HG21 sing N N 179 
ILE CG2 HG22 sing N N 180 
ILE CG2 HG23 sing N N 181 
ILE CD1 HD11 sing N N 182 
ILE CD1 HD12 sing N N 183 
ILE CD1 HD13 sing N N 184 
ILE OXT HXT  sing N N 185 
LEU N   CA   sing N N 186 
LEU N   H    sing N N 187 
LEU N   H2   sing N N 188 
LEU CA  C    sing N N 189 
LEU CA  CB   sing N N 190 
LEU CA  HA   sing N N 191 
LEU C   O    doub N N 192 
LEU C   OXT  sing N N 193 
LEU CB  CG   sing N N 194 
LEU CB  HB2  sing N N 195 
LEU CB  HB3  sing N N 196 
LEU CG  CD1  sing N N 197 
LEU CG  CD2  sing N N 198 
LEU CG  HG   sing N N 199 
LEU CD1 HD11 sing N N 200 
LEU CD1 HD12 sing N N 201 
LEU CD1 HD13 sing N N 202 
LEU CD2 HD21 sing N N 203 
LEU CD2 HD22 sing N N 204 
LEU CD2 HD23 sing N N 205 
LEU OXT HXT  sing N N 206 
LYS N   CA   sing N N 207 
LYS N   H    sing N N 208 
LYS N   H2   sing N N 209 
LYS CA  C    sing N N 210 
LYS CA  CB   sing N N 211 
LYS CA  HA   sing N N 212 
LYS C   O    doub N N 213 
LYS C   OXT  sing N N 214 
LYS CB  CG   sing N N 215 
LYS CB  HB2  sing N N 216 
LYS CB  HB3  sing N N 217 
LYS CG  CD   sing N N 218 
LYS CG  HG2  sing N N 219 
LYS CG  HG3  sing N N 220 
LYS CD  CE   sing N N 221 
LYS CD  HD2  sing N N 222 
LYS CD  HD3  sing N N 223 
LYS CE  NZ   sing N N 224 
LYS CE  HE2  sing N N 225 
LYS CE  HE3  sing N N 226 
LYS NZ  HZ1  sing N N 227 
LYS NZ  HZ2  sing N N 228 
LYS NZ  HZ3  sing N N 229 
LYS OXT HXT  sing N N 230 
MET N   CA   sing N N 231 
MET N   H    sing N N 232 
MET N   H2   sing N N 233 
MET CA  C    sing N N 234 
MET CA  CB   sing N N 235 
MET CA  HA   sing N N 236 
MET C   O    doub N N 237 
MET C   OXT  sing N N 238 
MET CB  CG   sing N N 239 
MET CB  HB2  sing N N 240 
MET CB  HB3  sing N N 241 
MET CG  SD   sing N N 242 
MET CG  HG2  sing N N 243 
MET CG  HG3  sing N N 244 
MET SD  CE   sing N N 245 
MET CE  HE1  sing N N 246 
MET CE  HE2  sing N N 247 
MET CE  HE3  sing N N 248 
MET OXT HXT  sing N N 249 
PHE N   CA   sing N N 250 
PHE N   H    sing N N 251 
PHE N   H2   sing N N 252 
PHE CA  C    sing N N 253 
PHE CA  CB   sing N N 254 
PHE CA  HA   sing N N 255 
PHE C   O    doub N N 256 
PHE C   OXT  sing N N 257 
PHE CB  CG   sing N N 258 
PHE CB  HB2  sing N N 259 
PHE CB  HB3  sing N N 260 
PHE CG  CD1  doub Y N 261 
PHE CG  CD2  sing Y N 262 
PHE CD1 CE1  sing Y N 263 
PHE CD1 HD1  sing N N 264 
PHE CD2 CE2  doub Y N 265 
PHE CD2 HD2  sing N N 266 
PHE CE1 CZ   doub Y N 267 
PHE CE1 HE1  sing N N 268 
PHE CE2 CZ   sing Y N 269 
PHE CE2 HE2  sing N N 270 
PHE CZ  HZ   sing N N 271 
PHE OXT HXT  sing N N 272 
PRO N   CA   sing N N 273 
PRO N   CD   sing N N 274 
PRO N   H    sing N N 275 
PRO CA  C    sing N N 276 
PRO CA  CB   sing N N 277 
PRO CA  HA   sing N N 278 
PRO C   O    doub N N 279 
PRO C   OXT  sing N N 280 
PRO CB  CG   sing N N 281 
PRO CB  HB2  sing N N 282 
PRO CB  HB3  sing N N 283 
PRO CG  CD   sing N N 284 
PRO CG  HG2  sing N N 285 
PRO CG  HG3  sing N N 286 
PRO CD  HD2  sing N N 287 
PRO CD  HD3  sing N N 288 
PRO OXT HXT  sing N N 289 
SER N   CA   sing N N 290 
SER N   H    sing N N 291 
SER N   H2   sing N N 292 
SER CA  C    sing N N 293 
SER CA  CB   sing N N 294 
SER CA  HA   sing N N 295 
SER C   O    doub N N 296 
SER C   OXT  sing N N 297 
SER CB  OG   sing N N 298 
SER CB  HB2  sing N N 299 
SER CB  HB3  sing N N 300 
SER OG  HG   sing N N 301 
SER OXT HXT  sing N N 302 
THR N   CA   sing N N 303 
THR N   H    sing N N 304 
THR N   H2   sing N N 305 
THR CA  C    sing N N 306 
THR CA  CB   sing N N 307 
THR CA  HA   sing N N 308 
THR C   O    doub N N 309 
THR C   OXT  sing N N 310 
THR CB  OG1  sing N N 311 
THR CB  CG2  sing N N 312 
THR CB  HB   sing N N 313 
THR OG1 HG1  sing N N 314 
THR CG2 HG21 sing N N 315 
THR CG2 HG22 sing N N 316 
THR CG2 HG23 sing N N 317 
THR OXT HXT  sing N N 318 
TRP N   CA   sing N N 319 
TRP N   H    sing N N 320 
TRP N   H2   sing N N 321 
TRP CA  C    sing N N 322 
TRP CA  CB   sing N N 323 
TRP CA  HA   sing N N 324 
TRP C   O    doub N N 325 
TRP C   OXT  sing N N 326 
TRP CB  CG   sing N N 327 
TRP CB  HB2  sing N N 328 
TRP CB  HB3  sing N N 329 
TRP CG  CD1  doub Y N 330 
TRP CG  CD2  sing Y N 331 
TRP CD1 NE1  sing Y N 332 
TRP CD1 HD1  sing N N 333 
TRP CD2 CE2  doub Y N 334 
TRP CD2 CE3  sing Y N 335 
TRP NE1 CE2  sing Y N 336 
TRP NE1 HE1  sing N N 337 
TRP CE2 CZ2  sing Y N 338 
TRP CE3 CZ3  doub Y N 339 
TRP CE3 HE3  sing N N 340 
TRP CZ2 CH2  doub Y N 341 
TRP CZ2 HZ2  sing N N 342 
TRP CZ3 CH2  sing Y N 343 
TRP CZ3 HZ3  sing N N 344 
TRP CH2 HH2  sing N N 345 
TRP OXT HXT  sing N N 346 
TYR N   CA   sing N N 347 
TYR N   H    sing N N 348 
TYR N   H2   sing N N 349 
TYR CA  C    sing N N 350 
TYR CA  CB   sing N N 351 
TYR CA  HA   sing N N 352 
TYR C   O    doub N N 353 
TYR C   OXT  sing N N 354 
TYR CB  CG   sing N N 355 
TYR CB  HB2  sing N N 356 
TYR CB  HB3  sing N N 357 
TYR CG  CD1  doub Y N 358 
TYR CG  CD2  sing Y N 359 
TYR CD1 CE1  sing Y N 360 
TYR CD1 HD1  sing N N 361 
TYR CD2 CE2  doub Y N 362 
TYR CD2 HD2  sing N N 363 
TYR CE1 CZ   doub Y N 364 
TYR CE1 HE1  sing N N 365 
TYR CE2 CZ   sing Y N 366 
TYR CE2 HE2  sing N N 367 
TYR CZ  OH   sing N N 368 
TYR OH  HH   sing N N 369 
TYR OXT HXT  sing N N 370 
VAL N   CA   sing N N 371 
VAL N   H    sing N N 372 
VAL N   H2   sing N N 373 
VAL CA  C    sing N N 374 
VAL CA  CB   sing N N 375 
VAL CA  HA   sing N N 376 
VAL C   O    doub N N 377 
VAL C   OXT  sing N N 378 
VAL CB  CG1  sing N N 379 
VAL CB  CG2  sing N N 380 
VAL CB  HB   sing N N 381 
VAL CG1 HG11 sing N N 382 
VAL CG1 HG12 sing N N 383 
VAL CG1 HG13 sing N N 384 
VAL CG2 HG21 sing N N 385 
VAL CG2 HG22 sing N N 386 
VAL CG2 HG23 sing N N 387 
VAL OXT HXT  sing N N 388 
# 
_pdbx_audit_support.funding_organization   'National Institutes of Health/National Cancer Institute (NIH/NCI)' 
_pdbx_audit_support.country                'United States' 
_pdbx_audit_support.grant_number           '5P30CA021765, RO1GM069530' 
_pdbx_audit_support.ordinal                1 
# 
loop_
_pdbx_entity_nonpoly.entity_id 
_pdbx_entity_nonpoly.name 
_pdbx_entity_nonpoly.comp_id 
2 GLYCEROL GOL 
3 water    HOH 
# 
_pdbx_initial_refinement_model.id               1 
_pdbx_initial_refinement_model.entity_id_list   ? 
_pdbx_initial_refinement_model.type             'experimental model' 
_pdbx_initial_refinement_model.source_name      PDB 
_pdbx_initial_refinement_model.accession_code   2DYT 
_pdbx_initial_refinement_model.details          ? 
# 
_pdbx_struct_assembly_auth_evidence.id                     1 
_pdbx_struct_assembly_auth_evidence.assembly_id            1 
_pdbx_struct_assembly_auth_evidence.experimental_support   none 
_pdbx_struct_assembly_auth_evidence.details                ? 
# 
